data_5VSV
#
_entry.id   5VSV
#
_cell.length_a   62.861
_cell.length_b   77.637
_cell.length_c   78.972
_cell.angle_alpha   110.83
_cell.angle_beta   104.05
_cell.angle_gamma   105.44
#
_symmetry.space_group_name_H-M   'P 1'
#
loop_
_entity.id
_entity.type
_entity.pdbx_description
1 polymer "Inosine-5'-monophosphate dehydrogenase"
2 non-polymer 'INOSINIC ACID'
3 non-polymer '{2-chloro-5-[({2-[3-(prop-1-en-2-yl)phenyl]propan-2-yl}carbamoyl)amino]phenoxy}acetic acid'
4 water water
#
_entity_poly.entity_id   1
_entity_poly.type   'polypeptide(L)'
_entity_poly.pdbx_seq_one_letter_code
;SNAMARILKTAYTFDDVLLVPNKSEVLPNEVSLKTQLTKKIQLNIPLMSASMDTVTESKMAIAMAREGGIGIIHKNMTIE
DQAREVDRVKRSGGLLCGASIGVTNDMMERVDAVVKAKVDVIVLDTAHGHSKGVIEGVKRIKAKYPELQVIAGNIATPEA
VRDLAEAGADCVKVGIGPGSICTTRIVAGVGVPQLTAVMDCAEEGKKLGIPVIADGGLKYSGDIVKALAAGACAAMMGSI
FAGCEEAPGAIEIYQGRSYKVYRGMGSLGAMAKGSSDRYFQNGTKKFVPEGVEGRIAYKGHLADTIYQLIGGIKSGMGYL
GAPTLENLYENANFVVQTSAGFRESHPHDINITKEAPNYSVNQ
;
_entity_poly.pdbx_strand_id   A,B,C,D
#
loop_
_chem_comp.id
_chem_comp.type
_chem_comp.name
_chem_comp.formula
8KY non-polymer '{2-chloro-5-[({2-[3-(prop-1-en-2-yl)phenyl]propan-2-yl}carbamoyl)amino]phenoxy}acetic acid' 'C21 H23 Cl N2 O4'
IMP non-polymer 'INOSINIC ACID' 'C10 H13 N4 O8 P'
#
# COMPACT_ATOMS: atom_id res chain seq x y z
N ALA A 5 9.82 7.17 22.48
CA ALA A 5 9.02 7.70 21.39
C ALA A 5 7.55 7.34 21.57
N ARG A 6 6.65 8.28 21.23
CA ARG A 6 5.21 8.05 21.39
C ARG A 6 4.67 7.00 20.41
N ILE A 7 5.39 6.75 19.32
CA ILE A 7 4.95 5.89 18.25
C ILE A 7 5.93 4.72 18.15
N LEU A 8 5.50 3.55 18.63
CA LEU A 8 6.33 2.36 18.52
C LEU A 8 5.55 1.08 18.25
N LYS A 9 4.30 0.98 18.69
CA LYS A 9 3.51 -0.23 18.50
C LYS A 9 2.76 -0.12 17.18
N THR A 10 3.00 -1.08 16.29
CA THR A 10 2.16 -1.27 15.12
C THR A 10 1.01 -2.18 15.49
N ALA A 11 -0.19 -1.85 15.01
CA ALA A 11 -1.37 -2.64 15.34
C ALA A 11 -2.03 -3.14 14.06
N TYR A 12 -2.56 -4.36 14.12
CA TYR A 12 -3.01 -5.05 12.93
C TYR A 12 -4.50 -5.32 12.95
N THR A 13 -5.11 -5.30 11.77
CA THR A 13 -6.47 -5.71 11.59
C THR A 13 -6.50 -7.03 10.80
N PHE A 14 -7.69 -7.47 10.41
CA PHE A 14 -7.87 -8.84 9.95
C PHE A 14 -7.13 -9.09 8.64
N ASP A 15 -7.13 -8.12 7.75
CA ASP A 15 -6.43 -8.29 6.49
C ASP A 15 -4.91 -8.24 6.61
N ASP A 16 -4.36 -7.89 7.78
CA ASP A 16 -2.90 -7.89 7.93
C ASP A 16 -2.33 -9.27 8.19
N VAL A 17 -3.15 -10.24 8.55
CA VAL A 17 -2.66 -11.45 9.17
C VAL A 17 -3.31 -12.65 8.50
N LEU A 18 -2.63 -13.79 8.60
CA LEU A 18 -3.15 -15.06 8.19
C LEU A 18 -2.85 -16.06 9.30
N LEU A 19 -3.73 -17.04 9.44
CA LEU A 19 -3.48 -18.17 10.31
C LEU A 19 -2.68 -19.22 9.55
N VAL A 20 -1.66 -19.75 10.22
CA VAL A 20 -0.79 -20.80 9.72
C VAL A 20 -1.49 -22.14 9.92
N PRO A 21 -1.45 -23.05 8.95
CA PRO A 21 -2.02 -24.39 9.17
C PRO A 21 -1.24 -25.15 10.25
N ASN A 22 -1.99 -25.95 11.02
CA ASN A 22 -1.45 -26.86 12.02
C ASN A 22 -1.69 -28.30 11.56
N LYS A 23 -1.00 -29.25 12.19
CA LYS A 23 -1.37 -30.65 12.02
C LYS A 23 -2.81 -30.86 12.48
N SER A 24 -3.58 -31.62 11.69
CA SER A 24 -5.01 -31.74 11.91
C SER A 24 -5.46 -33.20 11.94
N GLU A 25 -6.20 -33.56 12.98
CA GLU A 25 -6.91 -34.84 13.05
C GLU A 25 -8.41 -34.68 12.91
N VAL A 26 -8.90 -33.49 12.56
CA VAL A 26 -10.32 -33.21 12.50
C VAL A 26 -10.68 -32.71 11.11
N LEU A 27 -11.85 -33.08 10.65
CA LEU A 27 -12.46 -32.61 9.42
C LEU A 27 -13.41 -31.48 9.72
N PRO A 28 -13.70 -30.62 8.74
CA PRO A 28 -14.60 -29.49 9.01
C PRO A 28 -15.91 -29.88 9.68
N ASN A 29 -16.54 -30.99 9.30
CA ASN A 29 -17.85 -31.27 9.89
C ASN A 29 -17.78 -31.81 11.32
N GLU A 30 -16.59 -32.01 11.88
CA GLU A 30 -16.44 -32.53 13.23
C GLU A 30 -16.26 -31.47 14.30
N VAL A 31 -16.05 -30.21 13.94
CA VAL A 31 -15.67 -29.21 14.94
C VAL A 31 -16.92 -28.68 15.64
N SER A 32 -16.71 -28.20 16.87
CA SER A 32 -17.79 -27.64 17.68
C SER A 32 -17.65 -26.12 17.68
N LEU A 33 -18.67 -25.44 17.16
CA LEU A 33 -18.74 -24.00 17.20
C LEU A 33 -19.45 -23.46 18.45
N LYS A 34 -19.74 -24.29 19.46
CA LYS A 34 -20.37 -23.77 20.67
C LYS A 34 -19.42 -22.81 21.39
N THR A 35 -20.00 -21.88 22.15
CA THR A 35 -19.22 -20.88 22.89
C THR A 35 -20.06 -20.25 23.99
N GLN A 36 -19.39 -19.87 25.09
CA GLN A 36 -20.06 -19.17 26.19
C GLN A 36 -20.03 -17.67 25.92
N LEU A 37 -21.20 -17.11 25.60
CA LEU A 37 -21.32 -15.66 25.51
C LEU A 37 -21.09 -15.00 26.86
N THR A 38 -21.70 -15.56 27.91
CA THR A 38 -21.34 -15.30 29.29
C THR A 38 -21.29 -16.63 30.02
N LYS A 39 -21.00 -16.59 31.32
CA LYS A 39 -21.03 -17.80 32.11
C LYS A 39 -22.41 -18.45 32.05
N LYS A 40 -23.45 -17.62 32.00
CA LYS A 40 -24.81 -18.14 32.02
C LYS A 40 -25.35 -18.42 30.62
N ILE A 41 -24.78 -17.81 29.59
CA ILE A 41 -25.39 -17.85 28.26
C ILE A 41 -24.47 -18.58 27.30
N GLN A 42 -24.92 -19.75 26.87
CA GLN A 42 -24.27 -20.54 25.85
C GLN A 42 -24.94 -20.28 24.50
N LEU A 43 -24.14 -20.18 23.43
CA LEU A 43 -24.64 -20.14 22.07
C LEU A 43 -24.12 -21.36 21.31
N ASN A 44 -24.88 -21.81 20.31
CA ASN A 44 -24.43 -22.94 19.52
C ASN A 44 -23.47 -22.54 18.41
N ILE A 45 -23.58 -21.32 17.89
CA ILE A 45 -22.62 -20.77 16.93
C ILE A 45 -22.22 -19.39 17.45
N PRO A 46 -20.99 -18.90 17.17
CA PRO A 46 -20.49 -17.68 17.82
C PRO A 46 -20.78 -16.39 17.04
N LEU A 47 -22.01 -16.22 16.59
CA LEU A 47 -22.43 -15.10 15.77
C LEU A 47 -23.57 -14.33 16.43
N MET A 48 -23.45 -12.98 16.43
CA MET A 48 -24.45 -12.05 16.96
C MET A 48 -24.76 -10.99 15.93
N SER A 49 -26.02 -10.58 15.84
CA SER A 49 -26.42 -9.53 14.90
C SER A 49 -26.42 -8.17 15.60
N ALA A 50 -25.91 -7.16 14.91
CA ALA A 50 -25.64 -5.88 15.54
C ALA A 50 -26.90 -5.17 16.02
N SER A 51 -26.77 -4.45 17.14
N SER A 51 -26.76 -4.46 17.13
CA SER A 51 -27.89 -3.70 17.70
CA SER A 51 -27.86 -3.69 17.70
C SER A 51 -28.05 -2.39 16.91
C SER A 51 -28.04 -2.39 16.90
N MET A 52 -28.49 -2.54 15.66
CA MET A 52 -28.66 -1.41 14.75
C MET A 52 -30.05 -1.45 14.12
N ASP A 53 -30.59 -0.26 13.80
CA ASP A 53 -31.94 -0.23 13.24
C ASP A 53 -32.00 -0.59 11.76
N THR A 54 -30.87 -0.87 11.11
CA THR A 54 -30.92 -1.48 9.79
C THR A 54 -30.44 -2.93 9.84
N VAL A 55 -30.42 -3.52 11.03
CA VAL A 55 -29.98 -4.89 11.20
C VAL A 55 -30.93 -5.73 12.05
N THR A 56 -31.26 -5.30 13.28
CA THR A 56 -31.89 -6.19 14.26
C THR A 56 -33.16 -5.60 14.88
N GLU A 57 -34.30 -6.20 14.56
CA GLU A 57 -35.51 -6.09 15.35
C GLU A 57 -35.97 -7.54 15.56
N SER A 58 -37.23 -7.74 15.96
CA SER A 58 -37.63 -9.09 16.34
C SER A 58 -37.40 -10.09 15.21
N LYS A 59 -37.73 -9.70 13.97
CA LYS A 59 -37.60 -10.61 12.84
C LYS A 59 -36.16 -11.07 12.65
N MET A 60 -35.18 -10.16 12.75
CA MET A 60 -33.79 -10.59 12.65
C MET A 60 -33.37 -11.41 13.87
N ALA A 61 -33.75 -10.98 15.08
CA ALA A 61 -33.36 -11.67 16.30
C ALA A 61 -34.00 -13.06 16.39
N ILE A 62 -35.21 -13.21 15.87
CA ILE A 62 -35.82 -14.53 15.84
C ILE A 62 -35.00 -15.46 14.97
N ALA A 63 -34.70 -15.01 13.75
CA ALA A 63 -33.99 -15.85 12.79
C ALA A 63 -32.58 -16.17 13.27
N MET A 64 -31.88 -15.19 13.85
CA MET A 64 -30.56 -15.48 14.44
C MET A 64 -30.65 -16.58 15.51
N ALA A 65 -31.68 -16.54 16.34
CA ALA A 65 -31.75 -17.47 17.46
C ALA A 65 -32.01 -18.90 16.99
N ARG A 66 -32.89 -19.06 16.00
CA ARG A 66 -33.17 -20.38 15.44
C ARG A 66 -31.92 -21.03 14.85
N GLU A 67 -30.96 -20.23 14.38
CA GLU A 67 -29.73 -20.76 13.82
C GLU A 67 -28.65 -21.02 14.88
N GLY A 68 -28.89 -20.71 16.15
CA GLY A 68 -27.92 -20.95 17.18
C GLY A 68 -27.15 -19.74 17.65
N GLY A 69 -27.50 -18.56 17.16
CA GLY A 69 -26.83 -17.33 17.55
C GLY A 69 -27.77 -16.47 18.37
N ILE A 70 -27.62 -15.14 18.28
CA ILE A 70 -28.43 -14.24 19.07
C ILE A 70 -28.43 -12.88 18.41
N GLY A 71 -29.56 -12.19 18.51
CA GLY A 71 -29.68 -10.81 18.06
C GLY A 71 -29.85 -9.92 19.27
N ILE A 72 -29.44 -8.67 19.14
CA ILE A 72 -29.61 -7.63 20.15
C ILE A 72 -30.58 -6.61 19.56
N ILE A 73 -31.78 -6.48 20.12
CA ILE A 73 -32.75 -5.52 19.61
C ILE A 73 -32.25 -4.10 19.88
N HIS A 74 -32.23 -3.27 18.84
CA HIS A 74 -31.70 -1.91 18.98
C HIS A 74 -32.64 -1.04 19.81
N LYS A 75 -32.11 0.09 20.27
CA LYS A 75 -32.80 0.97 21.20
C LYS A 75 -33.29 2.27 20.57
N ASN A 76 -33.29 2.37 19.23
CA ASN A 76 -33.86 3.54 18.56
C ASN A 76 -35.38 3.39 18.39
N MET A 77 -36.04 3.29 19.54
N MET A 77 -36.03 3.38 19.56
CA MET A 77 -37.49 3.16 19.58
CA MET A 77 -37.41 2.95 19.71
C MET A 77 -37.92 3.39 21.02
C MET A 77 -37.90 3.46 21.06
N THR A 78 -39.21 3.61 21.20
CA THR A 78 -39.75 3.83 22.53
C THR A 78 -39.48 2.59 23.40
N ILE A 79 -39.41 2.83 24.70
CA ILE A 79 -39.25 1.74 25.66
C ILE A 79 -40.29 0.65 25.42
N GLU A 80 -41.57 1.02 25.39
CA GLU A 80 -42.62 0.04 25.14
C GLU A 80 -42.36 -0.72 23.84
N ASP A 81 -41.93 -0.02 22.78
CA ASP A 81 -41.68 -0.69 21.51
C ASP A 81 -40.54 -1.69 21.60
N GLN A 82 -39.46 -1.34 22.29
CA GLN A 82 -38.36 -2.30 22.43
C GLN A 82 -38.81 -3.54 23.21
N ALA A 83 -39.64 -3.36 24.24
CA ALA A 83 -40.12 -4.50 25.01
C ALA A 83 -41.06 -5.38 24.20
N ARG A 84 -41.91 -4.78 23.36
CA ARG A 84 -42.72 -5.57 22.43
C ARG A 84 -41.83 -6.40 21.51
N GLU A 85 -40.77 -5.78 20.96
CA GLU A 85 -39.85 -6.51 20.10
C GLU A 85 -39.21 -7.67 20.84
N VAL A 86 -38.75 -7.43 22.08
CA VAL A 86 -38.18 -8.50 22.88
C VAL A 86 -39.22 -9.58 23.14
N ASP A 87 -40.40 -9.17 23.63
CA ASP A 87 -41.46 -10.13 23.89
C ASP A 87 -41.77 -10.95 22.65
N ARG A 88 -41.79 -10.29 21.48
CA ARG A 88 -42.07 -10.98 20.23
C ARG A 88 -41.09 -12.14 20.01
N VAL A 89 -39.80 -11.87 20.16
CA VAL A 89 -38.79 -12.93 20.03
C VAL A 89 -39.01 -14.01 21.09
N LYS A 90 -39.15 -13.61 22.36
CA LYS A 90 -39.23 -14.57 23.45
C LYS A 90 -40.50 -15.40 23.37
N ARG A 91 -41.59 -14.85 22.84
CA ARG A 91 -42.82 -15.63 22.79
C ARG A 91 -42.72 -16.75 21.78
N SER A 92 -41.82 -16.66 20.80
CA SER A 92 -41.80 -17.62 19.71
C SER A 92 -40.79 -18.73 20.00
N GLY A 93 -41.14 -19.54 20.99
CA GLY A 93 -40.34 -20.70 21.33
C GLY A 93 -39.35 -20.52 22.46
N GLY A 94 -39.30 -19.35 23.08
CA GLY A 94 -38.28 -19.13 24.09
C GLY A 94 -36.89 -18.98 23.51
N LEU A 95 -36.80 -18.47 22.28
CA LEU A 95 -35.51 -18.15 21.69
C LEU A 95 -34.74 -17.17 22.57
N LEU A 96 -33.42 -17.20 22.45
CA LEU A 96 -32.58 -16.18 23.08
C LEU A 96 -32.83 -14.82 22.45
N CYS A 97 -32.70 -13.77 23.26
CA CYS A 97 -32.84 -12.41 22.76
C CYS A 97 -32.02 -11.48 23.64
N GLY A 98 -31.34 -10.50 23.02
CA GLY A 98 -30.70 -9.42 23.72
C GLY A 98 -31.39 -8.10 23.38
N ALA A 99 -30.98 -7.05 24.10
CA ALA A 99 -31.46 -5.71 23.80
C ALA A 99 -30.44 -4.66 24.25
N SER A 100 -30.48 -3.52 23.57
CA SER A 100 -29.55 -2.43 23.84
C SER A 100 -30.10 -1.46 24.87
N ILE A 101 -29.19 -0.83 25.61
CA ILE A 101 -29.47 0.11 26.69
C ILE A 101 -28.37 1.17 26.64
N GLY A 102 -28.75 2.44 26.82
CA GLY A 102 -27.81 3.55 26.81
C GLY A 102 -27.68 4.21 28.18
N VAL A 103 -26.72 5.13 28.28
CA VAL A 103 -26.55 5.88 29.52
C VAL A 103 -27.43 7.13 29.44
N THR A 104 -28.64 7.04 30.02
CA THR A 104 -29.66 8.06 29.91
C THR A 104 -30.40 8.15 31.24
N ASN A 105 -31.16 9.23 31.41
CA ASN A 105 -31.93 9.37 32.64
C ASN A 105 -32.97 8.26 32.78
N ASP A 106 -33.54 7.82 31.66
CA ASP A 106 -34.54 6.76 31.71
C ASP A 106 -33.92 5.37 31.52
N MET A 107 -32.61 5.22 31.77
N MET A 107 -32.61 5.23 31.76
CA MET A 107 -31.93 3.95 31.51
CA MET A 107 -31.91 3.98 31.54
C MET A 107 -32.61 2.79 32.23
C MET A 107 -32.59 2.80 32.22
N MET A 108 -32.89 2.94 33.51
CA MET A 108 -33.48 1.84 34.26
C MET A 108 -34.94 1.60 33.89
N GLU A 109 -35.68 2.64 33.46
CA GLU A 109 -37.02 2.39 32.94
C GLU A 109 -36.96 1.53 31.68
N ARG A 110 -35.94 1.72 30.84
CA ARG A 110 -35.78 0.86 29.67
C ARG A 110 -35.37 -0.56 30.08
N VAL A 111 -34.47 -0.68 31.05
CA VAL A 111 -34.05 -2.01 31.51
C VAL A 111 -35.22 -2.73 32.18
N ASP A 112 -36.02 -2.01 32.98
CA ASP A 112 -37.21 -2.62 33.59
C ASP A 112 -38.05 -3.30 32.51
N ALA A 113 -38.38 -2.56 31.45
CA ALA A 113 -39.36 -3.08 30.48
C ALA A 113 -38.81 -4.27 29.69
N VAL A 114 -37.53 -4.25 29.31
CA VAL A 114 -36.99 -5.42 28.63
C VAL A 114 -36.86 -6.60 29.59
N VAL A 115 -36.66 -6.34 30.89
CA VAL A 115 -36.59 -7.44 31.85
C VAL A 115 -37.97 -8.05 32.07
N LYS A 116 -39.00 -7.20 32.10
CA LYS A 116 -40.37 -7.68 32.16
C LYS A 116 -40.72 -8.48 30.91
N ALA A 117 -40.06 -8.18 29.80
CA ALA A 117 -40.30 -8.92 28.57
C ALA A 117 -39.46 -10.18 28.46
N LYS A 118 -38.63 -10.47 29.47
CA LYS A 118 -37.86 -11.71 29.62
C LYS A 118 -36.57 -11.74 28.81
N VAL A 119 -36.01 -10.58 28.48
CA VAL A 119 -34.74 -10.50 27.76
C VAL A 119 -33.67 -11.30 28.51
N ASP A 120 -32.78 -11.98 27.77
CA ASP A 120 -31.75 -12.80 28.41
C ASP A 120 -30.51 -12.04 28.81
N VAL A 121 -30.24 -10.92 28.14
CA VAL A 121 -28.97 -10.19 28.28
C VAL A 121 -29.15 -8.78 27.73
N ILE A 122 -28.65 -7.80 28.45
CA ILE A 122 -28.69 -6.43 27.94
C ILE A 122 -27.27 -6.04 27.55
N VAL A 123 -27.17 -5.12 26.60
CA VAL A 123 -25.90 -4.56 26.19
C VAL A 123 -25.94 -3.07 26.54
N LEU A 124 -25.12 -2.67 27.52
CA LEU A 124 -24.94 -1.25 27.83
C LEU A 124 -23.98 -0.71 26.78
N ASP A 125 -24.54 -0.26 25.66
CA ASP A 125 -23.79 0.05 24.46
C ASP A 125 -23.65 1.55 24.28
N THR A 126 -22.42 2.03 24.33
CA THR A 126 -22.13 3.43 24.05
C THR A 126 -20.88 3.52 23.19
N ALA A 127 -20.70 4.69 22.59
CA ALA A 127 -19.53 4.96 21.75
C ALA A 127 -18.25 4.75 22.53
N HIS A 128 -18.22 5.18 23.79
CA HIS A 128 -17.01 5.12 24.58
C HIS A 128 -17.34 4.34 25.85
N GLY A 129 -17.10 3.03 25.80
CA GLY A 129 -17.44 2.17 26.90
C GLY A 129 -16.53 2.32 28.09
N HIS A 130 -15.34 2.90 27.91
CA HIS A 130 -14.38 3.01 29.01
C HIS A 130 -14.55 4.35 29.75
N SER A 131 -15.72 4.48 30.37
CA SER A 131 -16.23 5.77 30.81
C SER A 131 -16.87 5.64 32.18
N LYS A 132 -16.86 6.75 32.94
CA LYS A 132 -17.55 6.76 34.23
C LYS A 132 -19.01 6.38 34.07
N GLY A 133 -19.67 6.89 33.03
CA GLY A 133 -21.08 6.60 32.83
C GLY A 133 -21.37 5.12 32.72
N VAL A 134 -20.62 4.40 31.87
CA VAL A 134 -20.89 2.98 31.65
C VAL A 134 -20.46 2.18 32.86
N ILE A 135 -19.36 2.57 33.51
CA ILE A 135 -18.93 1.90 34.73
C ILE A 135 -19.99 2.02 35.83
N GLU A 136 -20.50 3.24 36.05
CA GLU A 136 -21.55 3.38 37.05
C GLU A 136 -22.87 2.77 36.55
N GLY A 137 -23.10 2.78 35.23
CA GLY A 137 -24.30 2.15 34.70
C GLY A 137 -24.40 0.67 35.03
N VAL A 138 -23.31 -0.07 34.79
CA VAL A 138 -23.26 -1.49 35.12
C VAL A 138 -23.51 -1.69 36.62
N LYS A 139 -22.81 -0.94 37.47
CA LYS A 139 -22.99 -1.03 38.91
C LYS A 139 -24.46 -0.87 39.29
N ARG A 140 -25.12 0.14 38.73
CA ARG A 140 -26.52 0.39 39.08
C ARG A 140 -27.46 -0.64 38.46
N ILE A 141 -27.10 -1.22 37.31
CA ILE A 141 -27.98 -2.25 36.77
C ILE A 141 -27.86 -3.52 37.61
N LYS A 142 -26.64 -3.88 38.00
CA LYS A 142 -26.44 -5.09 38.79
C LYS A 142 -27.04 -4.98 40.18
N ALA A 143 -27.23 -3.75 40.71
CA ALA A 143 -27.79 -3.61 42.04
C ALA A 143 -29.30 -3.79 42.03
N LYS A 144 -29.97 -3.42 40.94
CA LYS A 144 -31.40 -3.68 40.86
C LYS A 144 -31.70 -5.06 40.30
N TYR A 145 -30.79 -5.62 39.50
CA TYR A 145 -31.02 -6.89 38.80
C TYR A 145 -29.76 -7.73 38.81
N PRO A 146 -29.40 -8.28 39.98
CA PRO A 146 -28.13 -9.04 40.08
C PRO A 146 -27.99 -10.21 39.11
N GLU A 147 -29.08 -10.90 38.77
CA GLU A 147 -28.95 -12.06 37.89
C GLU A 147 -28.86 -11.68 36.42
N LEU A 148 -29.06 -10.41 36.10
CA LEU A 148 -29.13 -9.97 34.71
C LEU A 148 -27.76 -10.02 34.05
N GLN A 149 -27.67 -10.72 32.95
CA GLN A 149 -26.44 -10.78 32.17
C GLN A 149 -26.19 -9.47 31.42
N VAL A 150 -25.06 -8.83 31.67
CA VAL A 150 -24.79 -7.50 31.14
C VAL A 150 -23.51 -7.53 30.32
N ILE A 151 -23.62 -7.19 29.05
CA ILE A 151 -22.48 -6.89 28.19
C ILE A 151 -22.27 -5.38 28.19
N ALA A 152 -21.02 -4.94 28.32
CA ALA A 152 -20.66 -3.52 28.31
C ALA A 152 -19.66 -3.26 27.21
N GLY A 153 -19.79 -2.10 26.55
CA GLY A 153 -18.92 -1.71 25.43
C GLY A 153 -19.30 -0.33 24.88
N ASN A 154 -18.65 0.05 23.80
CA ASN A 154 -17.53 -0.67 23.20
C ASN A 154 -16.21 -0.17 23.75
N ILE A 155 -15.21 -1.04 23.75
CA ILE A 155 -13.89 -0.70 24.29
C ILE A 155 -12.81 -1.31 23.40
N ALA A 156 -11.55 -1.04 23.76
CA ALA A 156 -10.46 -1.38 22.86
C ALA A 156 -9.13 -1.61 23.56
N THR A 157 -9.05 -1.55 24.90
CA THR A 157 -7.81 -1.73 25.62
C THR A 157 -7.98 -2.72 26.77
N PRO A 158 -6.90 -3.38 27.17
CA PRO A 158 -6.97 -4.25 28.36
C PRO A 158 -7.40 -3.53 29.64
N GLU A 159 -6.96 -2.27 29.85
CA GLU A 159 -7.43 -1.49 30.99
C GLU A 159 -8.93 -1.33 30.96
N ALA A 160 -9.49 -1.19 29.74
CA ALA A 160 -10.94 -1.14 29.64
C ALA A 160 -11.58 -2.47 30.05
N VAL A 161 -10.97 -3.60 29.66
CA VAL A 161 -11.53 -4.90 30.01
C VAL A 161 -11.60 -5.06 31.52
N ARG A 162 -10.52 -4.70 32.22
CA ARG A 162 -10.47 -4.89 33.67
C ARG A 162 -11.49 -3.99 34.36
N ASP A 163 -11.50 -2.70 34.03
CA ASP A 163 -12.38 -1.78 34.74
C ASP A 163 -13.83 -2.16 34.59
N LEU A 164 -14.24 -2.60 33.40
CA LEU A 164 -15.64 -3.00 33.22
C LEU A 164 -15.90 -4.36 33.88
N ALA A 165 -14.94 -5.28 33.83
CA ALA A 165 -15.09 -6.50 34.62
C ALA A 165 -15.30 -6.16 36.09
N GLU A 166 -14.59 -5.15 36.60
CA GLU A 166 -14.72 -4.78 38.00
C GLU A 166 -16.01 -4.02 38.30
N ALA A 167 -16.66 -3.44 37.28
CA ALA A 167 -17.97 -2.82 37.48
C ALA A 167 -19.10 -3.84 37.60
N GLY A 168 -18.89 -5.09 37.20
CA GLY A 168 -19.94 -6.10 37.17
C GLY A 168 -20.20 -6.70 35.79
N ALA A 169 -19.52 -6.23 34.74
CA ALA A 169 -19.74 -6.73 33.39
C ALA A 169 -19.56 -8.25 33.33
N ASP A 170 -20.55 -8.93 32.75
CA ASP A 170 -20.43 -10.36 32.50
C ASP A 170 -19.72 -10.66 31.19
N CYS A 171 -19.44 -9.64 30.39
CA CYS A 171 -18.90 -9.78 29.05
C CYS A 171 -18.69 -8.38 28.50
N VAL A 172 -17.63 -8.23 27.71
CA VAL A 172 -17.17 -6.92 27.27
C VAL A 172 -17.09 -6.90 25.76
N LYS A 173 -17.61 -5.85 25.16
CA LYS A 173 -17.71 -5.76 23.72
C LYS A 173 -16.57 -4.88 23.20
N VAL A 174 -15.80 -5.39 22.26
CA VAL A 174 -14.59 -4.69 21.82
C VAL A 174 -14.77 -4.29 20.36
N GLY A 175 -14.56 -3.00 20.10
CA GLY A 175 -14.50 -2.46 18.76
C GLY A 175 -14.73 -0.95 18.78
N ILE A 176 -13.67 -0.17 18.65
CA ILE A 176 -13.77 1.27 18.51
C ILE A 176 -13.40 1.60 17.07
N GLY A 177 -14.43 1.83 16.26
CA GLY A 177 -14.23 2.28 14.89
C GLY A 177 -13.90 1.34 13.72
N PRO A 178 -13.91 0.00 13.89
CA PRO A 178 -13.73 -0.85 12.69
C PRO A 178 -14.97 -0.94 11.82
N GLY A 179 -16.08 -0.36 12.26
CA GLY A 179 -17.34 -0.49 11.57
C GLY A 179 -17.27 -0.19 10.09
N SER A 180 -18.00 -0.94 9.27
CA SER A 180 -18.00 -0.64 7.85
C SER A 180 -18.70 0.67 7.56
N ILE A 181 -19.63 1.10 8.43
CA ILE A 181 -20.33 2.37 8.32
C ILE A 181 -19.80 3.40 9.30
N CYS A 182 -18.66 3.14 9.92
CA CYS A 182 -18.19 3.97 11.00
C CYS A 182 -17.21 5.03 10.51
N THR A 183 -17.34 6.25 11.01
CA THR A 183 -16.37 7.32 10.76
C THR A 183 -15.71 7.81 12.05
N THR A 184 -15.75 7.00 13.10
CA THR A 184 -15.18 7.44 14.37
C THR A 184 -13.69 7.75 14.23
N ARG A 185 -12.93 6.86 13.57
CA ARG A 185 -11.50 7.11 13.36
C ARG A 185 -11.28 8.35 12.50
N ILE A 186 -12.14 8.57 11.52
CA ILE A 186 -12.09 9.76 10.69
C ILE A 186 -12.36 11.03 11.52
N VAL A 187 -13.49 11.04 12.24
CA VAL A 187 -14.02 12.23 12.89
C VAL A 187 -13.24 12.59 14.15
N ALA A 188 -12.80 11.59 14.91
CA ALA A 188 -12.18 11.79 16.21
C ALA A 188 -10.70 11.47 16.24
N GLY A 189 -10.17 10.71 15.27
CA GLY A 189 -8.80 10.23 15.28
C GLY A 189 -8.52 9.10 16.24
N VAL A 190 -9.53 8.38 16.69
CA VAL A 190 -9.42 7.44 17.80
C VAL A 190 -9.80 6.04 17.36
N GLY A 191 -8.98 5.06 17.74
CA GLY A 191 -9.32 3.67 17.52
C GLY A 191 -8.11 2.78 17.66
N VAL A 192 -8.38 1.47 17.63
CA VAL A 192 -7.33 0.47 17.60
C VAL A 192 -7.67 -0.52 16.50
N PRO A 193 -6.73 -0.82 15.57
CA PRO A 193 -6.98 -1.88 14.59
C PRO A 193 -7.54 -3.14 15.23
N GLN A 194 -8.58 -3.70 14.60
CA GLN A 194 -9.51 -4.54 15.33
C GLN A 194 -8.89 -5.86 15.79
N LEU A 195 -7.97 -6.44 15.00
CA LEU A 195 -7.40 -7.71 15.42
C LEU A 195 -6.47 -7.53 16.63
N THR A 196 -5.73 -6.44 16.68
CA THR A 196 -4.85 -6.21 17.84
C THR A 196 -5.67 -5.86 19.07
N ALA A 197 -6.73 -5.07 18.90
CA ALA A 197 -7.63 -4.77 20.01
C ALA A 197 -8.19 -6.05 20.62
N VAL A 198 -8.68 -6.97 19.77
CA VAL A 198 -9.27 -8.22 20.26
C VAL A 198 -8.22 -9.06 20.95
N MET A 199 -7.07 -9.26 20.31
CA MET A 199 -5.96 -9.98 20.94
C MET A 199 -5.71 -9.43 22.34
N ASP A 200 -5.50 -8.11 22.43
CA ASP A 200 -5.09 -7.54 23.72
C ASP A 200 -6.23 -7.58 24.73
N CYS A 201 -7.48 -7.37 24.28
CA CYS A 201 -8.60 -7.44 25.21
C CYS A 201 -8.91 -8.89 25.59
N ALA A 202 -8.82 -9.81 24.62
CA ALA A 202 -9.03 -11.22 24.92
C ALA A 202 -8.03 -11.70 25.94
N GLU A 203 -6.75 -11.32 25.77
CA GLU A 203 -5.73 -11.80 26.70
C GLU A 203 -6.03 -11.36 28.12
N GLU A 204 -6.39 -10.09 28.29
CA GLU A 204 -6.78 -9.59 29.61
C GLU A 204 -8.11 -10.20 30.04
N GLY A 205 -9.04 -10.37 29.10
CA GLY A 205 -10.29 -11.03 29.42
C GLY A 205 -10.07 -12.43 29.98
N LYS A 206 -9.09 -13.15 29.42
CA LYS A 206 -8.85 -14.52 29.87
C LYS A 206 -8.27 -14.55 31.26
N LYS A 207 -7.35 -13.62 31.58
CA LYS A 207 -6.78 -13.60 32.93
C LYS A 207 -7.85 -13.38 33.99
N LEU A 208 -8.85 -12.55 33.69
CA LEU A 208 -9.93 -12.22 34.63
C LEU A 208 -11.12 -13.17 34.52
N GLY A 209 -11.22 -13.95 33.46
CA GLY A 209 -12.33 -14.88 33.29
C GLY A 209 -13.58 -14.29 32.71
N ILE A 210 -13.49 -13.20 31.95
CA ILE A 210 -14.65 -12.54 31.36
C ILE A 210 -14.51 -12.59 29.85
N PRO A 211 -15.53 -13.04 29.13
CA PRO A 211 -15.41 -13.16 27.67
C PRO A 211 -15.53 -11.81 26.98
N VAL A 212 -14.95 -11.72 25.77
CA VAL A 212 -14.96 -10.48 24.99
C VAL A 212 -15.53 -10.75 23.61
N ILE A 213 -16.20 -9.75 23.05
CA ILE A 213 -16.90 -9.88 21.77
C ILE A 213 -16.18 -9.03 20.73
N ALA A 214 -15.79 -9.66 19.61
CA ALA A 214 -15.17 -8.94 18.50
C ALA A 214 -16.29 -8.31 17.68
N ASP A 215 -16.37 -6.98 17.69
CA ASP A 215 -17.52 -6.25 17.16
C ASP A 215 -17.06 -5.25 16.11
N GLY A 216 -17.41 -5.51 14.85
CA GLY A 216 -17.19 -4.58 13.78
C GLY A 216 -16.02 -4.94 12.87
N GLY A 217 -16.16 -4.67 11.58
CA GLY A 217 -15.06 -4.83 10.65
C GLY A 217 -14.86 -6.22 10.09
N LEU A 218 -15.79 -7.15 10.35
CA LEU A 218 -15.78 -8.47 9.74
C LEU A 218 -16.45 -8.42 8.37
N LYS A 219 -15.81 -8.99 7.36
CA LYS A 219 -16.28 -8.99 5.97
C LYS A 219 -16.60 -10.38 5.45
N TYR A 220 -15.68 -11.31 5.66
CA TYR A 220 -15.72 -12.66 5.14
C TYR A 220 -15.69 -13.62 6.32
N SER A 221 -16.06 -14.89 6.06
CA SER A 221 -16.01 -15.85 7.16
C SER A 221 -14.60 -16.03 7.70
N GLY A 222 -13.58 -15.90 6.83
CA GLY A 222 -12.22 -16.05 7.30
C GLY A 222 -11.86 -15.07 8.40
N ASP A 223 -12.40 -13.85 8.32
CA ASP A 223 -12.16 -12.87 9.37
C ASP A 223 -12.70 -13.36 10.70
N ILE A 224 -13.91 -13.93 10.71
CA ILE A 224 -14.46 -14.43 11.97
C ILE A 224 -13.52 -15.45 12.58
N VAL A 225 -12.95 -16.34 11.77
CA VAL A 225 -11.98 -17.31 12.26
C VAL A 225 -10.80 -16.62 12.96
N LYS A 226 -10.29 -15.51 12.38
CA LYS A 226 -9.20 -14.78 13.03
C LYS A 226 -9.66 -14.14 14.33
N ALA A 227 -10.85 -13.55 14.34
CA ALA A 227 -11.42 -13.05 15.60
C ALA A 227 -11.46 -14.13 16.66
N LEU A 228 -11.91 -15.33 16.30
CA LEU A 228 -12.04 -16.39 17.31
C LEU A 228 -10.68 -16.88 17.76
N ALA A 229 -9.75 -17.06 16.81
CA ALA A 229 -8.41 -17.50 17.17
C ALA A 229 -7.73 -16.49 18.09
N ALA A 230 -7.99 -15.20 17.90
CA ALA A 230 -7.43 -14.15 18.75
C ALA A 230 -7.99 -14.14 20.16
N GLY A 231 -9.01 -14.94 20.46
CA GLY A 231 -9.55 -15.02 21.79
C GLY A 231 -10.99 -14.60 21.97
N ALA A 232 -11.64 -14.00 20.98
CA ALA A 232 -13.01 -13.54 21.18
C ALA A 232 -13.94 -14.72 21.41
N CYS A 233 -14.89 -14.55 22.34
CA CYS A 233 -15.87 -15.61 22.58
C CYS A 233 -16.94 -15.66 21.50
N ALA A 234 -17.19 -14.53 20.84
CA ALA A 234 -18.21 -14.46 19.78
C ALA A 234 -17.95 -13.22 18.93
N ALA A 235 -18.67 -13.14 17.80
CA ALA A 235 -18.43 -12.11 16.79
C ALA A 235 -19.73 -11.42 16.42
N MET A 236 -19.70 -10.09 16.34
CA MET A 236 -20.88 -9.30 16.04
C MET A 236 -20.70 -8.59 14.70
N MET A 237 -21.77 -8.60 13.89
CA MET A 237 -21.72 -8.13 12.50
C MET A 237 -22.99 -7.36 12.15
N GLY A 238 -22.82 -6.18 11.56
CA GLY A 238 -23.94 -5.49 10.96
C GLY A 238 -23.94 -5.69 9.46
N SER A 239 -22.82 -5.34 8.81
CA SER A 239 -22.72 -5.41 7.35
C SER A 239 -23.10 -6.79 6.80
N ILE A 240 -22.52 -7.86 7.35
CA ILE A 240 -22.74 -9.19 6.80
C ILE A 240 -24.21 -9.60 6.88
N PHE A 241 -24.93 -9.20 7.94
CA PHE A 241 -26.34 -9.57 8.07
C PHE A 241 -27.29 -8.53 7.50
N ALA A 242 -26.82 -7.32 7.18
CA ALA A 242 -27.76 -6.25 6.93
C ALA A 242 -28.43 -6.39 5.57
N GLY A 243 -27.81 -7.09 4.63
CA GLY A 243 -28.46 -7.32 3.35
C GLY A 243 -29.58 -8.33 3.39
N CYS A 244 -29.69 -9.08 4.47
CA CYS A 244 -30.63 -10.19 4.51
C CYS A 244 -32.07 -9.69 4.54
N GLU A 245 -32.98 -10.61 4.22
CA GLU A 245 -34.39 -10.24 4.16
C GLU A 245 -34.93 -9.90 5.54
N GLU A 246 -34.37 -10.48 6.59
CA GLU A 246 -34.84 -10.27 7.95
C GLU A 246 -34.37 -8.94 8.54
N ALA A 247 -33.40 -8.25 7.90
CA ALA A 247 -32.95 -6.94 8.34
C ALA A 247 -33.99 -5.87 8.01
N PRO A 248 -34.28 -4.96 8.94
CA PRO A 248 -35.29 -3.94 8.67
C PRO A 248 -34.84 -3.02 7.55
N GLY A 249 -35.80 -2.48 6.81
CA GLY A 249 -35.44 -1.52 5.79
C GLY A 249 -35.96 -1.79 4.39
N ALA A 250 -35.88 -0.78 3.53
CA ALA A 250 -36.52 -0.79 2.22
C ALA A 250 -35.59 -1.35 1.17
N ILE A 251 -36.18 -1.91 0.12
CA ILE A 251 -35.46 -2.39 -1.04
C ILE A 251 -35.35 -1.23 -2.03
N GLU A 252 -34.13 -0.75 -2.23
CA GLU A 252 -33.81 0.25 -3.25
C GLU A 252 -33.23 -0.43 -4.48
N ILE A 253 -33.55 0.11 -5.65
CA ILE A 253 -33.00 -0.37 -6.91
C ILE A 253 -31.91 0.61 -7.37
N TYR A 254 -30.73 0.08 -7.68
CA TYR A 254 -29.62 0.89 -8.15
C TYR A 254 -28.85 0.08 -9.19
N GLN A 255 -28.75 0.64 -10.40
CA GLN A 255 -28.12 -0.04 -11.53
C GLN A 255 -28.83 -1.36 -11.86
N GLY A 256 -30.16 -1.36 -11.71
CA GLY A 256 -30.96 -2.53 -12.01
C GLY A 256 -30.94 -3.63 -10.97
N ARG A 257 -30.12 -3.49 -9.92
CA ARG A 257 -30.01 -4.50 -8.87
C ARG A 257 -30.79 -4.06 -7.64
N SER A 258 -31.02 -5.01 -6.73
CA SER A 258 -31.70 -4.72 -5.48
C SER A 258 -30.69 -4.63 -4.33
N TYR A 259 -30.80 -3.55 -3.56
CA TYR A 259 -30.01 -3.33 -2.34
C TYR A 259 -30.95 -3.12 -1.16
N LYS A 260 -30.40 -3.16 0.05
CA LYS A 260 -31.15 -2.88 1.26
C LYS A 260 -30.39 -1.82 2.04
N VAL A 261 -31.12 -0.87 2.62
CA VAL A 261 -30.49 0.28 3.26
C VAL A 261 -29.75 -0.16 4.53
N TYR A 262 -28.55 0.39 4.73
CA TYR A 262 -27.74 0.10 5.91
C TYR A 262 -27.02 1.37 6.35
N ARG A 263 -26.98 1.63 7.67
CA ARG A 263 -26.49 2.92 8.15
C ARG A 263 -25.97 2.81 9.59
N GLY A 264 -25.00 3.67 9.91
CA GLY A 264 -24.48 3.67 11.27
C GLY A 264 -25.53 4.14 12.24
N MET A 265 -25.40 3.75 13.51
CA MET A 265 -26.32 4.35 14.49
C MET A 265 -25.91 5.78 14.81
N GLY A 266 -24.66 6.15 14.58
CA GLY A 266 -24.21 7.52 14.69
C GLY A 266 -24.40 8.39 13.46
N SER A 267 -25.11 7.92 12.44
CA SER A 267 -25.30 8.72 11.24
C SER A 267 -26.49 9.66 11.42
N LEU A 268 -26.58 10.66 10.53
CA LEU A 268 -27.62 11.67 10.65
C LEU A 268 -29.01 11.04 10.61
N GLY A 269 -29.24 10.16 9.65
CA GLY A 269 -30.55 9.52 9.54
C GLY A 269 -30.95 8.74 10.80
N ALA A 270 -30.02 7.94 11.34
CA ALA A 270 -30.34 7.18 12.55
C ALA A 270 -30.65 8.08 13.73
N MET A 271 -30.03 9.26 13.82
CA MET A 271 -30.22 10.11 14.98
C MET A 271 -31.51 10.92 14.91
N ALA A 272 -32.14 11.02 13.74
CA ALA A 272 -33.47 11.59 13.62
C ALA A 272 -34.55 10.52 13.68
N LYS A 286 -27.05 20.32 13.77
CA LYS A 286 -26.66 20.32 15.18
C LYS A 286 -26.26 18.92 15.66
N PHE A 287 -26.16 18.00 14.73
CA PHE A 287 -25.55 16.71 14.99
C PHE A 287 -24.16 16.69 14.38
N VAL A 288 -23.22 16.08 15.10
CA VAL A 288 -21.90 15.78 14.57
C VAL A 288 -21.73 14.26 14.45
N PRO A 289 -22.04 13.68 13.30
CA PRO A 289 -22.20 12.22 13.23
C PRO A 289 -20.88 11.48 13.31
N GLU A 290 -20.99 10.18 13.61
CA GLU A 290 -19.84 9.30 13.66
C GLU A 290 -20.08 8.04 12.83
N GLY A 291 -20.91 8.16 11.79
CA GLY A 291 -21.12 7.06 10.88
C GLY A 291 -21.84 7.57 9.66
N VAL A 292 -21.86 6.74 8.61
CA VAL A 292 -22.49 7.14 7.36
C VAL A 292 -23.70 6.27 7.06
N GLU A 293 -24.33 6.53 5.91
CA GLU A 293 -25.54 5.85 5.51
C GLU A 293 -25.39 5.42 4.07
N GLY A 294 -25.67 4.15 3.81
CA GLY A 294 -25.58 3.65 2.46
C GLY A 294 -26.50 2.47 2.17
N ARG A 295 -26.16 1.70 1.14
CA ARG A 295 -26.89 0.51 0.74
C ARG A 295 -25.90 -0.61 0.48
N ILE A 296 -26.28 -1.84 0.84
CA ILE A 296 -25.53 -3.03 0.48
C ILE A 296 -26.45 -3.93 -0.30
N ALA A 297 -25.84 -4.80 -1.12
CA ALA A 297 -26.59 -5.66 -2.03
C ALA A 297 -27.42 -6.67 -1.28
N TYR A 298 -28.66 -6.86 -1.74
CA TYR A 298 -29.58 -7.82 -1.13
C TYR A 298 -28.98 -9.22 -1.16
N LYS A 299 -28.99 -9.89 -0.01
CA LYS A 299 -28.37 -11.20 0.13
C LYS A 299 -29.36 -12.35 0.16
N GLY A 300 -30.66 -12.08 0.19
CA GLY A 300 -31.60 -13.17 0.43
C GLY A 300 -31.78 -13.43 1.91
N HIS A 301 -32.12 -14.67 2.25
CA HIS A 301 -32.52 -14.95 3.62
C HIS A 301 -31.32 -15.26 4.51
N LEU A 302 -31.54 -15.12 5.82
CA LEU A 302 -30.46 -15.26 6.80
C LEU A 302 -29.88 -16.67 6.79
N ALA A 303 -30.72 -17.69 6.58
CA ALA A 303 -30.23 -19.07 6.58
C ALA A 303 -29.10 -19.27 5.58
N ASP A 304 -29.18 -18.62 4.41
CA ASP A 304 -28.11 -18.74 3.42
C ASP A 304 -26.83 -18.11 3.93
N THR A 305 -26.92 -16.88 4.45
CA THR A 305 -25.72 -16.20 4.91
C THR A 305 -25.08 -16.93 6.08
N ILE A 306 -25.87 -17.25 7.11
CA ILE A 306 -25.36 -18.04 8.24
C ILE A 306 -24.66 -19.31 7.74
N TYR A 307 -25.30 -20.04 6.84
CA TYR A 307 -24.75 -21.32 6.37
C TYR A 307 -23.35 -21.17 5.77
N GLN A 308 -23.10 -20.10 5.00
CA GLN A 308 -21.76 -19.94 4.45
C GLN A 308 -20.76 -19.53 5.52
N LEU A 309 -21.17 -18.64 6.43
CA LEU A 309 -20.29 -18.28 7.55
C LEU A 309 -19.88 -19.50 8.35
N ILE A 310 -20.85 -20.32 8.75
CA ILE A 310 -20.56 -21.52 9.53
C ILE A 310 -19.66 -22.46 8.74
N GLY A 311 -19.96 -22.67 7.45
CA GLY A 311 -19.08 -23.50 6.63
C GLY A 311 -17.65 -23.02 6.58
N GLY A 312 -17.46 -21.69 6.55
CA GLY A 312 -16.12 -21.15 6.48
C GLY A 312 -15.36 -21.28 7.78
N ILE A 313 -16.04 -21.07 8.91
CA ILE A 313 -15.39 -21.20 10.21
C ILE A 313 -14.96 -22.63 10.48
N LYS A 314 -15.84 -23.60 10.17
CA LYS A 314 -15.48 -25.01 10.32
C LYS A 314 -14.31 -25.40 9.42
N SER A 315 -14.24 -24.83 8.22
CA SER A 315 -13.10 -25.08 7.32
C SER A 315 -11.79 -24.65 7.97
N GLY A 316 -11.77 -23.44 8.55
CA GLY A 316 -10.52 -22.94 9.12
C GLY A 316 -10.12 -23.65 10.39
N MET A 317 -11.10 -24.01 11.22
CA MET A 317 -10.82 -24.83 12.40
C MET A 317 -10.26 -26.20 12.00
N GLY A 318 -10.71 -26.75 10.87
CA GLY A 318 -10.12 -27.99 10.37
C GLY A 318 -8.70 -27.81 9.88
N TYR A 319 -8.40 -26.65 9.26
CA TYR A 319 -7.03 -26.33 8.85
C TYR A 319 -6.10 -26.19 10.05
N LEU A 320 -6.67 -25.88 11.22
CA LEU A 320 -5.86 -25.68 12.42
C LEU A 320 -5.99 -26.82 13.41
N GLY A 321 -6.66 -27.92 13.03
CA GLY A 321 -6.75 -29.08 13.90
C GLY A 321 -7.46 -28.81 15.22
N ALA A 322 -8.40 -27.87 15.23
CA ALA A 322 -9.08 -27.44 16.44
C ALA A 322 -10.49 -28.02 16.49
N PRO A 323 -10.82 -28.89 17.44
CA PRO A 323 -12.21 -29.34 17.55
C PRO A 323 -13.09 -28.37 18.32
N THR A 324 -12.52 -27.44 19.08
CA THR A 324 -13.30 -26.43 19.79
C THR A 324 -12.68 -25.05 19.58
N LEU A 325 -13.52 -24.04 19.76
CA LEU A 325 -13.07 -22.65 19.72
C LEU A 325 -11.97 -22.38 20.72
N GLU A 326 -11.97 -23.08 21.86
CA GLU A 326 -10.91 -22.84 22.83
C GLU A 326 -9.60 -23.44 22.34
N ASN A 327 -9.64 -24.64 21.78
CA ASN A 327 -8.43 -25.27 21.23
C ASN A 327 -7.87 -24.46 20.08
N LEU A 328 -8.74 -23.78 19.32
CA LEU A 328 -8.28 -22.95 18.22
C LEU A 328 -7.45 -21.77 18.73
N TYR A 329 -7.89 -21.16 19.83
CA TYR A 329 -7.20 -20.04 20.45
C TYR A 329 -5.86 -20.44 21.02
N GLU A 330 -5.75 -21.64 21.57
CA GLU A 330 -4.50 -22.02 22.20
C GLU A 330 -3.42 -22.44 21.20
N ASN A 331 -3.79 -22.77 19.96
CA ASN A 331 -2.84 -23.33 19.01
C ASN A 331 -2.74 -22.53 17.72
N ALA A 332 -3.32 -21.33 17.68
CA ALA A 332 -3.31 -20.52 16.47
C ALA A 332 -2.06 -19.65 16.44
N ASN A 333 -1.30 -19.75 15.36
CA ASN A 333 -0.17 -18.87 15.08
C ASN A 333 -0.53 -17.95 13.91
N PHE A 334 -0.24 -16.68 14.06
CA PHE A 334 -0.54 -15.70 13.04
C PHE A 334 0.73 -15.36 12.28
N VAL A 335 0.58 -14.96 11.03
CA VAL A 335 1.69 -14.46 10.25
C VAL A 335 1.23 -13.19 9.53
N VAL A 336 2.09 -12.20 9.47
CA VAL A 336 1.69 -10.93 8.89
C VAL A 336 1.95 -10.99 7.39
N GLN A 337 1.00 -10.51 6.61
CA GLN A 337 1.17 -10.39 5.17
C GLN A 337 1.19 -8.91 4.80
N THR A 338 1.94 -8.59 3.76
CA THR A 338 2.03 -7.22 3.29
C THR A 338 0.87 -6.94 2.34
N SER A 339 0.86 -5.72 1.79
CA SER A 339 -0.15 -5.40 0.79
C SER A 339 0.01 -6.24 -0.47
N ALA A 340 1.21 -6.79 -0.72
CA ALA A 340 1.34 -7.74 -1.83
C ALA A 340 0.78 -9.11 -1.45
N GLY A 341 0.93 -9.52 -0.19
CA GLY A 341 0.32 -10.76 0.26
C GLY A 341 -1.19 -10.70 0.21
N PHE A 342 -1.76 -9.53 0.51
CA PHE A 342 -3.20 -9.33 0.42
C PHE A 342 -3.70 -9.57 -1.00
N ARG A 343 -3.02 -8.98 -1.98
CA ARG A 343 -3.34 -9.23 -3.39
C ARG A 343 -3.38 -10.73 -3.70
N GLU A 344 -2.44 -11.51 -3.15
CA GLU A 344 -2.40 -12.94 -3.45
C GLU A 344 -3.50 -13.69 -2.72
N SER A 345 -3.91 -13.17 -1.56
CA SER A 345 -4.87 -13.80 -0.67
C SER A 345 -6.31 -13.57 -1.08
N HIS A 346 -6.54 -12.85 -2.16
CA HIS A 346 -7.82 -12.77 -2.84
C HIS A 346 -7.65 -13.29 -4.26
N PRO A 347 -8.72 -13.72 -4.91
CA PRO A 347 -8.61 -14.13 -6.32
C PRO A 347 -7.94 -13.04 -7.15
N HIS A 348 -7.12 -13.44 -8.13
CA HIS A 348 -6.33 -12.46 -8.87
C HIS A 348 -6.02 -12.98 -10.27
N ASP A 349 -5.90 -12.06 -11.22
CA ASP A 349 -5.63 -12.38 -12.63
C ASP A 349 -6.71 -13.26 -13.25
N ILE A 350 -7.97 -13.01 -12.90
CA ILE A 350 -9.08 -13.73 -13.54
C ILE A 350 -10.34 -12.86 -13.53
N ASN A 351 -10.99 -12.79 -14.70
CA ASN A 351 -12.30 -12.15 -14.81
C ASN A 351 -13.33 -13.15 -14.31
N ILE A 352 -13.68 -13.06 -13.02
CA ILE A 352 -14.63 -14.00 -12.43
C ILE A 352 -15.98 -13.88 -13.12
N THR A 353 -16.55 -15.03 -13.51
CA THR A 353 -17.76 -15.05 -14.33
C THR A 353 -19.00 -15.62 -13.63
N LYS A 354 -18.85 -16.31 -12.50
CA LYS A 354 -19.97 -16.89 -11.78
C LYS A 354 -20.02 -16.33 -10.37
N GLU A 355 -21.22 -16.08 -9.88
CA GLU A 355 -21.37 -15.55 -8.53
C GLU A 355 -20.97 -16.60 -7.50
N ALA A 356 -20.10 -16.22 -6.58
CA ALA A 356 -19.72 -17.08 -5.47
C ALA A 356 -20.52 -16.72 -4.23
N PRO A 357 -21.04 -17.71 -3.49
CA PRO A 357 -21.96 -17.41 -2.38
C PRO A 357 -21.28 -16.83 -1.14
N ASN A 358 -19.98 -17.00 -1.00
CA ASN A 358 -19.21 -16.49 0.14
C ASN A 358 -18.12 -15.50 -0.27
N TYR A 359 -18.12 -15.03 -1.53
CA TYR A 359 -17.13 -14.06 -2.00
C TYR A 359 -17.75 -13.18 -3.08
N SER A 360 -17.65 -11.86 -2.89
CA SER A 360 -18.14 -10.89 -3.86
C SER A 360 -17.30 -9.62 -3.86
N ILE B 7 1.65 -13.11 17.35
CA ILE B 7 2.18 -12.78 16.04
C ILE B 7 3.55 -13.45 15.82
N LEU B 8 3.61 -14.36 14.84
CA LEU B 8 4.86 -15.03 14.55
C LEU B 8 5.89 -14.05 14.00
N LYS B 9 5.57 -13.41 12.88
CA LYS B 9 6.57 -12.78 12.02
C LYS B 9 5.89 -12.27 10.74
N THR B 10 6.61 -11.46 9.97
CA THR B 10 6.14 -11.06 8.65
C THR B 10 6.50 -12.14 7.64
N ALA B 11 5.60 -12.37 6.69
CA ALA B 11 5.80 -13.38 5.67
C ALA B 11 5.56 -12.75 4.30
N TYR B 12 6.41 -13.09 3.34
CA TYR B 12 6.44 -12.44 2.04
C TYR B 12 5.98 -13.41 0.95
N THR B 13 5.48 -12.83 -0.15
CA THR B 13 5.14 -13.57 -1.36
C THR B 13 6.05 -13.06 -2.51
N PHE B 14 5.77 -13.50 -3.73
CA PHE B 14 6.71 -13.25 -4.81
C PHE B 14 6.91 -11.76 -5.06
N ASP B 15 5.81 -11.00 -5.10
CA ASP B 15 5.87 -9.57 -5.40
C ASP B 15 6.54 -8.75 -4.31
N ASP B 16 6.84 -9.35 -3.15
CA ASP B 16 7.46 -8.60 -2.08
C ASP B 16 8.96 -8.47 -2.22
N VAL B 17 9.60 -9.26 -3.09
CA VAL B 17 11.05 -9.45 -3.05
C VAL B 17 11.62 -9.39 -4.46
N LEU B 18 12.93 -9.14 -4.52
CA LEU B 18 13.70 -9.17 -5.76
C LEU B 18 14.99 -9.96 -5.52
N LEU B 19 15.49 -10.56 -6.59
CA LEU B 19 16.78 -11.22 -6.55
C LEU B 19 17.87 -10.23 -6.94
N VAL B 20 18.98 -10.28 -6.21
CA VAL B 20 20.10 -9.37 -6.41
C VAL B 20 21.01 -9.97 -7.47
N PRO B 21 21.40 -9.21 -8.49
CA PRO B 21 22.37 -9.73 -9.47
C PRO B 21 23.66 -10.18 -8.81
N ASN B 22 24.32 -11.17 -9.42
CA ASN B 22 25.64 -11.64 -8.99
C ASN B 22 26.64 -11.47 -10.12
N LYS B 23 27.93 -11.60 -9.79
CA LYS B 23 28.93 -11.75 -10.84
C LYS B 23 28.63 -13.00 -11.64
N SER B 24 28.74 -12.90 -12.96
CA SER B 24 28.32 -13.98 -13.85
C SER B 24 29.36 -14.19 -14.95
N GLU B 25 29.67 -15.47 -15.21
CA GLU B 25 30.48 -15.88 -16.34
C GLU B 25 29.68 -16.73 -17.31
N VAL B 26 28.37 -16.77 -17.20
CA VAL B 26 27.57 -17.63 -18.07
C VAL B 26 26.42 -16.83 -18.64
N LEU B 27 26.14 -17.09 -19.89
CA LEU B 27 25.01 -16.51 -20.59
C LEU B 27 23.75 -17.30 -20.34
N PRO B 28 22.58 -16.68 -20.52
CA PRO B 28 21.33 -17.41 -20.32
C PRO B 28 21.23 -18.69 -21.15
N ASN B 29 21.79 -18.72 -22.36
CA ASN B 29 21.70 -19.94 -23.15
C ASN B 29 22.68 -21.02 -22.71
N GLU B 30 23.56 -20.74 -21.74
CA GLU B 30 24.51 -21.72 -21.25
C GLU B 30 24.01 -22.47 -20.04
N VAL B 31 22.95 -21.99 -19.38
CA VAL B 31 22.51 -22.55 -18.10
C VAL B 31 21.69 -23.80 -18.33
N SER B 32 21.79 -24.74 -17.39
CA SER B 32 21.00 -25.96 -17.38
C SER B 32 19.85 -25.81 -16.40
N LEU B 33 18.67 -26.31 -16.80
CA LEU B 33 17.42 -26.25 -16.03
C LEU B 33 17.01 -27.60 -15.47
N LYS B 34 17.83 -28.63 -15.65
CA LYS B 34 17.52 -29.97 -15.16
C LYS B 34 17.29 -29.94 -13.65
N THR B 35 16.31 -30.73 -13.20
CA THR B 35 15.97 -30.78 -11.79
C THR B 35 15.48 -32.17 -11.42
N GLN B 36 15.68 -32.53 -10.16
CA GLN B 36 15.22 -33.80 -9.63
C GLN B 36 13.86 -33.59 -8.96
N LEU B 37 12.80 -34.06 -9.63
CA LEU B 37 11.45 -33.98 -9.06
C LEU B 37 11.30 -34.93 -7.88
N THR B 38 11.78 -36.17 -8.03
CA THR B 38 12.07 -37.03 -6.89
C THR B 38 13.46 -37.60 -7.08
N LYS B 39 13.88 -38.53 -6.22
CA LYS B 39 15.18 -39.14 -6.43
C LYS B 39 15.21 -39.97 -7.72
N LYS B 40 14.05 -40.47 -8.16
CA LYS B 40 13.93 -41.32 -9.33
C LYS B 40 13.51 -40.58 -10.60
N ILE B 41 13.00 -39.36 -10.49
CA ILE B 41 12.36 -38.68 -11.61
C ILE B 41 13.09 -37.37 -11.86
N GLN B 42 13.80 -37.30 -12.99
CA GLN B 42 14.43 -36.08 -13.47
C GLN B 42 13.50 -35.42 -14.50
N LEU B 43 13.50 -34.09 -14.52
CA LEU B 43 12.85 -33.30 -15.57
C LEU B 43 13.90 -32.44 -16.25
N ASN B 44 13.79 -32.29 -17.57
CA ASN B 44 14.67 -31.35 -18.26
C ASN B 44 14.38 -29.91 -17.85
N ILE B 45 13.13 -29.60 -17.52
CA ILE B 45 12.75 -28.25 -17.08
C ILE B 45 11.83 -28.36 -15.87
N PRO B 46 11.88 -27.37 -14.92
CA PRO B 46 11.20 -27.53 -13.62
C PRO B 46 9.77 -26.99 -13.60
N LEU B 47 8.96 -27.42 -14.57
CA LEU B 47 7.60 -26.91 -14.73
C LEU B 47 6.58 -28.05 -14.72
N MET B 48 5.47 -27.83 -14.02
CA MET B 48 4.39 -28.81 -13.90
C MET B 48 3.05 -28.12 -14.16
N SER B 49 2.17 -28.79 -14.89
CA SER B 49 0.82 -28.30 -15.09
C SER B 49 -0.09 -28.85 -13.99
N ALA B 50 -0.91 -27.99 -13.40
CA ALA B 50 -1.69 -28.36 -12.22
C ALA B 50 -2.78 -29.39 -12.54
N SER B 51 -3.14 -30.19 -11.52
CA SER B 51 -4.22 -31.18 -11.68
C SER B 51 -5.56 -30.50 -11.41
N MET B 52 -6.09 -29.87 -12.46
CA MET B 52 -7.36 -29.17 -12.42
C MET B 52 -8.13 -29.49 -13.70
N ASP B 53 -9.46 -29.49 -13.61
CA ASP B 53 -10.23 -29.93 -14.76
C ASP B 53 -10.30 -28.89 -15.87
N THR B 54 -9.64 -27.74 -15.72
CA THR B 54 -9.49 -26.79 -16.80
C THR B 54 -8.02 -26.56 -17.15
N VAL B 55 -7.14 -27.51 -16.84
CA VAL B 55 -5.71 -27.33 -17.06
C VAL B 55 -5.07 -28.56 -17.70
N THR B 56 -5.19 -29.73 -17.07
CA THR B 56 -4.42 -30.90 -17.48
C THR B 56 -5.32 -32.11 -17.69
N GLU B 57 -5.55 -32.47 -18.94
CA GLU B 57 -5.88 -33.85 -19.30
C GLU B 57 -4.75 -34.34 -20.19
N SER B 58 -4.96 -35.42 -20.94
CA SER B 58 -3.82 -36.10 -21.54
C SER B 58 -3.10 -35.21 -22.55
N LYS B 59 -3.87 -34.44 -23.33
CA LYS B 59 -3.24 -33.57 -24.31
C LYS B 59 -2.30 -32.59 -23.64
N MET B 60 -2.63 -32.12 -22.44
CA MET B 60 -1.74 -31.20 -21.75
C MET B 60 -0.56 -31.93 -21.13
N ALA B 61 -0.79 -33.10 -20.57
CA ALA B 61 0.33 -33.83 -19.99
C ALA B 61 1.27 -34.36 -21.08
N ILE B 62 0.73 -34.67 -22.26
CA ILE B 62 1.60 -35.04 -23.38
C ILE B 62 2.51 -33.87 -23.76
N ALA B 63 1.91 -32.66 -23.87
CA ALA B 63 2.70 -31.52 -24.33
C ALA B 63 3.68 -31.07 -23.26
N MET B 64 3.25 -31.02 -21.99
CA MET B 64 4.16 -30.73 -20.90
C MET B 64 5.37 -31.66 -20.95
N ALA B 65 5.10 -32.96 -21.10
CA ALA B 65 6.17 -33.94 -21.14
C ALA B 65 7.11 -33.69 -22.32
N ARG B 66 6.55 -33.40 -23.50
CA ARG B 66 7.37 -33.13 -24.67
C ARG B 66 8.34 -31.98 -24.42
N GLU B 67 7.89 -30.95 -23.72
CA GLU B 67 8.71 -29.79 -23.39
C GLU B 67 9.77 -30.08 -22.34
N GLY B 68 9.79 -31.28 -21.76
CA GLY B 68 10.69 -31.59 -20.68
C GLY B 68 10.09 -31.41 -19.30
N GLY B 69 8.82 -31.08 -19.19
CA GLY B 69 8.12 -30.94 -17.93
C GLY B 69 7.32 -32.18 -17.58
N ILE B 70 6.24 -31.99 -16.82
CA ILE B 70 5.34 -33.07 -16.45
C ILE B 70 3.97 -32.48 -16.16
N GLY B 71 2.93 -33.28 -16.37
CA GLY B 71 1.58 -32.85 -16.06
C GLY B 71 0.92 -33.86 -15.14
N ILE B 72 0.05 -33.36 -14.28
CA ILE B 72 -0.75 -34.16 -13.37
C ILE B 72 -2.17 -34.19 -13.91
N ILE B 73 -2.60 -35.35 -14.41
CA ILE B 73 -3.98 -35.53 -14.82
C ILE B 73 -4.90 -35.41 -13.61
N HIS B 74 -5.87 -34.49 -13.70
CA HIS B 74 -6.82 -34.28 -12.61
C HIS B 74 -7.68 -35.52 -12.37
N LYS B 75 -8.32 -35.57 -11.21
CA LYS B 75 -9.09 -36.74 -10.79
C LYS B 75 -10.60 -36.52 -10.81
N ASN B 76 -11.07 -35.40 -11.37
CA ASN B 76 -12.51 -35.14 -11.44
C ASN B 76 -13.11 -35.88 -12.65
N MET B 77 -12.96 -37.19 -12.62
CA MET B 77 -13.41 -38.08 -13.69
C MET B 77 -13.39 -39.48 -13.12
N THR B 78 -14.06 -40.41 -13.80
CA THR B 78 -14.10 -41.77 -13.30
C THR B 78 -12.70 -42.35 -13.27
N ILE B 79 -12.51 -43.36 -12.42
CA ILE B 79 -11.23 -44.05 -12.35
C ILE B 79 -10.84 -44.59 -13.72
N GLU B 80 -11.84 -45.10 -14.46
CA GLU B 80 -11.56 -45.65 -15.78
C GLU B 80 -10.98 -44.59 -16.69
N ASP B 81 -11.66 -43.45 -16.82
CA ASP B 81 -11.21 -42.40 -17.73
C ASP B 81 -9.85 -41.83 -17.33
N GLN B 82 -9.56 -41.80 -16.03
CA GLN B 82 -8.25 -41.29 -15.62
C GLN B 82 -7.15 -42.26 -16.04
N ALA B 83 -7.40 -43.56 -15.93
CA ALA B 83 -6.41 -44.53 -16.42
C ALA B 83 -6.19 -44.35 -17.93
N ARG B 84 -7.28 -44.24 -18.70
CA ARG B 84 -7.18 -43.98 -20.13
C ARG B 84 -6.27 -42.77 -20.42
N GLU B 85 -6.51 -41.66 -19.73
CA GLU B 85 -5.75 -40.44 -19.99
C GLU B 85 -4.27 -40.64 -19.73
N VAL B 86 -3.93 -41.28 -18.60
CA VAL B 86 -2.54 -41.66 -18.35
C VAL B 86 -2.04 -42.53 -19.49
N ASP B 87 -2.77 -43.60 -19.79
CA ASP B 87 -2.37 -44.49 -20.86
C ASP B 87 -2.24 -43.72 -22.18
N ARG B 88 -3.15 -42.77 -22.44
CA ARG B 88 -3.03 -41.93 -23.62
C ARG B 88 -1.70 -41.19 -23.63
N VAL B 89 -1.18 -40.84 -22.46
CA VAL B 89 0.10 -40.13 -22.38
C VAL B 89 1.26 -41.09 -22.62
N LYS B 90 1.29 -42.21 -21.88
CA LYS B 90 2.42 -43.14 -21.97
C LYS B 90 2.62 -43.69 -23.37
N ARG B 91 1.53 -43.91 -24.12
CA ARG B 91 1.66 -44.43 -25.48
C ARG B 91 2.49 -43.51 -26.37
N SER B 92 2.53 -42.22 -26.06
CA SER B 92 3.04 -41.21 -26.99
C SER B 92 4.54 -40.99 -26.80
N GLY B 93 5.29 -42.08 -26.90
CA GLY B 93 6.74 -42.01 -26.81
C GLY B 93 7.31 -42.21 -25.44
N GLY B 94 6.63 -42.97 -24.57
CA GLY B 94 7.13 -43.22 -23.22
C GLY B 94 7.35 -41.98 -22.39
N LEU B 95 6.53 -40.95 -22.59
CA LEU B 95 6.66 -39.70 -21.85
C LEU B 95 6.33 -39.92 -20.36
N LEU B 96 6.72 -38.94 -19.55
CA LEU B 96 6.43 -38.94 -18.12
C LEU B 96 5.03 -38.41 -17.85
N CYS B 97 4.35 -39.03 -16.89
CA CYS B 97 2.96 -38.69 -16.58
C CYS B 97 2.75 -38.77 -15.08
N GLY B 98 1.89 -37.89 -14.56
CA GLY B 98 1.48 -37.91 -13.17
C GLY B 98 -0.02 -38.07 -13.04
N ALA B 99 -0.47 -38.30 -11.81
CA ALA B 99 -1.88 -38.53 -11.57
C ALA B 99 -2.29 -38.00 -10.20
N SER B 100 -3.40 -37.28 -10.15
CA SER B 100 -3.95 -36.77 -8.90
C SER B 100 -4.78 -37.86 -8.23
N ILE B 101 -4.47 -38.17 -6.98
CA ILE B 101 -5.30 -39.04 -6.16
C ILE B 101 -5.82 -38.22 -4.97
N GLY B 102 -7.01 -38.55 -4.50
CA GLY B 102 -7.50 -37.86 -3.32
C GLY B 102 -7.69 -38.78 -2.13
N VAL B 103 -7.81 -38.21 -0.93
CA VAL B 103 -8.12 -39.02 0.24
C VAL B 103 -9.60 -39.37 0.20
N THR B 104 -9.94 -40.48 -0.47
CA THR B 104 -11.34 -40.85 -0.66
C THR B 104 -11.60 -42.29 -0.27
N ASN B 105 -12.79 -42.80 -0.57
CA ASN B 105 -13.04 -44.21 -0.34
C ASN B 105 -12.41 -45.06 -1.43
N ASP B 106 -12.65 -44.70 -2.70
CA ASP B 106 -12.08 -45.40 -3.85
C ASP B 106 -10.62 -45.03 -4.09
N MET B 107 -9.88 -44.68 -3.03
CA MET B 107 -8.51 -44.20 -3.21
C MET B 107 -7.60 -45.30 -3.78
N MET B 108 -7.60 -46.48 -3.16
CA MET B 108 -6.74 -47.54 -3.66
C MET B 108 -7.17 -47.99 -5.04
N GLU B 109 -8.48 -48.08 -5.27
CA GLU B 109 -9.01 -48.43 -6.57
C GLU B 109 -8.49 -47.48 -7.65
N ARG B 110 -8.56 -46.17 -7.39
CA ARG B 110 -8.03 -45.19 -8.33
C ARG B 110 -6.52 -45.39 -8.52
N VAL B 111 -5.79 -45.57 -7.42
CA VAL B 111 -4.35 -45.77 -7.51
C VAL B 111 -4.04 -47.04 -8.29
N ASP B 112 -4.73 -48.13 -7.94
CA ASP B 112 -4.59 -49.39 -8.67
C ASP B 112 -4.62 -49.20 -10.18
N ALA B 113 -5.56 -48.40 -10.68
CA ALA B 113 -5.72 -48.26 -12.12
C ALA B 113 -4.65 -47.37 -12.73
N VAL B 114 -4.27 -46.28 -12.06
CA VAL B 114 -3.26 -45.39 -12.67
C VAL B 114 -1.90 -46.08 -12.73
N VAL B 115 -1.58 -46.95 -11.77
CA VAL B 115 -0.31 -47.67 -11.86
C VAL B 115 -0.38 -48.74 -12.94
N LYS B 116 -1.55 -49.34 -13.17
CA LYS B 116 -1.69 -50.31 -14.25
C LYS B 116 -1.40 -49.67 -15.61
N ALA B 117 -1.76 -48.39 -15.77
CA ALA B 117 -1.40 -47.61 -16.95
C ALA B 117 0.00 -47.03 -16.85
N LYS B 118 0.77 -47.49 -15.86
CA LYS B 118 2.19 -47.18 -15.72
C LYS B 118 2.44 -45.68 -15.51
N VAL B 119 1.70 -45.09 -14.57
CA VAL B 119 1.97 -43.70 -14.21
C VAL B 119 3.30 -43.63 -13.47
N ASP B 120 4.00 -42.52 -13.63
CA ASP B 120 5.32 -42.38 -13.02
C ASP B 120 5.28 -41.85 -11.59
N VAL B 121 4.32 -40.96 -11.31
CA VAL B 121 4.20 -40.35 -9.99
C VAL B 121 2.72 -40.09 -9.74
N ILE B 122 2.30 -40.28 -8.50
CA ILE B 122 0.97 -39.86 -8.08
C ILE B 122 1.12 -38.67 -7.15
N VAL B 123 0.09 -37.85 -7.11
CA VAL B 123 0.05 -36.68 -6.23
C VAL B 123 -1.17 -36.85 -5.34
N LEU B 124 -0.94 -37.31 -4.12
CA LEU B 124 -2.01 -37.39 -3.10
C LEU B 124 -2.16 -36.00 -2.51
N ASP B 125 -3.11 -35.23 -3.04
CA ASP B 125 -3.27 -33.84 -2.64
C ASP B 125 -4.69 -33.59 -2.13
N THR B 126 -4.76 -32.84 -1.03
CA THR B 126 -6.03 -32.41 -0.46
C THR B 126 -5.89 -30.93 -0.07
N ALA B 127 -6.98 -30.36 0.43
CA ALA B 127 -6.94 -28.96 0.87
C ALA B 127 -5.94 -28.77 1.98
N HIS B 128 -5.84 -29.75 2.88
CA HIS B 128 -5.04 -29.65 4.10
C HIS B 128 -4.20 -30.93 4.20
N GLY B 129 -3.02 -30.89 3.58
CA GLY B 129 -2.20 -32.09 3.52
C GLY B 129 -1.50 -32.44 4.82
N HIS B 130 -1.41 -31.50 5.77
CA HIS B 130 -0.81 -31.78 7.07
C HIS B 130 -1.90 -32.32 7.99
N SER B 131 -2.34 -33.55 7.67
CA SER B 131 -3.56 -34.09 8.23
C SER B 131 -3.45 -35.60 8.30
N LYS B 132 -4.04 -36.18 9.35
CA LYS B 132 -3.98 -37.61 9.55
C LYS B 132 -4.37 -38.37 8.30
N GLY B 133 -5.36 -37.88 7.57
CA GLY B 133 -5.76 -38.52 6.33
C GLY B 133 -4.60 -38.66 5.35
N VAL B 134 -3.88 -37.58 5.09
CA VAL B 134 -2.81 -37.63 4.10
C VAL B 134 -1.68 -38.52 4.60
N ILE B 135 -1.23 -38.28 5.82
CA ILE B 135 -0.15 -39.09 6.39
C ILE B 135 -0.47 -40.56 6.23
N GLU B 136 -1.64 -40.96 6.72
CA GLU B 136 -2.06 -42.36 6.58
C GLU B 136 -2.25 -42.75 5.12
N GLY B 137 -2.73 -41.82 4.30
CA GLY B 137 -2.88 -42.13 2.89
C GLY B 137 -1.56 -42.48 2.25
N VAL B 138 -0.52 -41.68 2.51
CA VAL B 138 0.79 -41.95 1.93
C VAL B 138 1.27 -43.32 2.37
N LYS B 139 1.26 -43.58 3.68
CA LYS B 139 1.74 -44.86 4.18
C LYS B 139 1.04 -46.02 3.51
N ARG B 140 -0.29 -45.92 3.33
CA ARG B 140 -1.04 -47.02 2.71
C ARG B 140 -0.63 -47.22 1.24
N ILE B 141 -0.51 -46.12 0.48
CA ILE B 141 -0.06 -46.23 -0.90
C ILE B 141 1.32 -46.89 -0.96
N LYS B 142 2.28 -46.32 -0.22
CA LYS B 142 3.63 -46.87 -0.20
C LYS B 142 3.67 -48.32 0.25
N ALA B 143 2.74 -48.74 1.10
CA ALA B 143 2.73 -50.14 1.52
C ALA B 143 2.47 -51.06 0.33
N LYS B 144 1.49 -50.72 -0.51
CA LYS B 144 1.11 -51.61 -1.60
C LYS B 144 1.98 -51.42 -2.83
N TYR B 145 2.60 -50.24 -2.97
CA TYR B 145 3.44 -49.91 -4.14
C TYR B 145 4.68 -49.18 -3.67
N PRO B 146 5.64 -49.90 -3.09
CA PRO B 146 6.83 -49.23 -2.51
C PRO B 146 7.65 -48.41 -3.50
N GLU B 147 7.81 -48.87 -4.74
CA GLU B 147 8.66 -48.14 -5.69
C GLU B 147 7.95 -46.95 -6.32
N LEU B 148 6.62 -46.90 -6.25
CA LEU B 148 5.87 -45.83 -6.89
C LEU B 148 6.20 -44.49 -6.25
N GLN B 149 6.41 -43.48 -7.10
CA GLN B 149 6.76 -42.14 -6.63
C GLN B 149 5.50 -41.40 -6.16
N VAL B 150 5.57 -40.85 -4.96
CA VAL B 150 4.40 -40.23 -4.32
C VAL B 150 4.75 -38.82 -3.90
N ILE B 151 4.00 -37.84 -4.42
CA ILE B 151 4.05 -36.46 -3.99
C ILE B 151 2.82 -36.17 -3.12
N ALA B 152 3.04 -35.64 -1.93
CA ALA B 152 1.95 -35.29 -1.00
C ALA B 152 1.85 -33.77 -0.86
N GLY B 153 0.63 -33.26 -0.77
CA GLY B 153 0.40 -31.84 -0.52
C GLY B 153 -1.07 -31.63 -0.22
N ASN B 154 -1.45 -30.36 0.00
CA ASN B 154 -0.56 -29.19 0.09
C ASN B 154 -0.31 -28.75 1.52
N ILE B 155 0.88 -28.24 1.76
CA ILE B 155 1.26 -27.84 3.11
C ILE B 155 1.96 -26.50 3.04
N ALA B 156 2.20 -25.91 4.23
CA ALA B 156 2.85 -24.62 4.28
C ALA B 156 3.82 -24.45 5.45
N THR B 157 4.16 -25.51 6.18
CA THR B 157 5.09 -25.42 7.30
C THR B 157 6.16 -26.48 7.22
N PRO B 158 7.35 -26.20 7.75
CA PRO B 158 8.38 -27.26 7.83
C PRO B 158 7.93 -28.45 8.67
N GLU B 159 7.15 -28.21 9.73
CA GLU B 159 6.57 -29.31 10.49
C GLU B 159 5.81 -30.25 9.57
N ALA B 160 4.97 -29.69 8.70
CA ALA B 160 4.28 -30.51 7.70
C ALA B 160 5.28 -31.26 6.82
N VAL B 161 6.34 -30.58 6.39
CA VAL B 161 7.35 -31.22 5.53
C VAL B 161 7.95 -32.42 6.24
N ARG B 162 8.41 -32.22 7.46
CA ARG B 162 9.01 -33.32 8.21
C ARG B 162 8.03 -34.47 8.39
N ASP B 163 6.77 -34.16 8.74
CA ASP B 163 5.79 -35.21 9.01
C ASP B 163 5.39 -35.96 7.75
N LEU B 164 5.20 -35.24 6.63
CA LEU B 164 4.93 -35.93 5.38
C LEU B 164 6.11 -36.78 4.96
N ALA B 165 7.33 -36.26 5.18
CA ALA B 165 8.52 -37.04 4.84
C ALA B 165 8.55 -38.35 5.60
N GLU B 166 8.22 -38.31 6.89
CA GLU B 166 8.26 -39.50 7.74
C GLU B 166 7.15 -40.49 7.44
N ALA B 167 6.14 -40.12 6.65
CA ALA B 167 5.14 -41.08 6.21
C ALA B 167 5.59 -41.86 4.98
N GLY B 168 6.58 -41.35 4.25
CA GLY B 168 7.03 -41.98 3.03
C GLY B 168 6.87 -41.12 1.78
N ALA B 169 6.42 -39.87 1.86
CA ALA B 169 6.25 -39.10 0.65
C ALA B 169 7.60 -38.89 -0.05
N ASP B 170 7.62 -39.05 -1.39
CA ASP B 170 8.87 -38.84 -2.10
C ASP B 170 9.12 -37.37 -2.39
N CYS B 171 8.14 -36.51 -2.16
CA CYS B 171 8.19 -35.09 -2.51
C CYS B 171 6.94 -34.45 -1.93
N VAL B 172 7.04 -33.20 -1.48
CA VAL B 172 5.89 -32.53 -0.86
C VAL B 172 5.58 -31.25 -1.62
N LYS B 173 4.29 -30.93 -1.71
CA LYS B 173 3.79 -29.79 -2.48
C LYS B 173 3.39 -28.65 -1.55
N VAL B 174 3.90 -27.47 -1.81
CA VAL B 174 3.75 -26.32 -0.93
C VAL B 174 2.76 -25.33 -1.56
N GLY B 175 1.78 -24.88 -0.76
CA GLY B 175 0.79 -23.91 -1.21
C GLY B 175 -0.57 -24.02 -0.56
N ILE B 176 -0.89 -23.11 0.36
CA ILE B 176 -2.22 -23.03 0.93
C ILE B 176 -2.71 -21.60 0.73
N GLY B 177 -3.55 -21.41 -0.31
CA GLY B 177 -4.14 -20.13 -0.60
C GLY B 177 -3.51 -19.18 -1.62
N PRO B 178 -2.36 -19.48 -2.23
CA PRO B 178 -1.83 -18.54 -3.23
C PRO B 178 -2.59 -18.58 -4.53
N GLY B 179 -3.36 -19.63 -4.75
CA GLY B 179 -4.03 -19.86 -6.01
C GLY B 179 -4.77 -18.66 -6.56
N SER B 180 -4.55 -18.39 -7.86
CA SER B 180 -5.22 -17.25 -8.48
C SER B 180 -6.73 -17.39 -8.42
N ILE B 181 -7.25 -18.62 -8.41
CA ILE B 181 -8.69 -18.86 -8.34
C ILE B 181 -9.12 -19.25 -6.93
N CYS B 182 -8.27 -19.00 -5.94
CA CYS B 182 -8.47 -19.57 -4.62
C CYS B 182 -9.10 -18.54 -3.69
N THR B 183 -10.05 -19.02 -2.85
CA THR B 183 -10.62 -18.18 -1.78
C THR B 183 -10.45 -18.81 -0.41
N THR B 184 -9.52 -19.76 -0.27
CA THR B 184 -9.27 -20.41 1.02
C THR B 184 -8.94 -19.37 2.09
N ARG B 185 -8.07 -18.40 1.75
CA ARG B 185 -7.66 -17.39 2.72
C ARG B 185 -8.81 -16.45 3.07
N ILE B 186 -9.71 -16.21 2.12
CA ILE B 186 -10.91 -15.41 2.38
C ILE B 186 -11.87 -16.18 3.28
N VAL B 187 -12.13 -17.44 2.93
CA VAL B 187 -13.21 -18.23 3.53
C VAL B 187 -12.81 -18.77 4.90
N ALA B 188 -11.55 -19.17 5.04
CA ALA B 188 -11.06 -19.83 6.25
C ALA B 188 -10.03 -19.01 7.02
N GLY B 189 -9.46 -17.97 6.42
CA GLY B 189 -8.49 -17.11 7.10
C GLY B 189 -7.12 -17.71 7.29
N VAL B 190 -6.78 -18.71 6.48
CA VAL B 190 -5.66 -19.61 6.69
C VAL B 190 -4.74 -19.53 5.48
N GLY B 191 -3.44 -19.57 5.73
CA GLY B 191 -2.49 -19.60 4.63
C GLY B 191 -1.15 -19.06 5.07
N VAL B 192 -0.17 -19.21 4.18
CA VAL B 192 1.14 -18.59 4.36
C VAL B 192 1.56 -17.97 3.03
N PRO B 193 1.94 -16.70 3.01
CA PRO B 193 2.47 -16.10 1.76
C PRO B 193 3.50 -17.01 1.11
N GLN B 194 3.32 -17.25 -0.21
CA GLN B 194 3.87 -18.42 -0.86
C GLN B 194 5.40 -18.42 -0.90
N LEU B 195 6.03 -17.24 -0.98
CA LEU B 195 7.48 -17.22 -1.03
C LEU B 195 8.08 -17.60 0.32
N THR B 196 7.50 -17.10 1.43
CA THR B 196 7.98 -17.52 2.74
C THR B 196 7.71 -19.01 2.99
N ALA B 197 6.58 -19.53 2.50
CA ALA B 197 6.31 -20.95 2.74
C ALA B 197 7.32 -21.84 2.01
N VAL B 198 7.52 -21.61 0.71
CA VAL B 198 8.48 -22.41 -0.07
C VAL B 198 9.86 -22.38 0.59
N MET B 199 10.30 -21.19 1.02
CA MET B 199 11.60 -21.04 1.67
C MET B 199 11.71 -21.88 2.93
N ASP B 200 10.80 -21.66 3.91
CA ASP B 200 10.90 -22.41 5.16
C ASP B 200 10.70 -23.90 4.90
N CYS B 201 9.90 -24.24 3.89
CA CYS B 201 9.66 -25.63 3.57
C CYS B 201 10.82 -26.25 2.81
N ALA B 202 11.34 -25.57 1.79
CA ALA B 202 12.52 -26.09 1.11
C ALA B 202 13.67 -26.25 2.10
N GLU B 203 13.87 -25.27 2.96
CA GLU B 203 14.94 -25.33 3.96
C GLU B 203 14.86 -26.64 4.75
N GLU B 204 13.69 -26.96 5.29
CA GLU B 204 13.54 -28.24 5.98
C GLU B 204 13.69 -29.40 5.01
N GLY B 205 13.03 -29.31 3.85
CA GLY B 205 13.05 -30.41 2.89
C GLY B 205 14.43 -30.79 2.42
N LYS B 206 15.29 -29.79 2.20
CA LYS B 206 16.67 -30.10 1.81
C LYS B 206 17.43 -30.78 2.94
N LYS B 207 17.16 -30.44 4.20
CA LYS B 207 17.85 -31.13 5.29
C LYS B 207 17.43 -32.60 5.38
N LEU B 208 16.30 -32.96 4.79
CA LEU B 208 15.80 -34.33 4.81
C LEU B 208 16.03 -35.05 3.49
N GLY B 209 16.55 -34.35 2.49
CA GLY B 209 16.71 -34.95 1.19
C GLY B 209 15.41 -35.17 0.47
N ILE B 210 14.44 -34.27 0.64
CA ILE B 210 13.14 -34.40 0.00
C ILE B 210 12.81 -33.10 -0.73
N PRO B 211 12.55 -33.15 -2.03
CA PRO B 211 12.20 -31.94 -2.76
C PRO B 211 10.83 -31.42 -2.36
N VAL B 212 10.64 -30.11 -2.59
CA VAL B 212 9.35 -29.46 -2.39
C VAL B 212 8.97 -28.77 -3.68
N ILE B 213 7.68 -28.72 -3.97
CA ILE B 213 7.17 -28.11 -5.20
C ILE B 213 6.45 -26.81 -4.85
N ALA B 214 6.84 -25.73 -5.52
CA ALA B 214 6.15 -24.45 -5.37
C ALA B 214 4.88 -24.47 -6.22
N ASP B 215 3.73 -24.61 -5.56
CA ASP B 215 2.44 -24.76 -6.22
C ASP B 215 1.55 -23.57 -5.90
N GLY B 216 1.15 -22.84 -6.94
CA GLY B 216 0.13 -21.81 -6.85
C GLY B 216 0.70 -20.41 -6.68
N GLY B 217 0.02 -19.44 -7.27
CA GLY B 217 0.36 -18.06 -7.07
C GLY B 217 1.35 -17.48 -8.05
N LEU B 218 1.84 -18.28 -9.00
CA LEU B 218 2.82 -17.83 -9.97
C LEU B 218 2.12 -17.06 -11.09
N LYS B 219 2.51 -15.80 -11.27
CA LYS B 219 1.94 -14.99 -12.35
C LYS B 219 2.87 -14.82 -13.53
N TYR B 220 4.17 -14.64 -13.30
CA TYR B 220 5.14 -14.43 -14.37
C TYR B 220 6.34 -15.35 -14.22
N SER B 221 7.19 -15.34 -15.26
CA SER B 221 8.37 -16.19 -15.25
C SER B 221 9.32 -15.82 -14.11
N GLY B 222 9.44 -14.52 -13.81
CA GLY B 222 10.28 -14.11 -12.69
C GLY B 222 9.86 -14.73 -11.38
N ASP B 223 8.57 -15.03 -11.22
CA ASP B 223 8.12 -15.70 -10.00
C ASP B 223 8.69 -17.11 -9.92
N ILE B 224 8.72 -17.81 -11.06
CA ILE B 224 9.32 -19.15 -11.07
C ILE B 224 10.76 -19.07 -10.60
N VAL B 225 11.51 -18.05 -11.06
CA VAL B 225 12.90 -17.91 -10.64
C VAL B 225 12.97 -17.72 -9.14
N LYS B 226 12.13 -16.83 -8.59
CA LYS B 226 12.06 -16.67 -7.15
C LYS B 226 11.80 -18.00 -6.44
N ALA B 227 10.84 -18.76 -6.94
CA ALA B 227 10.49 -20.02 -6.26
C ALA B 227 11.66 -20.99 -6.28
N LEU B 228 12.46 -20.97 -7.35
CA LEU B 228 13.59 -21.89 -7.48
C LEU B 228 14.80 -21.40 -6.71
N ALA B 229 15.07 -20.08 -6.72
CA ALA B 229 16.09 -19.51 -5.83
C ALA B 229 15.80 -19.83 -4.37
N ALA B 230 14.51 -19.82 -4.00
CA ALA B 230 14.06 -20.17 -2.66
C ALA B 230 14.27 -21.64 -2.33
N GLY B 231 14.34 -22.51 -3.33
CA GLY B 231 14.70 -23.89 -3.08
C GLY B 231 13.72 -24.92 -3.60
N ALA B 232 12.70 -24.52 -4.37
CA ALA B 232 11.80 -25.51 -4.95
C ALA B 232 12.53 -26.31 -6.03
N CYS B 233 12.20 -27.61 -6.12
CA CYS B 233 12.71 -28.40 -7.23
C CYS B 233 11.92 -28.15 -8.50
N ALA B 234 10.68 -27.70 -8.39
CA ALA B 234 9.84 -27.44 -9.55
C ALA B 234 8.77 -26.43 -9.15
N ALA B 235 8.00 -26.01 -10.14
CA ALA B 235 6.98 -24.99 -9.96
C ALA B 235 5.74 -25.45 -10.69
N MET B 236 4.59 -25.39 -10.01
CA MET B 236 3.34 -25.87 -10.59
C MET B 236 2.40 -24.70 -10.84
N MET B 237 1.86 -24.63 -12.05
CA MET B 237 1.04 -23.50 -12.50
C MET B 237 -0.31 -23.99 -13.00
N GLY B 238 -1.35 -23.22 -12.68
CA GLY B 238 -2.64 -23.44 -13.28
C GLY B 238 -2.94 -22.29 -14.22
N SER B 239 -3.01 -21.08 -13.67
CA SER B 239 -3.31 -19.88 -14.45
C SER B 239 -2.44 -19.76 -15.71
N ILE B 240 -1.14 -19.97 -15.57
CA ILE B 240 -0.23 -19.64 -16.67
C ILE B 240 -0.46 -20.55 -17.88
N PHE B 241 -0.86 -21.81 -17.63
CA PHE B 241 -1.12 -22.81 -18.65
C PHE B 241 -2.57 -22.91 -19.08
N ALA B 242 -3.52 -22.35 -18.31
CA ALA B 242 -4.92 -22.72 -18.48
C ALA B 242 -5.58 -22.05 -19.66
N GLY B 243 -4.96 -21.01 -20.22
CA GLY B 243 -5.39 -20.43 -21.47
C GLY B 243 -4.80 -21.06 -22.72
N CYS B 244 -4.03 -22.14 -22.58
CA CYS B 244 -3.35 -22.74 -23.72
C CYS B 244 -4.24 -23.76 -24.43
N GLU B 245 -3.87 -24.05 -25.68
CA GLU B 245 -4.66 -24.90 -26.56
C GLU B 245 -4.92 -26.26 -25.94
N GLU B 246 -3.95 -26.79 -25.20
CA GLU B 246 -4.04 -28.15 -24.68
C GLU B 246 -4.89 -28.27 -23.41
N ALA B 247 -5.38 -27.17 -22.84
CA ALA B 247 -6.17 -27.26 -21.61
C ALA B 247 -7.65 -27.45 -21.95
N PRO B 248 -8.37 -28.23 -21.15
CA PRO B 248 -9.81 -28.44 -21.41
C PRO B 248 -10.63 -27.22 -21.05
N GLY B 249 -11.74 -27.06 -21.79
CA GLY B 249 -12.65 -25.94 -21.57
C GLY B 249 -12.96 -25.23 -22.87
N ALA B 250 -14.14 -24.63 -22.93
CA ALA B 250 -14.60 -23.98 -24.14
C ALA B 250 -14.04 -22.55 -24.27
N ILE B 251 -13.78 -22.14 -25.51
CA ILE B 251 -13.45 -20.75 -25.80
C ILE B 251 -14.74 -19.95 -25.86
N GLU B 252 -14.77 -18.84 -25.14
CA GLU B 252 -15.82 -17.85 -25.29
C GLU B 252 -15.22 -16.55 -25.80
N ILE B 253 -15.99 -15.85 -26.62
CA ILE B 253 -15.54 -14.61 -27.23
C ILE B 253 -16.26 -13.46 -26.54
N TYR B 254 -15.48 -12.46 -26.13
CA TYR B 254 -15.98 -11.27 -25.45
C TYR B 254 -15.34 -10.07 -26.13
N GLN B 255 -16.16 -9.29 -26.85
CA GLN B 255 -15.68 -8.11 -27.57
C GLN B 255 -14.55 -8.46 -28.53
N GLY B 256 -14.79 -9.48 -29.36
CA GLY B 256 -13.82 -9.86 -30.38
C GLY B 256 -12.51 -10.41 -29.89
N ARG B 257 -12.45 -10.83 -28.62
CA ARG B 257 -11.27 -11.49 -28.06
C ARG B 257 -11.66 -12.87 -27.57
N SER B 258 -10.69 -13.79 -27.53
CA SER B 258 -10.95 -15.18 -27.18
C SER B 258 -10.50 -15.42 -25.74
N TYR B 259 -11.44 -15.87 -24.91
CA TYR B 259 -11.14 -16.23 -23.53
C TYR B 259 -11.38 -17.72 -23.34
N LYS B 260 -10.98 -18.22 -22.16
CA LYS B 260 -11.03 -19.65 -21.85
C LYS B 260 -11.44 -19.83 -20.40
N VAL B 261 -12.38 -20.75 -20.13
CA VAL B 261 -12.81 -20.96 -18.76
C VAL B 261 -11.62 -21.44 -17.91
N TYR B 262 -11.58 -21.00 -16.65
CA TYR B 262 -10.61 -21.52 -15.67
C TYR B 262 -11.24 -21.36 -14.30
N ARG B 263 -11.25 -22.44 -13.52
CA ARG B 263 -11.94 -22.41 -12.23
C ARG B 263 -11.15 -23.18 -11.19
N GLY B 264 -11.39 -22.85 -9.92
CA GLY B 264 -10.80 -23.63 -8.84
C GLY B 264 -11.49 -24.98 -8.69
N MET B 265 -10.73 -25.97 -8.24
CA MET B 265 -11.29 -27.29 -7.99
C MET B 265 -12.24 -27.27 -6.80
N GLY B 266 -12.10 -26.28 -5.92
CA GLY B 266 -13.04 -26.08 -4.83
C GLY B 266 -14.13 -25.09 -5.13
N SER B 267 -14.26 -24.65 -6.39
CA SER B 267 -15.35 -23.78 -6.80
C SER B 267 -16.63 -24.58 -6.97
N LEU B 268 -17.75 -23.86 -7.09
CA LEU B 268 -19.04 -24.52 -7.24
C LEU B 268 -19.07 -25.41 -8.49
N GLY B 269 -18.67 -24.87 -9.64
CA GLY B 269 -18.74 -25.63 -10.87
C GLY B 269 -17.94 -26.92 -10.82
N ALA B 270 -16.77 -26.86 -10.17
CA ALA B 270 -15.89 -28.03 -10.14
C ALA B 270 -16.45 -29.13 -9.27
N MET B 271 -16.87 -28.79 -8.05
CA MET B 271 -17.43 -29.79 -7.16
C MET B 271 -18.72 -30.38 -7.69
N ALA B 272 -19.47 -29.62 -8.49
CA ALA B 272 -20.65 -30.19 -9.13
C ALA B 272 -20.26 -31.03 -10.36
N LYS B 286 -26.37 -27.74 0.11
CA LYS B 286 -25.47 -26.77 -0.50
C LYS B 286 -24.00 -27.19 -0.35
N PHE B 287 -23.08 -26.39 -0.90
CA PHE B 287 -21.65 -26.52 -0.71
C PHE B 287 -21.08 -25.20 -0.22
N VAL B 288 -19.89 -25.25 0.38
CA VAL B 288 -19.19 -24.03 0.78
C VAL B 288 -17.86 -23.94 0.03
N PRO B 289 -17.85 -23.34 -1.15
CA PRO B 289 -16.67 -23.41 -2.02
C PRO B 289 -15.47 -22.68 -1.44
N GLU B 290 -14.30 -23.01 -1.98
CA GLU B 290 -13.06 -22.33 -1.64
C GLU B 290 -12.29 -21.96 -2.91
N GLY B 291 -13.04 -21.80 -4.01
CA GLY B 291 -12.51 -21.25 -5.23
C GLY B 291 -13.63 -20.55 -5.98
N VAL B 292 -13.24 -19.87 -7.05
CA VAL B 292 -14.17 -19.16 -7.91
C VAL B 292 -14.03 -19.72 -9.31
N GLU B 293 -14.86 -19.22 -10.22
CA GLU B 293 -14.94 -19.71 -11.59
C GLU B 293 -14.95 -18.52 -12.54
N GLY B 294 -14.22 -18.63 -13.64
CA GLY B 294 -14.13 -17.51 -14.55
C GLY B 294 -13.45 -17.85 -15.86
N ARG B 295 -12.95 -16.80 -16.52
CA ARG B 295 -12.36 -16.91 -17.84
C ARG B 295 -11.03 -16.15 -17.89
N ILE B 296 -10.15 -16.57 -18.81
CA ILE B 296 -8.84 -15.97 -18.96
C ILE B 296 -8.48 -15.91 -20.44
N ALA B 297 -7.54 -15.02 -20.76
CA ALA B 297 -7.11 -14.84 -22.13
C ALA B 297 -6.52 -16.12 -22.70
N TYR B 298 -7.05 -16.53 -23.85
CA TYR B 298 -6.52 -17.66 -24.59
C TYR B 298 -5.10 -17.37 -25.08
N LYS B 299 -4.15 -18.25 -24.75
CA LYS B 299 -2.74 -18.01 -25.04
C LYS B 299 -2.19 -18.79 -26.22
N GLY B 300 -2.92 -19.75 -26.77
CA GLY B 300 -2.39 -20.51 -27.91
C GLY B 300 -1.60 -21.72 -27.50
N HIS B 301 -0.60 -22.12 -28.28
CA HIS B 301 0.07 -23.39 -28.02
C HIS B 301 0.92 -23.34 -26.74
N LEU B 302 0.83 -24.41 -25.96
CA LEU B 302 1.65 -24.56 -24.75
C LEU B 302 3.11 -24.26 -25.01
N ALA B 303 3.66 -24.81 -26.09
CA ALA B 303 5.08 -24.68 -26.37
C ALA B 303 5.51 -23.22 -26.40
N ASP B 304 4.62 -22.34 -26.90
CA ASP B 304 4.93 -20.92 -26.93
C ASP B 304 4.96 -20.31 -25.54
N THR B 305 4.00 -20.68 -24.67
CA THR B 305 4.05 -20.21 -23.29
C THR B 305 5.29 -20.72 -22.57
N ILE B 306 5.60 -22.01 -22.73
CA ILE B 306 6.77 -22.60 -22.09
C ILE B 306 8.03 -21.90 -22.57
N TYR B 307 8.05 -21.50 -23.84
CA TYR B 307 9.25 -20.86 -24.36
C TYR B 307 9.49 -19.56 -23.62
N GLN B 308 8.45 -18.76 -23.43
CA GLN B 308 8.59 -17.52 -22.67
C GLN B 308 9.04 -17.79 -21.22
N LEU B 309 8.37 -18.69 -20.51
CA LEU B 309 8.76 -19.00 -19.14
C LEU B 309 10.20 -19.47 -19.06
N ILE B 310 10.62 -20.30 -20.02
CA ILE B 310 11.97 -20.87 -20.03
C ILE B 310 13.00 -19.77 -20.31
N GLY B 311 12.75 -18.96 -21.33
CA GLY B 311 13.62 -17.82 -21.55
C GLY B 311 13.77 -16.98 -20.31
N GLY B 312 12.64 -16.72 -19.62
CA GLY B 312 12.69 -15.89 -18.45
C GLY B 312 13.57 -16.50 -17.38
N ILE B 313 13.46 -17.82 -17.19
CA ILE B 313 14.24 -18.45 -16.14
C ILE B 313 15.72 -18.36 -16.47
N LYS B 314 16.09 -18.75 -17.70
CA LYS B 314 17.48 -18.67 -18.12
C LYS B 314 18.01 -17.24 -17.99
N SER B 315 17.17 -16.26 -18.30
CA SER B 315 17.60 -14.87 -18.15
C SER B 315 17.94 -14.56 -16.69
N GLY B 316 17.05 -14.95 -15.76
CA GLY B 316 17.30 -14.69 -14.36
C GLY B 316 18.52 -15.42 -13.83
N MET B 317 18.72 -16.67 -14.26
CA MET B 317 19.90 -17.42 -13.83
C MET B 317 21.20 -16.83 -14.38
N GLY B 318 21.16 -16.29 -15.60
CA GLY B 318 22.33 -15.59 -16.12
C GLY B 318 22.67 -14.35 -15.31
N TYR B 319 21.66 -13.54 -15.00
CA TYR B 319 21.79 -12.40 -14.08
C TYR B 319 22.46 -12.78 -12.76
N LEU B 320 22.26 -14.03 -12.31
CA LEU B 320 22.73 -14.45 -10.99
C LEU B 320 23.96 -15.34 -11.08
N GLY B 321 24.55 -15.49 -12.26
CA GLY B 321 25.75 -16.29 -12.46
C GLY B 321 25.60 -17.78 -12.22
N ALA B 322 24.37 -18.30 -12.21
CA ALA B 322 24.16 -19.70 -11.84
C ALA B 322 24.00 -20.60 -13.07
N PRO B 323 24.95 -21.51 -13.34
CA PRO B 323 24.77 -22.45 -14.45
C PRO B 323 23.83 -23.61 -14.15
N THR B 324 23.42 -23.82 -12.90
CA THR B 324 22.51 -24.91 -12.55
C THR B 324 21.55 -24.43 -11.46
N LEU B 325 20.45 -25.17 -11.30
CA LEU B 325 19.46 -24.79 -10.30
C LEU B 325 20.05 -24.80 -8.90
N GLU B 326 20.89 -25.79 -8.61
CA GLU B 326 21.49 -25.87 -7.28
C GLU B 326 22.41 -24.68 -7.02
N ASN B 327 23.18 -24.28 -8.02
CA ASN B 327 24.00 -23.07 -7.86
C ASN B 327 23.13 -21.82 -7.71
N LEU B 328 21.98 -21.79 -8.39
CA LEU B 328 21.02 -20.69 -8.22
C LEU B 328 20.49 -20.63 -6.78
N TYR B 329 20.27 -21.79 -6.18
CA TYR B 329 19.78 -21.81 -4.80
C TYR B 329 20.84 -21.32 -3.82
N GLU B 330 22.11 -21.65 -4.07
CA GLU B 330 23.17 -21.37 -3.11
C GLU B 330 23.60 -19.91 -3.08
N ASN B 331 23.44 -19.18 -4.19
CA ASN B 331 23.99 -17.84 -4.32
C ASN B 331 22.91 -16.78 -4.48
N ALA B 332 21.67 -17.09 -4.15
CA ALA B 332 20.58 -16.14 -4.32
C ALA B 332 20.50 -15.20 -3.12
N ASN B 333 20.37 -13.91 -3.39
CA ASN B 333 20.20 -12.89 -2.37
C ASN B 333 18.90 -12.14 -2.66
N PHE B 334 17.95 -12.23 -1.74
CA PHE B 334 16.70 -11.51 -1.82
C PHE B 334 16.80 -10.20 -1.08
N VAL B 335 16.05 -9.21 -1.56
CA VAL B 335 15.82 -7.95 -0.87
C VAL B 335 14.32 -7.68 -0.89
N VAL B 336 13.78 -7.16 0.20
CA VAL B 336 12.37 -6.82 0.25
C VAL B 336 12.17 -5.45 -0.39
N GLN B 337 11.12 -5.33 -1.21
CA GLN B 337 10.68 -4.05 -1.76
C GLN B 337 9.35 -3.63 -1.12
N THR B 338 9.18 -2.32 -0.93
CA THR B 338 7.94 -1.76 -0.46
C THR B 338 6.92 -1.72 -1.59
N SER B 339 5.71 -1.24 -1.28
CA SER B 339 4.74 -1.01 -2.35
C SER B 339 5.27 0.02 -3.36
N ALA B 340 6.18 0.92 -2.94
CA ALA B 340 6.80 1.82 -3.90
C ALA B 340 7.79 1.08 -4.81
N GLY B 341 8.64 0.24 -4.21
CA GLY B 341 9.47 -0.62 -5.03
C GLY B 341 8.65 -1.45 -6.00
N PHE B 342 7.45 -1.84 -5.58
CA PHE B 342 6.60 -2.67 -6.42
C PHE B 342 6.15 -1.91 -7.67
N ARG B 343 5.84 -0.62 -7.55
CA ARG B 343 5.43 0.16 -8.71
C ARG B 343 6.59 0.43 -9.66
N GLU B 344 7.81 0.54 -9.12
CA GLU B 344 9.00 0.66 -9.98
C GLU B 344 9.27 -0.64 -10.73
N SER B 345 8.87 -1.79 -10.17
CA SER B 345 9.21 -3.11 -10.67
C SER B 345 8.21 -3.66 -11.69
N HIS B 346 7.30 -2.82 -12.16
CA HIS B 346 6.41 -3.07 -13.29
C HIS B 346 6.52 -1.87 -14.21
N PRO B 347 6.25 -2.04 -15.50
CA PRO B 347 6.17 -0.87 -16.40
C PRO B 347 5.33 0.23 -15.76
N HIS B 348 5.77 1.48 -15.91
CA HIS B 348 5.10 2.56 -15.20
C HIS B 348 5.23 3.89 -15.92
N ASP B 349 4.18 4.69 -15.83
CA ASP B 349 4.12 6.02 -16.46
C ASP B 349 4.20 5.88 -17.97
N ILE B 350 3.46 4.92 -18.51
CA ILE B 350 3.35 4.72 -19.95
C ILE B 350 2.04 4.01 -20.23
N ASN B 351 1.41 4.37 -21.35
CA ASN B 351 0.25 3.65 -21.88
C ASN B 351 0.75 2.59 -22.85
N ILE B 352 0.80 1.34 -22.38
CA ILE B 352 1.29 0.26 -23.22
C ILE B 352 0.33 0.06 -24.38
N THR B 353 0.88 0.12 -25.61
CA THR B 353 0.07 0.02 -26.82
C THR B 353 0.18 -1.32 -27.54
N LYS B 354 1.24 -2.09 -27.30
CA LYS B 354 1.41 -3.40 -27.90
C LYS B 354 1.44 -4.47 -26.82
N GLU B 355 0.94 -5.65 -27.16
CA GLU B 355 0.91 -6.77 -26.23
C GLU B 355 2.25 -7.49 -26.25
N ALA B 356 2.81 -7.72 -25.06
CA ALA B 356 4.02 -8.47 -24.78
C ALA B 356 3.67 -9.94 -24.57
N PRO B 357 4.50 -10.85 -25.09
CA PRO B 357 4.20 -12.29 -24.93
C PRO B 357 4.43 -12.79 -23.52
N ASN B 358 5.13 -12.03 -22.67
CA ASN B 358 5.41 -12.45 -21.30
C ASN B 358 4.93 -11.45 -20.25
N TYR B 359 4.07 -10.51 -20.63
CA TYR B 359 3.55 -9.52 -19.67
C TYR B 359 2.16 -9.07 -20.08
N SER B 360 1.21 -9.23 -19.17
CA SER B 360 -0.21 -8.94 -19.41
C SER B 360 -0.72 -9.57 -20.70
N ARG C 6 22.29 5.96 5.51
CA ARG C 6 21.96 7.38 5.37
C ARG C 6 20.46 7.58 5.54
N ILE C 7 19.73 6.47 5.65
CA ILE C 7 18.31 6.52 5.97
C ILE C 7 18.18 6.63 7.50
N LEU C 8 17.67 7.78 7.95
CA LEU C 8 17.66 8.04 9.38
C LEU C 8 16.60 7.20 10.10
N LYS C 9 15.38 7.16 9.56
CA LYS C 9 14.25 6.62 10.30
C LYS C 9 13.01 6.63 9.41
N THR C 10 12.03 5.81 9.79
CA THR C 10 10.69 5.93 9.22
C THR C 10 9.92 7.06 9.89
N ALA C 11 9.30 7.92 9.10
CA ALA C 11 8.55 9.05 9.60
C ALA C 11 7.09 8.92 9.19
N TYR C 12 6.20 9.42 10.05
CA TYR C 12 4.77 9.15 9.92
C TYR C 12 3.97 10.41 9.63
N THR C 13 2.86 10.21 8.96
CA THR C 13 1.88 11.28 8.79
C THR C 13 0.59 10.82 9.49
N PHE C 14 -0.50 11.57 9.29
CA PHE C 14 -1.65 11.45 10.18
C PHE C 14 -2.39 10.13 9.98
N ASP C 15 -2.61 9.75 8.71
CA ASP C 15 -3.26 8.48 8.37
C ASP C 15 -2.45 7.26 8.79
N ASP C 16 -1.19 7.42 9.19
CA ASP C 16 -0.39 6.30 9.68
C ASP C 16 -0.76 5.86 11.08
N VAL C 17 -1.49 6.69 11.84
CA VAL C 17 -1.60 6.48 13.28
C VAL C 17 -3.05 6.60 13.75
N LEU C 18 -3.30 6.02 14.93
CA LEU C 18 -4.52 6.24 15.67
C LEU C 18 -4.22 6.55 17.13
N LEU C 19 -5.11 7.33 17.75
CA LEU C 19 -5.07 7.55 19.20
C LEU C 19 -5.85 6.44 19.90
N VAL C 20 -5.26 5.87 20.94
CA VAL C 20 -5.91 4.79 21.69
C VAL C 20 -6.86 5.41 22.71
N PRO C 21 -8.10 4.91 22.82
CA PRO C 21 -9.02 5.42 23.82
C PRO C 21 -8.43 5.35 25.22
N ASN C 22 -8.83 6.31 26.06
CA ASN C 22 -8.51 6.31 27.48
C ASN C 22 -9.79 6.24 28.32
N LYS C 23 -9.61 5.78 29.56
CA LYS C 23 -10.63 5.99 30.59
C LYS C 23 -11.00 7.48 30.63
N SER C 24 -12.30 7.76 30.72
CA SER C 24 -12.79 9.12 30.68
C SER C 24 -13.88 9.36 31.72
N GLU C 25 -13.82 10.50 32.41
CA GLU C 25 -14.91 11.00 33.23
C GLU C 25 -15.56 12.22 32.63
N VAL C 26 -15.21 12.60 31.41
CA VAL C 26 -15.76 13.80 30.81
C VAL C 26 -16.39 13.44 29.48
N LEU C 27 -17.52 14.06 29.20
CA LEU C 27 -18.23 13.96 27.95
C LEU C 27 -17.65 14.94 26.95
N PRO C 28 -17.91 14.75 25.65
CA PRO C 28 -17.42 15.72 24.67
C PRO C 28 -17.88 17.13 24.94
N ASN C 29 -19.10 17.34 25.47
CA ASN C 29 -19.52 18.71 25.68
C ASN C 29 -18.94 19.33 26.94
N GLU C 30 -18.07 18.60 27.66
CA GLU C 30 -17.39 19.13 28.84
C GLU C 30 -15.98 19.65 28.53
N VAL C 31 -15.36 19.16 27.46
CA VAL C 31 -13.96 19.47 27.22
C VAL C 31 -13.81 20.93 26.79
N SER C 32 -12.71 21.54 27.18
CA SER C 32 -12.37 22.89 26.75
C SER C 32 -11.38 22.81 25.58
N LEU C 33 -11.68 23.55 24.51
CA LEU C 33 -10.79 23.70 23.35
C LEU C 33 -9.90 24.93 23.42
N LYS C 34 -9.98 25.71 24.50
CA LYS C 34 -9.17 26.92 24.63
C LYS C 34 -7.69 26.60 24.39
N THR C 35 -6.98 27.55 23.79
CA THR C 35 -5.55 27.41 23.49
C THR C 35 -4.95 28.81 23.43
N GLN C 36 -3.65 28.86 23.15
CA GLN C 36 -3.02 30.15 22.93
C GLN C 36 -1.91 30.03 21.91
N LEU C 37 -1.88 31.00 20.99
CA LEU C 37 -0.74 31.17 20.10
C LEU C 37 0.47 31.69 20.86
N THR C 38 0.29 32.80 21.58
CA THR C 38 1.17 33.25 22.66
C THR C 38 0.27 33.63 23.84
N LYS C 39 0.91 33.97 24.96
CA LYS C 39 0.13 34.45 26.11
C LYS C 39 -0.73 35.65 25.71
N LYS C 40 -0.24 36.47 24.78
CA LYS C 40 -0.99 37.63 24.32
C LYS C 40 -2.11 37.26 23.35
N ILE C 41 -2.07 36.07 22.75
CA ILE C 41 -3.03 35.70 21.72
C ILE C 41 -3.71 34.39 22.14
N GLN C 42 -4.82 34.54 22.83
CA GLN C 42 -5.68 33.43 23.23
C GLN C 42 -6.70 33.15 22.14
N LEU C 43 -6.97 31.86 21.90
CA LEU C 43 -7.99 31.42 20.97
C LEU C 43 -9.00 30.54 21.70
N ASN C 44 -10.30 30.75 21.42
CA ASN C 44 -11.33 29.89 21.99
C ASN C 44 -11.30 28.49 21.37
N ILE C 45 -10.86 28.38 20.12
CA ILE C 45 -10.67 27.09 19.46
C ILE C 45 -9.35 27.12 18.71
N PRO C 46 -8.70 25.96 18.49
CA PRO C 46 -7.33 25.95 18.00
C PRO C 46 -7.20 25.85 16.48
N LEU C 47 -7.87 26.75 15.76
CA LEU C 47 -7.92 26.65 14.31
C LEU C 47 -7.61 28.00 13.66
N MET C 48 -6.81 27.95 12.59
CA MET C 48 -6.41 29.11 11.80
C MET C 48 -6.58 28.82 10.32
N SER C 49 -7.16 29.75 9.58
CA SER C 49 -7.27 29.59 8.15
C SER C 49 -5.95 30.02 7.47
N ALA C 50 -5.55 29.27 6.45
CA ALA C 50 -4.26 29.45 5.80
C ALA C 50 -4.18 30.80 5.09
N SER C 51 -2.96 31.36 5.03
CA SER C 51 -2.74 32.64 4.34
C SER C 51 -2.50 32.39 2.87
N MET C 52 -3.61 32.18 2.15
CA MET C 52 -3.58 31.86 0.73
C MET C 52 -4.63 32.71 0.01
N ASP C 53 -4.37 33.04 -1.25
CA ASP C 53 -5.30 33.96 -1.92
C ASP C 53 -6.62 33.29 -2.27
N THR C 54 -6.74 31.98 -2.05
CA THR C 54 -8.02 31.29 -2.19
C THR C 54 -8.57 30.84 -0.85
N VAL C 55 -8.17 31.50 0.25
CA VAL C 55 -8.61 31.07 1.56
C VAL C 55 -9.01 32.24 2.45
N THR C 56 -8.07 33.14 2.76
CA THR C 56 -8.28 34.14 3.81
C THR C 56 -8.07 35.57 3.30
N GLU C 57 -9.15 36.25 2.99
CA GLU C 57 -9.13 37.69 2.96
C GLU C 57 -9.90 38.19 4.19
N SER C 58 -10.46 39.41 4.13
CA SER C 58 -11.04 39.98 5.35
C SER C 58 -12.30 39.23 5.76
N LYS C 59 -13.12 38.82 4.78
CA LYS C 59 -14.36 38.11 5.08
C LYS C 59 -14.09 36.83 5.88
N MET C 60 -13.09 36.05 5.48
CA MET C 60 -12.77 34.82 6.20
C MET C 60 -12.15 35.12 7.56
N ALA C 61 -11.33 36.17 7.67
CA ALA C 61 -10.72 36.46 8.97
C ALA C 61 -11.76 36.89 10.00
N ILE C 62 -12.76 37.67 9.57
CA ILE C 62 -13.82 38.11 10.47
C ILE C 62 -14.57 36.92 11.01
N ALA C 63 -14.93 35.98 10.13
CA ALA C 63 -15.73 34.84 10.54
C ALA C 63 -14.90 33.84 11.33
N MET C 64 -13.65 33.62 10.93
CA MET C 64 -12.78 32.82 11.78
C MET C 64 -12.71 33.42 13.17
N ALA C 65 -12.49 34.74 13.25
CA ALA C 65 -12.40 35.41 14.54
C ALA C 65 -13.67 35.18 15.36
N ARG C 66 -14.85 35.34 14.74
CA ARG C 66 -16.10 35.22 15.49
C ARG C 66 -16.35 33.79 15.96
N GLU C 67 -15.81 32.79 15.27
CA GLU C 67 -15.89 31.40 15.76
C GLU C 67 -14.86 31.09 16.83
N GLY C 68 -13.99 32.03 17.19
CA GLY C 68 -13.00 31.77 18.20
C GLY C 68 -11.63 31.41 17.69
N GLY C 69 -11.46 31.31 16.38
CA GLY C 69 -10.18 31.11 15.73
C GLY C 69 -9.62 32.41 15.21
N ILE C 70 -8.75 32.31 14.21
CA ILE C 70 -8.09 33.50 13.69
C ILE C 70 -7.78 33.29 12.22
N GLY C 71 -7.69 34.38 11.47
CA GLY C 71 -7.39 34.30 10.05
C GLY C 71 -6.11 35.05 9.73
N ILE C 72 -5.33 34.51 8.79
CA ILE C 72 -4.09 35.13 8.36
C ILE C 72 -4.34 35.69 6.96
N ILE C 73 -4.57 37.00 6.89
CA ILE C 73 -4.75 37.66 5.61
C ILE C 73 -3.54 37.39 4.72
N HIS C 74 -3.80 37.04 3.47
CA HIS C 74 -2.71 36.64 2.59
C HIS C 74 -2.04 37.87 1.97
N LYS C 75 -0.77 37.70 1.58
CA LYS C 75 0.09 38.79 1.14
C LYS C 75 0.14 38.96 -0.37
N ASN C 76 -0.64 38.20 -1.14
CA ASN C 76 -0.63 38.31 -2.60
C ASN C 76 -1.49 39.50 -3.04
N MET C 77 -1.06 40.68 -2.60
N MET C 77 -1.07 40.68 -2.57
CA MET C 77 -1.83 41.89 -2.84
CA MET C 77 -1.83 41.90 -2.68
C MET C 77 -0.93 43.07 -2.50
C MET C 77 -0.86 43.07 -2.61
N THR C 78 -1.37 44.26 -2.89
CA THR C 78 -0.62 45.46 -2.57
C THR C 78 -0.54 45.62 -1.07
N ILE C 79 0.59 46.15 -0.58
CA ILE C 79 0.74 46.43 0.84
C ILE C 79 -0.45 47.21 1.36
N GLU C 80 -0.85 48.26 0.63
CA GLU C 80 -2.03 49.04 1.01
C GLU C 80 -3.26 48.17 1.19
N ASP C 81 -3.51 47.27 0.22
CA ASP C 81 -4.74 46.48 0.26
C ASP C 81 -4.80 45.56 1.46
N GLN C 82 -3.67 44.95 1.82
CA GLN C 82 -3.66 44.00 2.93
C GLN C 82 -3.86 44.70 4.25
N ALA C 83 -3.24 45.88 4.41
CA ALA C 83 -3.52 46.68 5.60
C ALA C 83 -4.99 47.07 5.64
N ARG C 84 -5.57 47.41 4.49
CA ARG C 84 -7.00 47.70 4.45
C ARG C 84 -7.81 46.49 4.91
N GLU C 85 -7.47 45.30 4.41
CA GLU C 85 -8.18 44.08 4.80
C GLU C 85 -8.03 43.81 6.28
N VAL C 86 -6.83 43.97 6.81
CA VAL C 86 -6.64 43.86 8.26
C VAL C 86 -7.49 44.91 8.98
N ASP C 87 -7.37 46.17 8.58
CA ASP C 87 -8.16 47.22 9.22
C ASP C 87 -9.64 46.90 9.18
N ARG C 88 -10.10 46.18 8.15
CA ARG C 88 -11.52 45.85 8.05
C ARG C 88 -11.92 44.82 9.11
N VAL C 89 -11.07 43.86 9.41
CA VAL C 89 -11.47 42.91 10.43
C VAL C 89 -11.25 43.49 11.82
N LYS C 90 -10.26 44.37 11.98
CA LYS C 90 -10.04 44.95 13.30
C LYS C 90 -11.20 45.84 13.72
N ARG C 91 -11.92 46.43 12.76
CA ARG C 91 -13.03 47.30 13.12
C ARG C 91 -14.33 46.55 13.40
N SER C 92 -14.40 45.25 13.11
CA SER C 92 -15.64 44.49 13.28
C SER C 92 -15.74 43.89 14.69
N GLY C 93 -15.56 44.76 15.69
CA GLY C 93 -15.69 44.33 17.06
C GLY C 93 -14.40 43.93 17.74
N GLY C 94 -13.27 44.56 17.40
CA GLY C 94 -11.98 44.16 17.96
C GLY C 94 -11.62 42.70 17.76
N LEU C 95 -12.02 42.11 16.65
CA LEU C 95 -11.67 40.73 16.35
C LEU C 95 -10.17 40.59 16.12
N LEU C 96 -9.65 39.41 16.45
CA LEU C 96 -8.24 39.10 16.19
C LEU C 96 -7.98 38.97 14.70
N CYS C 97 -6.79 39.40 14.29
CA CYS C 97 -6.41 39.34 12.89
C CYS C 97 -4.94 38.99 12.80
N GLY C 98 -4.59 38.31 11.70
CA GLY C 98 -3.21 38.09 11.33
C GLY C 98 -2.93 38.53 9.90
N ALA C 99 -1.65 38.55 9.55
CA ALA C 99 -1.24 38.94 8.21
C ALA C 99 0.08 38.26 7.90
N SER C 100 0.21 37.80 6.66
N SER C 100 0.22 37.78 6.66
CA SER C 100 1.40 37.08 6.23
CA SER C 100 1.41 37.06 6.26
C SER C 100 2.41 38.06 5.67
C SER C 100 2.41 38.01 5.63
N ILE C 101 3.68 37.82 5.95
CA ILE C 101 4.78 38.64 5.43
C ILE C 101 5.81 37.71 4.81
N GLY C 102 6.37 38.13 3.68
CA GLY C 102 7.41 37.38 3.01
C GLY C 102 8.78 38.03 3.19
N VAL C 103 9.81 37.28 2.82
CA VAL C 103 11.19 37.79 2.85
C VAL C 103 11.43 38.45 1.50
N THR C 104 11.12 39.74 1.41
CA THR C 104 11.21 40.51 0.17
C THR C 104 12.02 41.78 0.43
N ASN C 105 12.15 42.60 -0.60
CA ASN C 105 12.79 43.90 -0.40
C ASN C 105 11.87 44.89 0.30
N ASP C 106 10.55 44.77 0.11
CA ASP C 106 9.58 45.70 0.67
C ASP C 106 8.99 45.23 2.00
N MET C 107 9.62 44.26 2.66
CA MET C 107 8.96 43.56 3.74
C MET C 107 8.73 44.46 4.97
N MET C 108 9.64 45.37 5.27
CA MET C 108 9.45 46.20 6.46
C MET C 108 8.29 47.17 6.28
N GLU C 109 8.02 47.60 5.06
CA GLU C 109 6.90 48.52 4.84
C GLU C 109 5.58 47.78 4.92
N ARG C 110 5.58 46.50 4.54
CA ARG C 110 4.40 45.69 4.74
C ARG C 110 4.14 45.51 6.24
N VAL C 111 5.18 45.16 7.00
CA VAL C 111 5.03 45.06 8.45
C VAL C 111 4.55 46.38 9.04
N ASP C 112 5.19 47.49 8.64
CA ASP C 112 4.74 48.81 9.09
C ASP C 112 3.24 48.98 8.89
N ALA C 113 2.76 48.64 7.70
CA ALA C 113 1.38 48.95 7.31
C ALA C 113 0.35 48.02 7.97
N VAL C 114 0.69 46.75 8.17
CA VAL C 114 -0.24 45.90 8.91
C VAL C 114 -0.16 46.21 10.39
N VAL C 115 1.00 46.67 10.87
CA VAL C 115 1.11 47.12 12.25
C VAL C 115 0.23 48.36 12.50
N LYS C 116 0.30 49.36 11.61
CA LYS C 116 -0.51 50.56 11.80
C LYS C 116 -1.99 50.23 11.82
N ALA C 117 -2.40 49.16 11.14
CA ALA C 117 -3.78 48.71 11.07
C ALA C 117 -4.18 47.84 12.25
N LYS C 118 -3.32 47.77 13.28
CA LYS C 118 -3.59 47.07 14.54
C LYS C 118 -3.72 45.56 14.38
N VAL C 119 -2.96 44.97 13.46
CA VAL C 119 -2.94 43.51 13.34
C VAL C 119 -2.34 42.90 14.59
N ASP C 120 -2.80 41.70 14.95
CA ASP C 120 -2.35 41.13 16.20
C ASP C 120 -1.10 40.27 16.06
N VAL C 121 -0.88 39.67 14.89
CA VAL C 121 0.24 38.76 14.70
C VAL C 121 0.60 38.76 13.22
N ILE C 122 1.90 38.81 12.93
CA ILE C 122 2.41 38.57 11.58
C ILE C 122 2.92 37.13 11.51
N VAL C 123 2.85 36.57 10.30
CA VAL C 123 3.45 35.29 9.97
C VAL C 123 4.52 35.58 8.91
N LEU C 124 5.78 35.60 9.32
CA LEU C 124 6.85 35.60 8.34
C LEU C 124 6.88 34.24 7.67
N ASP C 125 6.19 34.09 6.53
CA ASP C 125 5.89 32.80 5.93
C ASP C 125 6.72 32.61 4.66
N THR C 126 7.41 31.48 4.56
CA THR C 126 8.32 31.27 3.43
C THR C 126 8.42 29.79 3.10
N ALA C 127 8.85 29.50 1.86
CA ALA C 127 9.01 28.13 1.42
C ALA C 127 9.93 27.35 2.33
N HIS C 128 11.08 27.95 2.69
CA HIS C 128 12.11 27.28 3.48
C HIS C 128 12.48 28.17 4.67
N GLY C 129 11.79 27.95 5.79
CA GLY C 129 11.93 28.80 6.96
C GLY C 129 13.23 28.68 7.70
N HIS C 130 13.93 27.54 7.58
CA HIS C 130 15.22 27.35 8.22
C HIS C 130 16.32 27.96 7.33
N SER C 131 16.32 29.28 7.27
CA SER C 131 17.17 30.00 6.33
C SER C 131 17.68 31.29 6.97
N LYS C 132 18.88 31.71 6.55
CA LYS C 132 19.41 33.00 6.97
C LYS C 132 18.41 34.12 6.72
N GLY C 133 17.69 34.06 5.60
CA GLY C 133 16.71 35.10 5.30
C GLY C 133 15.66 35.25 6.37
N VAL C 134 15.01 34.14 6.74
CA VAL C 134 13.98 34.24 7.77
C VAL C 134 14.59 34.60 9.11
N ILE C 135 15.71 33.95 9.45
CA ILE C 135 16.42 34.27 10.70
C ILE C 135 16.66 35.77 10.81
N GLU C 136 17.28 36.36 9.77
CA GLU C 136 17.55 37.79 9.80
C GLU C 136 16.26 38.59 9.83
N GLY C 137 15.24 38.11 9.11
CA GLY C 137 13.98 38.82 9.09
C GLY C 137 13.37 38.97 10.48
N VAL C 138 13.30 37.88 11.23
CA VAL C 138 12.75 37.96 12.58
C VAL C 138 13.52 38.97 13.40
N LYS C 139 14.86 38.90 13.33
CA LYS C 139 15.67 39.82 14.12
C LYS C 139 15.33 41.25 13.75
N ARG C 140 15.21 41.53 12.45
CA ARG C 140 14.92 42.89 12.02
C ARG C 140 13.55 43.32 12.51
N ILE C 141 12.56 42.43 12.46
CA ILE C 141 11.22 42.78 12.89
C ILE C 141 11.17 42.99 14.40
N LYS C 142 11.77 42.07 15.15
CA LYS C 142 11.74 42.20 16.61
C LYS C 142 12.55 43.40 17.10
N ALA C 143 13.58 43.81 16.35
CA ALA C 143 14.34 44.98 16.78
C ALA C 143 13.53 46.26 16.63
N LYS C 144 12.70 46.35 15.60
CA LYS C 144 11.91 47.57 15.45
C LYS C 144 10.65 47.51 16.27
N TYR C 145 10.02 46.34 16.35
CA TYR C 145 8.76 46.13 17.06
C TYR C 145 8.95 45.04 18.09
N PRO C 146 9.47 45.40 19.27
CA PRO C 146 9.73 44.37 20.29
C PRO C 146 8.48 43.65 20.77
N GLU C 147 7.32 44.32 20.79
CA GLU C 147 6.11 43.73 21.36
C GLU C 147 5.26 42.99 20.34
N LEU C 148 5.60 43.08 19.05
CA LEU C 148 4.80 42.44 18.00
C LEU C 148 5.00 40.94 18.03
N GLN C 149 3.89 40.20 17.99
CA GLN C 149 3.91 38.74 17.98
C GLN C 149 4.31 38.21 16.60
N VAL C 150 5.39 37.44 16.54
CA VAL C 150 5.94 36.96 15.26
C VAL C 150 5.85 35.44 15.22
N ILE C 151 5.08 34.92 14.25
CA ILE C 151 5.13 33.51 13.88
C ILE C 151 6.07 33.37 12.69
N ALA C 152 6.95 32.36 12.72
CA ALA C 152 7.92 32.16 11.65
C ALA C 152 7.83 30.75 11.12
N GLY C 153 7.85 30.60 9.79
CA GLY C 153 7.88 29.28 9.18
C GLY C 153 8.17 29.38 7.69
N ASN C 154 8.06 28.26 7.00
CA ASN C 154 7.73 26.95 7.56
C ASN C 154 8.97 26.07 7.74
N ILE C 155 8.90 25.20 8.76
CA ILE C 155 10.04 24.36 9.13
C ILE C 155 9.53 22.95 9.38
N ALA C 156 10.49 22.01 9.52
CA ALA C 156 10.16 20.62 9.77
C ALA C 156 11.09 19.92 10.76
N THR C 157 12.07 20.61 11.35
CA THR C 157 13.04 19.95 12.20
C THR C 157 13.19 20.67 13.54
N PRO C 158 13.60 19.94 14.57
CA PRO C 158 13.92 20.59 15.86
C PRO C 158 15.01 21.62 15.74
N GLU C 159 16.03 21.34 14.93
CA GLU C 159 17.10 22.30 14.74
C GLU C 159 16.55 23.62 14.24
N ALA C 160 15.64 23.57 13.26
CA ALA C 160 15.00 24.78 12.78
C ALA C 160 14.20 25.47 13.89
N VAL C 161 13.56 24.70 14.80
CA VAL C 161 12.85 25.32 15.92
C VAL C 161 13.83 26.12 16.77
N ARG C 162 14.92 25.47 17.20
CA ARG C 162 15.90 26.11 18.06
C ARG C 162 16.48 27.36 17.39
N ASP C 163 16.73 27.30 16.07
CA ASP C 163 17.27 28.47 15.38
C ASP C 163 16.26 29.62 15.35
N LEU C 164 15.03 29.35 14.96
CA LEU C 164 14.07 30.44 14.85
C LEU C 164 13.72 30.99 16.22
N ALA C 165 13.65 30.10 17.22
CA ALA C 165 13.47 30.53 18.61
C ALA C 165 14.55 31.52 19.01
N GLU C 166 15.80 31.25 18.62
CA GLU C 166 16.88 32.17 18.97
C GLU C 166 16.82 33.45 18.15
N ALA C 167 16.22 33.42 16.96
CA ALA C 167 16.06 34.65 16.19
C ALA C 167 15.08 35.60 16.86
N GLY C 168 14.21 35.10 17.72
CA GLY C 168 13.22 35.91 18.40
C GLY C 168 11.78 35.57 18.04
N ALA C 169 11.54 34.44 17.39
CA ALA C 169 10.18 34.09 17.01
C ALA C 169 9.36 33.76 18.25
N ASP C 170 8.11 34.24 18.28
CA ASP C 170 7.19 33.90 19.36
C ASP C 170 6.48 32.58 19.11
N CYS C 171 6.33 32.19 17.85
CA CYS C 171 5.68 30.95 17.48
C CYS C 171 6.29 30.45 16.19
N VAL C 172 6.33 29.13 16.05
CA VAL C 172 6.95 28.47 14.90
C VAL C 172 5.88 27.69 14.15
N LYS C 173 5.96 27.67 12.83
CA LYS C 173 4.95 27.02 12.00
C LYS C 173 5.59 25.85 11.24
N VAL C 174 5.03 24.66 11.43
CA VAL C 174 5.63 23.40 10.98
C VAL C 174 4.84 22.86 9.79
N GLY C 175 5.57 22.46 8.74
CA GLY C 175 4.99 21.81 7.57
C GLY C 175 5.83 22.08 6.32
N ILE C 176 6.56 21.09 5.84
CA ILE C 176 7.26 21.17 4.56
C ILE C 176 6.71 20.04 3.70
N GLY C 177 5.83 20.38 2.75
CA GLY C 177 5.35 19.39 1.81
C GLY C 177 3.97 18.76 2.00
N PRO C 178 3.34 18.80 3.18
CA PRO C 178 2.11 18.01 3.36
C PRO C 178 0.89 18.63 2.71
N GLY C 179 0.97 19.87 2.22
CA GLY C 179 -0.21 20.54 1.74
C GLY C 179 -1.00 19.78 0.70
N SER C 180 -2.33 19.89 0.76
CA SER C 180 -3.18 19.24 -0.23
C SER C 180 -2.86 19.69 -1.65
N ILE C 181 -2.48 20.94 -1.84
CA ILE C 181 -2.17 21.50 -3.16
C ILE C 181 -0.67 21.56 -3.43
N CYS C 182 0.14 20.93 -2.61
CA CYS C 182 1.58 21.12 -2.57
C CYS C 182 2.30 20.07 -3.40
N THR C 183 3.26 20.50 -4.25
CA THR C 183 4.10 19.54 -4.96
C THR C 183 5.57 19.66 -4.61
N THR C 184 5.90 20.31 -3.48
CA THR C 184 7.31 20.50 -3.10
C THR C 184 8.03 19.16 -3.02
N ARG C 185 7.39 18.17 -2.43
CA ARG C 185 7.98 16.85 -2.28
C ARG C 185 8.19 16.17 -3.63
N ILE C 186 7.32 16.47 -4.60
CA ILE C 186 7.48 15.92 -5.94
C ILE C 186 8.60 16.64 -6.68
N VAL C 187 8.60 17.98 -6.69
CA VAL C 187 9.55 18.68 -7.56
C VAL C 187 10.93 18.75 -6.93
N ALA C 188 11.01 18.88 -5.60
CA ALA C 188 12.29 19.06 -4.93
C ALA C 188 12.74 17.84 -4.13
N GLY C 189 11.85 16.89 -3.82
CA GLY C 189 12.25 15.72 -3.05
C GLY C 189 12.39 15.94 -1.56
N VAL C 190 11.83 17.03 -1.02
CA VAL C 190 12.16 17.52 0.31
C VAL C 190 10.89 17.64 1.14
N GLY C 191 10.99 17.20 2.39
CA GLY C 191 9.86 17.28 3.29
C GLY C 191 10.03 16.27 4.40
N VAL C 192 9.09 16.33 5.33
CA VAL C 192 9.07 15.43 6.47
C VAL C 192 7.59 15.08 6.72
N PRO C 193 7.21 13.77 6.71
CA PRO C 193 5.81 13.40 7.06
C PRO C 193 5.30 14.15 8.28
N GLN C 194 4.09 14.72 8.19
CA GLN C 194 3.70 15.85 9.02
C GLN C 194 3.50 15.49 10.51
N LEU C 195 3.17 14.24 10.85
CA LEU C 195 2.97 13.93 12.25
C LEU C 195 4.30 13.87 13.00
N THR C 196 5.26 13.12 12.45
CA THR C 196 6.62 13.12 12.98
C THR C 196 7.18 14.55 13.06
N ALA C 197 6.95 15.35 12.02
CA ALA C 197 7.46 16.73 12.04
C ALA C 197 6.86 17.52 13.20
N VAL C 198 5.53 17.53 13.31
CA VAL C 198 4.86 18.19 14.44
C VAL C 198 5.39 17.66 15.76
N MET C 199 5.45 16.33 15.89
N MET C 199 5.44 16.33 15.90
CA MET C 199 5.81 15.71 17.16
CA MET C 199 5.82 15.73 17.17
C MET C 199 7.24 16.07 17.58
C MET C 199 7.24 16.11 17.57
N ASP C 200 8.19 15.98 16.64
CA ASP C 200 9.57 16.34 16.96
C ASP C 200 9.73 17.84 17.18
N CYS C 201 9.02 18.65 16.40
CA CYS C 201 9.18 20.10 16.55
C CYS C 201 8.46 20.60 17.80
N ALA C 202 7.28 20.03 18.11
CA ALA C 202 6.61 20.35 19.35
C ALA C 202 7.51 20.04 20.54
N GLU C 203 8.10 18.85 20.56
N GLU C 203 8.07 18.83 20.56
CA GLU C 203 8.94 18.46 21.69
CA GLU C 203 8.96 18.43 21.65
C GLU C 203 10.17 19.37 21.82
C GLU C 203 10.11 19.41 21.80
N GLU C 204 10.76 19.79 20.69
CA GLU C 204 11.82 20.78 20.78
C GLU C 204 11.27 22.11 21.26
N GLY C 205 10.09 22.51 20.74
CA GLY C 205 9.49 23.76 21.16
C GLY C 205 9.13 23.80 22.64
N LYS C 206 8.88 22.63 23.25
CA LYS C 206 8.53 22.61 24.66
C LYS C 206 9.76 22.80 25.54
N LYS C 207 10.92 22.28 25.10
CA LYS C 207 12.15 22.50 25.84
C LYS C 207 12.56 23.96 25.85
N LEU C 208 12.07 24.76 24.89
CA LEU C 208 12.48 26.14 24.71
C LEU C 208 11.39 27.14 25.08
N GLY C 209 10.17 26.68 25.35
CA GLY C 209 9.09 27.61 25.61
C GLY C 209 8.48 28.22 24.37
N ILE C 210 8.61 27.58 23.22
CA ILE C 210 8.08 28.07 21.95
C ILE C 210 6.95 27.16 21.51
N PRO C 211 5.79 27.70 21.16
CA PRO C 211 4.71 26.86 20.64
C PRO C 211 4.81 26.69 19.14
N VAL C 212 4.32 25.55 18.65
CA VAL C 212 4.39 25.24 17.23
C VAL C 212 2.99 25.04 16.67
N ILE C 213 2.84 25.41 15.40
CA ILE C 213 1.59 25.28 14.66
C ILE C 213 1.75 24.16 13.64
N ALA C 214 0.74 23.29 13.56
CA ALA C 214 0.71 22.17 12.65
C ALA C 214 0.00 22.62 11.38
N ASP C 215 0.77 22.84 10.31
CA ASP C 215 0.26 23.51 9.13
C ASP C 215 0.28 22.59 7.92
N GLY C 216 -0.88 22.33 7.37
CA GLY C 216 -1.02 21.61 6.12
C GLY C 216 -1.29 20.13 6.34
N GLY C 217 -1.97 19.51 5.37
CA GLY C 217 -2.18 18.07 5.37
C GLY C 217 -3.32 17.59 6.23
N LEU C 218 -4.05 18.50 6.90
CA LEU C 218 -5.24 18.12 7.66
C LEU C 218 -6.42 17.98 6.70
N LYS C 219 -7.09 16.82 6.75
CA LYS C 219 -8.24 16.55 5.90
C LYS C 219 -9.55 16.40 6.66
N TYR C 220 -9.51 15.88 7.89
CA TYR C 220 -10.69 15.61 8.70
C TYR C 220 -10.47 16.17 10.10
N SER C 221 -11.57 16.25 10.86
CA SER C 221 -11.45 16.72 12.23
C SER C 221 -10.54 15.82 13.04
N GLY C 222 -10.56 14.51 12.76
CA GLY C 222 -9.65 13.61 13.47
C GLY C 222 -8.18 13.94 13.28
N ASP C 223 -7.81 14.41 12.08
CA ASP C 223 -6.41 14.77 11.86
C ASP C 223 -5.97 15.89 12.79
N ILE C 224 -6.87 16.83 13.07
CA ILE C 224 -6.55 17.92 13.98
C ILE C 224 -6.34 17.38 15.40
N VAL C 225 -7.19 16.45 15.83
CA VAL C 225 -6.99 15.85 17.15
C VAL C 225 -5.60 15.25 17.26
N LYS C 226 -5.18 14.52 16.24
CA LYS C 226 -3.84 13.93 16.23
C LYS C 226 -2.74 14.99 16.32
N ALA C 227 -2.89 16.09 15.58
CA ALA C 227 -1.90 17.16 15.63
C ALA C 227 -1.83 17.79 17.02
N LEU C 228 -2.99 18.03 17.65
CA LEU C 228 -2.95 18.69 18.95
C LEU C 228 -2.38 17.75 19.99
N ALA C 229 -2.74 16.47 19.92
CA ALA C 229 -2.15 15.47 20.80
C ALA C 229 -0.65 15.30 20.53
N ALA C 230 -0.19 15.66 19.34
CA ALA C 230 1.25 15.63 19.10
C ALA C 230 1.97 16.78 19.78
N GLY C 231 1.24 17.80 20.22
CA GLY C 231 1.81 18.93 20.95
C GLY C 231 1.69 20.26 20.24
N ALA C 232 1.18 20.29 19.01
CA ALA C 232 0.84 21.56 18.39
C ALA C 232 -0.14 22.34 19.27
N CYS C 233 0.10 23.65 19.36
CA CYS C 233 -0.81 24.53 20.09
C CYS C 233 -2.01 24.97 19.25
N ALA C 234 -1.94 24.80 17.93
CA ALA C 234 -3.04 25.17 17.03
C ALA C 234 -2.82 24.50 15.68
N ALA C 235 -3.86 24.53 14.85
CA ALA C 235 -3.82 23.88 13.55
C ALA C 235 -4.26 24.85 12.46
N MET C 236 -3.54 24.84 11.34
CA MET C 236 -3.81 25.74 10.23
C MET C 236 -4.27 24.92 9.03
N MET C 237 -5.31 25.42 8.34
CA MET C 237 -5.89 24.65 7.25
C MET C 237 -6.29 25.57 6.11
N GLY C 238 -6.17 25.05 4.89
CA GLY C 238 -6.57 25.80 3.72
C GLY C 238 -7.63 25.06 2.94
N SER C 239 -7.36 23.78 2.68
CA SER C 239 -8.31 22.93 1.97
C SER C 239 -9.64 22.81 2.73
N ILE C 240 -9.58 22.71 4.05
CA ILE C 240 -10.82 22.52 4.79
C ILE C 240 -11.70 23.77 4.74
N PHE C 241 -11.09 24.95 4.66
CA PHE C 241 -11.81 26.22 4.70
C PHE C 241 -12.04 26.83 3.32
N ALA C 242 -11.28 26.41 2.29
CA ALA C 242 -11.42 27.00 0.96
C ALA C 242 -12.77 26.72 0.35
N GLY C 243 -13.41 25.61 0.69
CA GLY C 243 -14.73 25.33 0.16
C GLY C 243 -15.85 26.14 0.77
N CYS C 244 -15.58 26.85 1.86
CA CYS C 244 -16.64 27.59 2.54
C CYS C 244 -17.00 28.86 1.77
N GLU C 245 -18.19 29.39 2.08
CA GLU C 245 -18.70 30.57 1.40
C GLU C 245 -17.80 31.78 1.59
N GLU C 246 -17.16 31.91 2.74
CA GLU C 246 -16.40 33.11 3.05
C GLU C 246 -15.05 33.15 2.36
N ALA C 247 -14.63 32.06 1.72
CA ALA C 247 -13.35 32.01 1.03
C ALA C 247 -13.43 32.76 -0.30
N PRO C 248 -12.35 33.43 -0.72
CA PRO C 248 -12.32 33.98 -2.08
C PRO C 248 -12.23 32.85 -3.08
N GLY C 249 -12.83 33.06 -4.25
CA GLY C 249 -12.66 32.03 -5.25
C GLY C 249 -13.90 31.72 -6.06
N ALA C 250 -13.70 31.46 -7.35
CA ALA C 250 -14.81 31.27 -8.25
C ALA C 250 -15.49 29.92 -7.98
N ILE C 251 -16.79 29.87 -8.25
CA ILE C 251 -17.54 28.62 -8.19
C ILE C 251 -17.51 27.95 -9.56
N GLU C 252 -17.05 26.70 -9.59
CA GLU C 252 -17.14 25.85 -10.77
C GLU C 252 -18.07 24.69 -10.48
N ILE C 253 -18.63 24.12 -11.55
CA ILE C 253 -19.65 23.09 -11.45
C ILE C 253 -19.21 21.89 -12.26
N TYR C 254 -19.21 20.72 -11.61
CA TYR C 254 -18.79 19.47 -12.23
C TYR C 254 -19.67 18.34 -11.69
N GLN C 255 -20.43 17.70 -12.59
CA GLN C 255 -21.31 16.58 -12.25
C GLN C 255 -22.12 16.78 -10.97
N GLY C 256 -23.07 17.71 -10.97
CA GLY C 256 -24.01 17.83 -9.86
C GLY C 256 -23.50 18.50 -8.60
N ARG C 257 -22.26 18.95 -8.55
CA ARG C 257 -21.72 19.61 -7.38
C ARG C 257 -21.17 20.98 -7.76
N SER C 258 -21.27 21.93 -6.83
CA SER C 258 -20.61 23.22 -6.96
C SER C 258 -19.30 23.20 -6.18
N TYR C 259 -18.27 23.82 -6.77
CA TYR C 259 -16.90 23.80 -6.25
C TYR C 259 -16.41 25.23 -6.01
N LYS C 260 -15.34 25.35 -5.22
CA LYS C 260 -14.60 26.61 -5.09
C LYS C 260 -13.15 26.44 -5.53
N VAL C 261 -12.62 27.43 -6.25
CA VAL C 261 -11.25 27.36 -6.71
C VAL C 261 -10.31 27.34 -5.50
N TYR C 262 -9.28 26.50 -5.59
CA TYR C 262 -8.28 26.39 -4.55
C TYR C 262 -6.95 26.08 -5.23
N ARG C 263 -5.88 26.72 -4.77
CA ARG C 263 -4.60 26.57 -5.45
C ARG C 263 -3.47 26.89 -4.49
N GLY C 264 -2.31 26.30 -4.75
CA GLY C 264 -1.15 26.58 -3.94
C GLY C 264 -0.61 27.97 -4.23
N MET C 265 -0.09 28.60 -3.17
CA MET C 265 0.59 29.86 -3.35
C MET C 265 1.83 29.71 -4.24
N GLY C 266 2.35 28.49 -4.36
CA GLY C 266 3.42 28.23 -5.28
C GLY C 266 3.01 27.73 -6.65
N SER C 267 1.73 27.78 -7.00
CA SER C 267 1.33 27.28 -8.32
C SER C 267 1.47 28.39 -9.35
N LEU C 268 1.20 28.04 -10.61
CA LEU C 268 1.35 29.00 -11.70
C LEU C 268 0.38 30.15 -11.57
N GLY C 269 -0.88 29.86 -11.22
CA GLY C 269 -1.87 30.92 -11.12
C GLY C 269 -1.61 31.89 -9.99
N ALA C 270 -1.21 31.37 -8.82
CA ALA C 270 -0.95 32.25 -7.68
C ALA C 270 0.22 33.18 -7.96
N MET C 271 1.30 32.65 -8.54
CA MET C 271 2.48 33.44 -8.80
C MET C 271 2.26 34.50 -9.88
N ALA C 272 1.26 34.32 -10.75
CA ALA C 272 0.85 35.39 -11.64
C ALA C 272 -0.08 36.38 -10.93
N LYS C 273 0.19 36.63 -9.65
CA LYS C 273 -0.52 37.63 -8.85
C LYS C 273 -2.04 37.51 -8.92
N LYS C 286 10.89 31.58 -16.91
CA LYS C 286 9.54 31.27 -16.48
C LYS C 286 9.53 30.81 -15.01
N PHE C 287 8.48 30.10 -14.63
CA PHE C 287 8.26 29.67 -13.25
C PHE C 287 8.43 28.17 -13.09
N VAL C 288 8.96 27.76 -11.93
CA VAL C 288 9.04 26.34 -11.56
C VAL C 288 8.15 26.13 -10.33
N PRO C 289 6.89 25.75 -10.53
CA PRO C 289 5.93 25.74 -9.42
C PRO C 289 6.19 24.63 -8.41
N GLU C 290 5.70 24.86 -7.20
CA GLU C 290 5.70 23.84 -6.16
C GLU C 290 4.30 23.63 -5.58
N GLY C 291 3.27 23.91 -6.37
CA GLY C 291 1.90 23.70 -5.98
C GLY C 291 1.05 23.65 -7.23
N VAL C 292 -0.18 23.19 -7.06
CA VAL C 292 -1.09 22.94 -8.16
C VAL C 292 -2.29 23.86 -8.02
N GLU C 293 -3.09 23.92 -9.08
N GLU C 293 -3.10 23.89 -9.08
CA GLU C 293 -4.33 24.69 -9.11
CA GLU C 293 -4.33 24.67 -9.14
C GLU C 293 -5.50 23.72 -9.29
C GLU C 293 -5.50 23.72 -9.29
N GLY C 294 -6.48 23.81 -8.41
CA GLY C 294 -7.63 22.93 -8.45
C GLY C 294 -8.91 23.51 -7.89
N ARG C 295 -9.77 22.63 -7.39
CA ARG C 295 -11.08 23.05 -6.91
C ARG C 295 -11.50 22.09 -5.80
N ILE C 296 -12.29 22.62 -4.88
CA ILE C 296 -12.77 21.87 -3.71
C ILE C 296 -14.27 22.05 -3.60
N ALA C 297 -14.95 20.96 -3.18
CA ALA C 297 -16.40 20.97 -3.07
C ALA C 297 -16.88 22.11 -2.19
N TYR C 298 -17.83 22.88 -2.70
CA TYR C 298 -18.38 24.01 -1.95
C TYR C 298 -19.08 23.49 -0.70
N LYS C 299 -18.77 24.11 0.43
CA LYS C 299 -19.21 23.60 1.72
C LYS C 299 -20.29 24.43 2.40
N GLY C 300 -20.64 25.59 1.86
CA GLY C 300 -21.55 26.46 2.56
C GLY C 300 -20.82 27.32 3.57
N HIS C 301 -21.54 27.74 4.62
CA HIS C 301 -21.03 28.80 5.48
C HIS C 301 -19.96 28.27 6.43
N LEU C 302 -19.01 29.15 6.77
CA LEU C 302 -17.91 28.76 7.66
C LEU C 302 -18.42 28.25 9.00
N ALA C 303 -19.55 28.77 9.50
CA ALA C 303 -20.03 28.36 10.82
C ALA C 303 -20.27 26.85 10.88
N ASP C 304 -20.83 26.27 9.81
CA ASP C 304 -21.20 24.85 9.82
C ASP C 304 -19.97 23.96 9.73
N THR C 305 -18.98 24.37 8.94
CA THR C 305 -17.72 23.64 8.89
C THR C 305 -17.05 23.63 10.26
N ILE C 306 -16.97 24.80 10.91
CA ILE C 306 -16.36 24.89 12.23
C ILE C 306 -17.10 24.02 13.24
N TYR C 307 -18.44 24.03 13.19
CA TYR C 307 -19.20 23.21 14.13
C TYR C 307 -18.84 21.74 14.00
N GLN C 308 -18.72 21.24 12.77
CA GLN C 308 -18.30 19.85 12.58
C GLN C 308 -16.86 19.63 13.02
N LEU C 309 -15.99 20.62 12.82
CA LEU C 309 -14.60 20.42 13.21
C LEU C 309 -14.47 20.40 14.73
N ILE C 310 -15.16 21.34 15.38
CA ILE C 310 -15.15 21.44 16.82
C ILE C 310 -15.79 20.21 17.45
N GLY C 311 -16.92 19.77 16.90
CA GLY C 311 -17.57 18.58 17.45
C GLY C 311 -16.70 17.35 17.31
N GLY C 312 -15.95 17.23 16.21
CA GLY C 312 -15.08 16.08 16.03
C GLY C 312 -13.94 16.10 17.01
N ILE C 313 -13.47 17.31 17.34
CA ILE C 313 -12.34 17.46 18.26
C ILE C 313 -12.79 17.17 19.68
N LYS C 314 -13.94 17.72 20.08
CA LYS C 314 -14.52 17.40 21.38
C LYS C 314 -14.77 15.91 21.52
N SER C 315 -15.17 15.25 20.41
N SER C 315 -15.17 15.26 20.42
CA SER C 315 -15.39 13.81 20.48
CA SER C 315 -15.39 13.81 20.46
C SER C 315 -14.10 13.06 20.82
C SER C 315 -14.10 13.07 20.82
N GLY C 316 -13.00 13.41 20.16
CA GLY C 316 -11.75 12.70 20.40
C GLY C 316 -11.17 12.95 21.77
N MET C 317 -11.20 14.20 22.24
CA MET C 317 -10.83 14.48 23.62
C MET C 317 -11.73 13.72 24.60
N GLY C 318 -13.01 13.58 24.26
CA GLY C 318 -13.89 12.77 25.10
C GLY C 318 -13.40 11.34 25.21
N TYR C 319 -13.01 10.74 24.06
CA TYR C 319 -12.44 9.40 24.01
C TYR C 319 -11.15 9.28 24.80
N LEU C 320 -10.35 10.34 24.85
CA LEU C 320 -9.07 10.31 25.55
C LEU C 320 -9.16 10.79 27.01
N GLY C 321 -10.37 11.04 27.52
CA GLY C 321 -10.53 11.48 28.90
C GLY C 321 -9.90 12.81 29.22
N ALA C 322 -9.86 13.73 28.25
CA ALA C 322 -9.01 14.91 28.29
C ALA C 322 -9.85 16.18 28.36
N PRO C 323 -9.87 16.88 29.50
CA PRO C 323 -10.74 18.07 29.61
C PRO C 323 -10.12 19.34 29.04
N THR C 324 -8.85 19.30 28.66
CA THR C 324 -8.15 20.44 28.07
C THR C 324 -7.16 19.91 27.05
N LEU C 325 -6.63 20.80 26.23
CA LEU C 325 -5.64 20.40 25.24
C LEU C 325 -4.36 19.94 25.91
N GLU C 326 -3.99 20.56 27.01
CA GLU C 326 -2.77 20.15 27.69
C GLU C 326 -2.89 18.72 28.24
N ASN C 327 -4.07 18.34 28.71
CA ASN C 327 -4.25 16.97 29.16
C ASN C 327 -4.32 16.01 27.98
N LEU C 328 -4.84 16.46 26.83
CA LEU C 328 -4.87 15.65 25.62
C LEU C 328 -3.46 15.30 25.19
N TYR C 329 -2.54 16.27 25.24
CA TYR C 329 -1.18 16.03 24.80
C TYR C 329 -0.43 15.12 25.76
N GLU C 330 -0.69 15.27 27.06
CA GLU C 330 0.08 14.51 28.05
C GLU C 330 -0.32 13.04 28.15
N ASN C 331 -1.54 12.66 27.78
CA ASN C 331 -1.98 11.28 27.97
C ASN C 331 -2.27 10.55 26.67
N ALA C 332 -1.95 11.14 25.51
CA ALA C 332 -2.28 10.53 24.23
C ALA C 332 -1.27 9.45 23.88
N ASN C 333 -1.77 8.25 23.68
CA ASN C 333 -0.99 7.13 23.18
C ASN C 333 -1.31 6.97 21.70
N PHE C 334 -0.27 6.76 20.89
CA PHE C 334 -0.39 6.56 19.46
C PHE C 334 -0.10 5.11 19.09
N VAL C 335 -0.73 4.67 18.03
CA VAL C 335 -0.50 3.33 17.50
C VAL C 335 -0.46 3.44 15.99
N VAL C 336 0.44 2.67 15.36
CA VAL C 336 0.61 2.69 13.90
C VAL C 336 -0.29 1.65 13.26
N GLN C 337 -1.07 2.07 12.27
CA GLN C 337 -1.88 1.17 11.47
C GLN C 337 -1.21 0.97 10.11
N THR C 338 -1.44 -0.18 9.49
CA THR C 338 -0.94 -0.47 8.15
C THR C 338 -1.93 0.03 7.10
N SER C 339 -1.61 -0.24 5.83
CA SER C 339 -2.58 0.05 4.76
C SER C 339 -3.87 -0.75 4.94
N ALA C 340 -3.77 -2.01 5.37
CA ALA C 340 -4.98 -2.76 5.68
C ALA C 340 -5.81 -2.04 6.74
N GLY C 341 -5.16 -1.68 7.86
CA GLY C 341 -5.83 -0.93 8.91
C GLY C 341 -6.35 0.42 8.45
N PHE C 342 -5.67 1.05 7.50
CA PHE C 342 -6.18 2.30 6.93
C PHE C 342 -7.50 2.06 6.21
N ARG C 343 -7.63 0.93 5.51
CA ARG C 343 -8.89 0.62 4.84
C ARG C 343 -10.00 0.31 5.84
N GLU C 344 -9.65 -0.25 7.01
CA GLU C 344 -10.64 -0.46 8.06
C GLU C 344 -11.09 0.86 8.69
N SER C 345 -10.18 1.84 8.77
CA SER C 345 -10.47 3.09 9.47
C SER C 345 -11.31 4.06 8.66
N HIS C 346 -11.64 3.75 7.41
CA HIS C 346 -12.61 4.49 6.64
C HIS C 346 -13.81 3.60 6.32
N PRO C 347 -15.00 4.17 6.13
CA PRO C 347 -16.13 3.35 5.68
C PRO C 347 -15.72 2.46 4.53
N HIS C 348 -16.04 1.18 4.65
CA HIS C 348 -15.61 0.18 3.68
C HIS C 348 -16.77 -0.75 3.38
N ASP C 349 -16.78 -1.26 2.15
CA ASP C 349 -17.73 -2.29 1.70
C ASP C 349 -19.17 -1.80 1.76
N ILE C 350 -19.40 -0.54 1.38
CA ILE C 350 -20.75 0.00 1.34
C ILE C 350 -20.84 1.07 0.27
N ASN C 351 -21.96 1.09 -0.44
CA ASN C 351 -22.29 2.15 -1.38
C ASN C 351 -22.91 3.30 -0.58
N ILE C 352 -22.13 4.35 -0.35
CA ILE C 352 -22.58 5.48 0.48
C ILE C 352 -23.51 6.37 -0.34
N THR C 353 -24.75 6.52 0.13
CA THR C 353 -25.80 7.19 -0.62
C THR C 353 -26.12 8.58 -0.11
N LYS C 354 -25.67 8.96 1.08
CA LYS C 354 -26.00 10.23 1.70
C LYS C 354 -24.72 10.98 2.04
N GLU C 355 -24.75 12.29 1.82
CA GLU C 355 -23.65 13.14 2.28
C GLU C 355 -23.63 13.17 3.80
N ALA C 356 -22.45 13.00 4.35
CA ALA C 356 -22.16 13.25 5.76
C ALA C 356 -21.55 14.62 5.90
N PRO C 357 -21.96 15.42 6.89
CA PRO C 357 -21.45 16.81 6.98
C PRO C 357 -19.97 16.89 7.35
N ASN C 358 -19.38 15.77 7.78
CA ASN C 358 -17.99 15.74 8.22
C ASN C 358 -17.21 14.61 7.56
N TYR C 359 -17.71 14.04 6.46
CA TYR C 359 -16.99 13.00 5.74
C TYR C 359 -17.42 12.97 4.29
N SER C 360 -16.45 13.14 3.39
CA SER C 360 -16.64 12.97 1.95
C SER C 360 -15.56 12.05 1.35
N LEU D 8 16.09 -11.12 5.76
CA LEU D 8 15.92 -10.33 4.55
C LEU D 8 15.87 -8.82 4.82
N LYS D 9 16.73 -8.05 4.14
CA LYS D 9 16.78 -6.61 4.33
C LYS D 9 15.89 -5.91 3.31
N THR D 10 15.44 -4.71 3.67
CA THR D 10 14.52 -3.93 2.85
C THR D 10 15.31 -2.93 2.04
N ALA D 11 14.99 -2.82 0.76
CA ALA D 11 15.61 -1.85 -0.12
C ALA D 11 14.53 -0.87 -0.58
N TYR D 12 14.93 0.39 -0.75
CA TYR D 12 14.00 1.47 -1.03
C TYR D 12 14.24 2.07 -2.41
N THR D 13 13.15 2.54 -3.03
CA THR D 13 13.21 3.37 -4.23
C THR D 13 12.94 4.82 -3.85
N PHE D 14 12.86 5.69 -4.86
CA PHE D 14 12.78 7.12 -4.60
C PHE D 14 11.51 7.48 -3.81
N ASP D 15 10.36 6.96 -4.25
CA ASP D 15 9.09 7.23 -3.58
C ASP D 15 9.01 6.71 -2.15
N ASP D 16 10.00 5.94 -1.68
CA ASP D 16 9.99 5.49 -0.28
C ASP D 16 10.57 6.52 0.67
N VAL D 17 11.33 7.49 0.18
CA VAL D 17 12.11 8.38 1.04
C VAL D 17 11.86 9.82 0.66
N LEU D 18 12.07 10.69 1.65
CA LEU D 18 12.09 12.14 1.50
C LEU D 18 13.37 12.68 2.10
N LEU D 19 13.85 13.77 1.53
CA LEU D 19 15.05 14.44 2.05
C LEU D 19 14.66 15.49 3.08
N VAL D 20 15.42 15.55 4.17
CA VAL D 20 15.08 16.45 5.27
C VAL D 20 15.68 17.83 5.01
N PRO D 21 14.92 18.91 5.21
CA PRO D 21 15.52 20.26 5.09
C PRO D 21 16.67 20.46 6.06
N ASN D 22 17.70 21.17 5.59
CA ASN D 22 18.84 21.62 6.38
C ASN D 22 18.78 23.14 6.53
N LYS D 23 19.60 23.69 7.44
CA LYS D 23 19.75 25.14 7.41
C LYS D 23 20.37 25.55 6.08
N SER D 24 19.85 26.63 5.49
CA SER D 24 20.35 27.10 4.21
C SER D 24 20.73 28.57 4.30
N GLU D 25 21.91 28.90 3.76
CA GLU D 25 22.29 30.27 3.44
C GLU D 25 22.24 30.55 1.95
N VAL D 26 21.89 29.57 1.12
CA VAL D 26 21.84 29.75 -0.31
C VAL D 26 20.41 29.67 -0.80
N LEU D 27 20.14 30.38 -1.87
CA LEU D 27 18.88 30.43 -2.59
C LEU D 27 18.97 29.62 -3.87
N PRO D 28 17.85 29.10 -4.39
CA PRO D 28 17.94 28.19 -5.55
C PRO D 28 18.74 28.73 -6.72
N ASN D 29 18.69 30.04 -7.04
CA ASN D 29 19.44 30.51 -8.19
C ASN D 29 20.94 30.70 -7.93
N GLU D 30 21.43 30.35 -6.74
CA GLU D 30 22.84 30.53 -6.36
C GLU D 30 23.67 29.27 -6.47
N VAL D 31 23.05 28.12 -6.68
CA VAL D 31 23.74 26.84 -6.56
C VAL D 31 24.26 26.41 -7.93
N SER D 32 25.28 25.56 -7.90
CA SER D 32 25.97 25.10 -9.10
C SER D 32 25.70 23.62 -9.32
N LEU D 33 25.29 23.26 -10.55
CA LEU D 33 24.99 21.87 -10.90
C LEU D 33 26.11 21.17 -11.67
N LYS D 34 27.31 21.74 -11.76
CA LYS D 34 28.40 21.08 -12.47
C LYS D 34 28.77 19.75 -11.79
N THR D 35 29.17 18.77 -12.60
CA THR D 35 29.50 17.42 -12.15
C THR D 35 30.54 16.82 -13.08
N GLN D 36 31.38 15.93 -12.54
CA GLN D 36 32.37 15.19 -13.30
C GLN D 36 31.80 13.84 -13.72
N LEU D 37 31.38 13.73 -14.98
CA LEU D 37 30.89 12.44 -15.47
C LEU D 37 32.01 11.39 -15.44
N THR D 38 33.21 11.78 -15.87
CA THR D 38 34.44 11.04 -15.59
C THR D 38 35.48 12.07 -15.20
N LYS D 39 36.64 11.60 -14.71
CA LYS D 39 37.73 12.51 -14.37
C LYS D 39 37.97 13.53 -15.46
N LYS D 40 37.72 13.16 -16.71
CA LYS D 40 38.04 13.99 -17.86
C LYS D 40 36.83 14.71 -18.44
N ILE D 41 35.60 14.28 -18.17
CA ILE D 41 34.43 14.90 -18.77
C ILE D 41 33.62 15.59 -17.68
N GLN D 42 33.52 16.91 -17.75
CA GLN D 42 32.68 17.70 -16.86
C GLN D 42 31.43 18.15 -17.60
N LEU D 43 30.28 17.99 -16.95
CA LEU D 43 28.96 18.41 -17.44
C LEU D 43 28.48 19.61 -16.63
N ASN D 44 27.77 20.54 -17.29
CA ASN D 44 27.24 21.71 -16.57
C ASN D 44 25.92 21.42 -15.84
N ILE D 45 25.18 20.39 -16.23
CA ILE D 45 24.06 19.88 -15.43
C ILE D 45 24.17 18.37 -15.38
N PRO D 46 23.61 17.73 -14.36
CA PRO D 46 23.84 16.30 -14.12
C PRO D 46 22.84 15.38 -14.82
N LEU D 47 22.55 15.68 -16.09
CA LEU D 47 21.49 15.00 -16.84
C LEU D 47 22.02 14.43 -18.15
N MET D 48 21.61 13.19 -18.46
CA MET D 48 21.94 12.46 -19.69
C MET D 48 20.69 11.83 -20.30
N SER D 49 20.58 11.85 -21.62
CA SER D 49 19.44 11.22 -22.29
C SER D 49 19.75 9.77 -22.59
N ALA D 50 18.74 8.91 -22.47
CA ALA D 50 18.95 7.47 -22.55
C ALA D 50 19.41 7.04 -23.94
N SER D 51 20.23 5.99 -23.98
CA SER D 51 20.65 5.45 -25.28
C SER D 51 19.59 4.48 -25.79
N MET D 52 18.46 5.05 -26.24
CA MET D 52 17.33 4.27 -26.71
C MET D 52 16.83 4.83 -28.02
N ASP D 53 16.21 3.97 -28.85
CA ASP D 53 15.85 4.34 -30.21
C ASP D 53 14.58 5.17 -30.27
N THR D 54 14.00 5.48 -29.12
CA THR D 54 12.92 6.44 -29.07
C THR D 54 13.26 7.65 -28.20
N VAL D 55 14.55 7.88 -27.91
N VAL D 55 14.54 7.88 -27.88
CA VAL D 55 14.95 8.98 -27.05
CA VAL D 55 14.86 9.10 -27.14
C VAL D 55 16.11 9.76 -27.67
C VAL D 55 16.13 9.81 -27.64
N THR D 56 17.21 9.10 -27.97
CA THR D 56 18.46 9.77 -28.33
C THR D 56 19.02 9.36 -29.68
N GLU D 57 18.88 10.25 -30.66
CA GLU D 57 19.72 10.26 -31.86
C GLU D 57 20.36 11.65 -31.92
N SER D 58 21.01 11.98 -33.04
CA SER D 58 21.83 13.19 -33.05
C SER D 58 21.02 14.41 -32.59
N LYS D 59 19.74 14.49 -32.97
CA LYS D 59 18.97 15.70 -32.64
C LYS D 59 18.77 15.84 -31.14
N MET D 60 18.54 14.72 -30.44
CA MET D 60 18.49 14.80 -28.98
C MET D 60 19.85 15.08 -28.40
N ALA D 61 20.89 14.43 -28.94
CA ALA D 61 22.22 14.56 -28.37
C ALA D 61 22.72 16.00 -28.49
N ILE D 62 22.31 16.72 -29.52
CA ILE D 62 22.73 18.11 -29.68
C ILE D 62 22.05 19.01 -28.65
N ALA D 63 20.73 18.85 -28.47
CA ALA D 63 20.01 19.72 -27.56
C ALA D 63 20.40 19.44 -26.10
N MET D 64 20.60 18.17 -25.75
CA MET D 64 21.15 17.84 -24.44
C MET D 64 22.47 18.57 -24.21
N ALA D 65 23.40 18.45 -25.16
CA ALA D 65 24.72 19.05 -25.03
C ALA D 65 24.64 20.56 -24.86
N ARG D 66 23.78 21.21 -25.65
CA ARG D 66 23.61 22.65 -25.51
C ARG D 66 23.05 23.01 -24.14
N GLU D 67 22.24 22.14 -23.54
CA GLU D 67 21.71 22.47 -22.21
C GLU D 67 22.74 22.27 -21.10
N GLY D 68 23.86 21.62 -21.39
CA GLY D 68 24.88 21.38 -20.39
C GLY D 68 25.01 19.94 -19.95
N GLY D 69 24.24 19.03 -20.56
CA GLY D 69 24.34 17.61 -20.26
C GLY D 69 24.91 16.86 -21.44
N ILE D 70 24.58 15.58 -21.58
CA ILE D 70 25.10 14.78 -22.69
C ILE D 70 24.04 13.77 -23.10
N GLY D 71 24.05 13.40 -24.38
CA GLY D 71 23.21 12.34 -24.90
C GLY D 71 24.07 11.17 -25.34
N ILE D 72 23.51 9.96 -25.23
CA ILE D 72 24.20 8.74 -25.67
C ILE D 72 23.45 8.20 -26.89
N ILE D 73 24.08 8.27 -28.06
CA ILE D 73 23.43 7.79 -29.27
C ILE D 73 23.30 6.27 -29.24
N HIS D 74 22.09 5.77 -29.52
CA HIS D 74 21.85 4.34 -29.41
C HIS D 74 22.57 3.56 -30.53
N LYS D 75 22.69 2.25 -30.31
CA LYS D 75 23.40 1.34 -31.21
C LYS D 75 22.47 0.46 -32.03
N ASN D 76 21.16 0.70 -31.99
CA ASN D 76 20.21 -0.08 -32.78
C ASN D 76 20.17 0.47 -34.20
N MET D 77 21.35 0.55 -34.83
CA MET D 77 21.52 1.02 -36.20
C MET D 77 22.83 0.43 -36.72
N THR D 78 23.12 0.66 -38.00
CA THR D 78 24.38 0.15 -38.50
C THR D 78 25.55 0.93 -37.90
N ILE D 79 26.73 0.33 -37.96
CA ILE D 79 27.94 0.97 -37.47
C ILE D 79 28.13 2.34 -38.15
N GLU D 80 28.06 2.35 -39.48
CA GLU D 80 28.26 3.59 -40.24
C GLU D 80 27.27 4.66 -39.83
N ASP D 81 25.99 4.30 -39.66
CA ASP D 81 24.99 5.31 -39.32
C ASP D 81 25.22 5.88 -37.93
N GLN D 82 25.65 5.04 -36.98
CA GLN D 82 25.94 5.56 -35.64
C GLN D 82 27.14 6.50 -35.66
N ALA D 83 28.17 6.18 -36.45
CA ALA D 83 29.28 7.11 -36.63
C ALA D 83 28.79 8.42 -37.25
N ARG D 84 27.87 8.32 -38.21
CA ARG D 84 27.27 9.52 -38.80
C ARG D 84 26.56 10.36 -37.76
N GLU D 85 25.76 9.72 -36.89
CA GLU D 85 25.05 10.43 -35.84
C GLU D 85 26.02 11.16 -34.93
N VAL D 86 27.01 10.44 -34.40
CA VAL D 86 28.07 11.08 -33.63
C VAL D 86 28.66 12.25 -34.41
N ASP D 87 28.94 12.03 -35.70
CA ASP D 87 29.54 13.07 -36.51
C ASP D 87 28.67 14.32 -36.57
N ARG D 88 27.33 14.14 -36.62
CA ARG D 88 26.45 15.30 -36.70
C ARG D 88 26.50 16.13 -35.43
N VAL D 89 26.71 15.46 -34.29
CA VAL D 89 26.84 16.17 -33.02
C VAL D 89 28.15 16.93 -32.97
N LYS D 90 29.27 16.25 -33.19
CA LYS D 90 30.59 16.88 -33.08
C LYS D 90 30.74 18.04 -34.05
N ARG D 91 30.10 17.96 -35.21
CA ARG D 91 30.15 19.05 -36.18
C ARG D 91 29.19 20.19 -35.84
N SER D 92 28.26 19.97 -34.92
CA SER D 92 27.35 21.03 -34.50
C SER D 92 27.97 21.84 -33.36
N GLY D 93 29.21 22.29 -33.53
CA GLY D 93 29.85 23.15 -32.54
C GLY D 93 30.64 22.46 -31.46
N GLY D 94 31.28 21.33 -31.76
CA GLY D 94 32.14 20.66 -30.79
C GLY D 94 31.46 20.25 -29.49
N LEU D 95 30.17 19.95 -29.53
CA LEU D 95 29.48 19.50 -28.34
C LEU D 95 29.97 18.12 -27.91
N LEU D 96 29.71 17.79 -26.64
CA LEU D 96 29.99 16.45 -26.13
C LEU D 96 29.01 15.44 -26.74
N CYS D 97 29.47 14.21 -26.86
CA CYS D 97 28.64 13.14 -27.40
C CYS D 97 29.11 11.80 -26.86
N GLY D 98 28.14 10.93 -26.57
CA GLY D 98 28.39 9.54 -26.27
C GLY D 98 27.74 8.63 -27.29
N ALA D 99 27.93 7.33 -27.08
CA ALA D 99 27.49 6.31 -28.01
C ALA D 99 27.56 4.95 -27.32
N SER D 100 26.49 4.18 -27.39
CA SER D 100 26.51 2.90 -26.71
C SER D 100 27.13 1.83 -27.60
N ILE D 101 27.82 0.90 -26.96
CA ILE D 101 28.53 -0.21 -27.59
C ILE D 101 28.08 -1.50 -26.95
N GLY D 102 28.13 -2.60 -27.70
CA GLY D 102 27.67 -3.89 -27.19
C GLY D 102 28.74 -4.97 -27.11
N VAL D 103 28.54 -5.96 -26.24
CA VAL D 103 29.39 -7.14 -26.18
C VAL D 103 29.03 -8.04 -27.36
N THR D 104 29.77 -7.90 -28.46
CA THR D 104 29.48 -8.57 -29.72
C THR D 104 30.79 -8.82 -30.49
N ASN D 105 30.67 -9.57 -31.57
CA ASN D 105 31.84 -9.91 -32.36
C ASN D 105 32.37 -8.68 -33.09
N ASP D 106 31.47 -7.83 -33.56
CA ASP D 106 31.86 -6.61 -34.25
C ASP D 106 32.10 -5.44 -33.30
N MET D 107 32.34 -5.71 -32.00
CA MET D 107 32.34 -4.65 -30.98
C MET D 107 33.37 -3.56 -31.30
N MET D 108 34.62 -3.96 -31.56
N MET D 108 34.61 -3.97 -31.57
CA MET D 108 35.65 -2.96 -31.80
CA MET D 108 35.66 -2.98 -31.82
C MET D 108 35.50 -2.29 -33.16
C MET D 108 35.49 -2.28 -33.16
N GLU D 109 34.86 -2.95 -34.13
CA GLU D 109 34.56 -2.29 -35.39
C GLU D 109 33.61 -1.11 -35.17
N ARG D 110 32.64 -1.27 -34.25
CA ARG D 110 31.74 -0.17 -33.92
C ARG D 110 32.47 0.94 -33.16
N VAL D 111 33.33 0.56 -32.21
CA VAL D 111 34.09 1.55 -31.46
C VAL D 111 34.97 2.39 -32.40
N ASP D 112 35.78 1.72 -33.24
CA ASP D 112 36.61 2.41 -34.24
C ASP D 112 35.82 3.49 -34.97
N ALA D 113 34.60 3.15 -35.40
CA ALA D 113 33.77 4.08 -36.16
C ALA D 113 33.46 5.34 -35.35
N VAL D 114 32.89 5.18 -34.16
CA VAL D 114 32.50 6.38 -33.40
C VAL D 114 33.72 7.07 -32.83
N VAL D 115 34.82 6.35 -32.62
CA VAL D 115 36.05 6.99 -32.19
C VAL D 115 36.61 7.88 -33.31
N LYS D 116 36.60 7.38 -34.56
CA LYS D 116 36.99 8.26 -35.67
C LYS D 116 36.03 9.43 -35.80
N ALA D 117 34.78 9.29 -35.37
CA ALA D 117 33.88 10.44 -35.38
C ALA D 117 34.03 11.31 -34.15
N LYS D 118 35.09 11.11 -33.35
CA LYS D 118 35.46 11.95 -32.21
C LYS D 118 34.43 11.92 -31.09
N VAL D 119 33.76 10.77 -30.90
CA VAL D 119 32.89 10.60 -29.75
C VAL D 119 33.70 10.86 -28.47
N ASP D 120 33.04 11.45 -27.47
CA ASP D 120 33.77 11.75 -26.26
C ASP D 120 33.71 10.62 -25.23
N VAL D 121 32.69 9.77 -25.26
CA VAL D 121 32.55 8.73 -24.25
C VAL D 121 31.79 7.55 -24.85
N ILE D 122 32.21 6.35 -24.46
CA ILE D 122 31.56 5.11 -24.86
C ILE D 122 30.85 4.53 -23.65
N VAL D 123 29.68 3.96 -23.88
CA VAL D 123 28.92 3.27 -22.83
C VAL D 123 28.86 1.81 -23.25
N LEU D 124 29.68 0.97 -22.61
CA LEU D 124 29.63 -0.47 -22.85
C LEU D 124 28.44 -1.00 -22.08
N ASP D 125 27.29 -1.06 -22.76
CA ASP D 125 25.97 -1.11 -22.12
C ASP D 125 25.34 -2.48 -22.35
N THR D 126 25.04 -3.19 -21.27
CA THR D 126 24.47 -4.52 -21.37
C THR D 126 23.36 -4.71 -20.35
N ALA D 127 22.54 -5.72 -20.62
CA ALA D 127 21.56 -6.18 -19.66
C ALA D 127 22.21 -6.44 -18.31
N HIS D 128 23.33 -7.16 -18.30
CA HIS D 128 23.95 -7.57 -17.05
C HIS D 128 25.42 -7.13 -17.10
N GLY D 129 25.72 -5.99 -16.49
CA GLY D 129 27.05 -5.43 -16.59
C GLY D 129 28.10 -6.17 -15.79
N HIS D 130 27.68 -6.83 -14.70
CA HIS D 130 28.65 -7.47 -13.81
C HIS D 130 28.94 -8.88 -14.32
N SER D 131 29.69 -8.92 -15.42
CA SER D 131 29.79 -10.12 -16.26
C SER D 131 31.16 -10.25 -16.90
N LYS D 132 31.51 -11.49 -17.25
CA LYS D 132 32.76 -11.75 -17.96
C LYS D 132 32.85 -10.95 -19.25
N GLY D 133 31.75 -10.87 -20.00
CA GLY D 133 31.77 -10.13 -21.26
C GLY D 133 32.12 -8.66 -21.06
N VAL D 134 31.47 -8.01 -20.09
CA VAL D 134 31.67 -6.58 -19.91
C VAL D 134 33.04 -6.28 -19.30
N ILE D 135 33.51 -7.14 -18.40
CA ILE D 135 34.81 -6.94 -17.77
C ILE D 135 35.94 -7.11 -18.79
N GLU D 136 35.84 -8.14 -19.62
CA GLU D 136 36.81 -8.34 -20.68
C GLU D 136 36.65 -7.30 -21.78
N GLY D 137 35.43 -6.87 -22.06
CA GLY D 137 35.22 -5.83 -23.07
C GLY D 137 35.90 -4.52 -22.70
N VAL D 138 35.74 -4.10 -21.43
CA VAL D 138 36.39 -2.86 -20.97
C VAL D 138 37.89 -2.96 -21.15
N LYS D 139 38.49 -4.06 -20.70
CA LYS D 139 39.93 -4.24 -20.84
C LYS D 139 40.37 -4.11 -22.30
N ARG D 140 39.67 -4.81 -23.22
CA ARG D 140 40.09 -4.79 -24.62
C ARG D 140 39.90 -3.42 -25.25
N ILE D 141 38.87 -2.69 -24.85
CA ILE D 141 38.70 -1.35 -25.38
C ILE D 141 39.81 -0.44 -24.86
N LYS D 142 40.15 -0.55 -23.57
CA LYS D 142 41.27 0.20 -23.05
C LYS D 142 42.60 -0.24 -23.67
N ALA D 143 42.73 -1.53 -24.00
CA ALA D 143 43.98 -1.98 -24.63
C ALA D 143 44.24 -1.23 -25.94
N LYS D 144 43.21 -1.11 -26.79
CA LYS D 144 43.37 -0.44 -28.07
C LYS D 144 43.29 1.09 -27.94
N TYR D 145 42.40 1.63 -27.09
CA TYR D 145 42.22 3.08 -26.93
C TYR D 145 42.38 3.49 -25.46
N PRO D 146 43.61 3.61 -24.98
CA PRO D 146 43.80 3.91 -23.55
C PRO D 146 43.23 5.26 -23.11
N GLU D 147 43.13 6.23 -24.01
N GLU D 147 43.14 6.23 -24.00
CA GLU D 147 42.62 7.55 -23.67
CA GLU D 147 42.62 7.55 -23.63
C GLU D 147 41.10 7.62 -23.67
C GLU D 147 41.10 7.65 -23.72
N LEU D 148 40.43 6.64 -24.26
CA LEU D 148 38.98 6.70 -24.44
C LEU D 148 38.22 6.50 -23.13
N GLN D 149 37.29 7.42 -22.83
CA GLN D 149 36.51 7.38 -21.60
C GLN D 149 35.42 6.32 -21.70
N VAL D 150 35.40 5.39 -20.76
CA VAL D 150 34.50 4.23 -20.83
C VAL D 150 33.56 4.24 -19.63
N ILE D 151 32.25 4.21 -19.91
CA ILE D 151 31.20 3.96 -18.92
C ILE D 151 30.75 2.51 -19.10
N ALA D 152 30.70 1.75 -18.01
CA ALA D 152 30.31 0.33 -18.06
C ALA D 152 29.04 0.10 -17.25
N GLY D 153 28.12 -0.70 -17.78
CA GLY D 153 26.87 -0.98 -17.07
C GLY D 153 26.09 -2.08 -17.77
N ASN D 154 24.92 -2.41 -17.23
CA ASN D 154 24.35 -1.86 -15.99
C ASN D 154 24.51 -2.80 -14.79
N ILE D 155 24.66 -2.21 -13.60
CA ILE D 155 24.98 -2.95 -12.38
C ILE D 155 24.10 -2.46 -11.23
N ALA D 156 24.20 -3.13 -10.10
CA ALA D 156 23.40 -2.74 -8.95
C ALA D 156 24.07 -3.05 -7.61
N THR D 157 25.30 -3.55 -7.58
CA THR D 157 25.97 -3.94 -6.34
C THR D 157 27.35 -3.32 -6.24
N PRO D 158 27.79 -3.02 -5.01
CA PRO D 158 29.15 -2.49 -4.82
C PRO D 158 30.22 -3.44 -5.32
N GLU D 159 29.97 -4.76 -5.27
CA GLU D 159 30.93 -5.71 -5.81
C GLU D 159 31.10 -5.49 -7.31
N ALA D 160 30.03 -5.11 -7.99
CA ALA D 160 30.10 -4.83 -9.41
C ALA D 160 30.94 -3.58 -9.67
N VAL D 161 30.76 -2.55 -8.84
CA VAL D 161 31.57 -1.35 -8.99
C VAL D 161 33.03 -1.70 -8.89
N ARG D 162 33.40 -2.53 -7.91
CA ARG D 162 34.80 -2.93 -7.73
C ARG D 162 35.33 -3.64 -8.96
N ASP D 163 34.63 -4.69 -9.40
CA ASP D 163 35.12 -5.49 -10.52
C ASP D 163 35.20 -4.66 -11.81
N LEU D 164 34.23 -3.77 -12.03
CA LEU D 164 34.29 -2.93 -13.22
C LEU D 164 35.33 -1.82 -13.09
N ALA D 165 35.52 -1.30 -11.88
CA ALA D 165 36.61 -0.34 -11.67
C ALA D 165 37.96 -0.98 -11.99
N GLU D 166 38.13 -2.25 -11.60
CA GLU D 166 39.38 -2.93 -11.90
C GLU D 166 39.57 -3.20 -13.38
N ALA D 167 38.48 -3.46 -14.12
CA ALA D 167 38.61 -3.64 -15.56
C ALA D 167 39.04 -2.36 -16.26
N GLY D 168 38.95 -1.21 -15.60
CA GLY D 168 39.38 0.05 -16.13
C GLY D 168 38.28 0.99 -16.54
N ALA D 169 37.04 0.77 -16.10
CA ALA D 169 35.97 1.69 -16.44
C ALA D 169 36.25 3.04 -15.81
N ASP D 170 35.93 4.11 -16.56
CA ASP D 170 36.05 5.47 -16.01
C ASP D 170 34.81 5.87 -15.24
N CYS D 171 33.75 5.08 -15.35
CA CYS D 171 32.45 5.41 -14.80
C CYS D 171 31.59 4.17 -14.94
N VAL D 172 30.70 3.94 -13.96
CA VAL D 172 29.78 2.81 -13.97
C VAL D 172 28.34 3.32 -13.89
N LYS D 173 27.43 2.54 -14.47
CA LYS D 173 26.05 2.94 -14.62
C LYS D 173 25.17 1.97 -13.83
N VAL D 174 24.45 2.49 -12.83
CA VAL D 174 23.68 1.69 -11.88
C VAL D 174 22.24 1.63 -12.34
N GLY D 175 21.71 0.41 -12.49
CA GLY D 175 20.30 0.25 -12.79
C GLY D 175 19.95 -1.11 -13.38
N ILE D 176 19.28 -1.96 -12.59
CA ILE D 176 18.79 -3.25 -13.04
C ILE D 176 17.29 -3.28 -12.75
N GLY D 177 16.49 -3.01 -13.79
CA GLY D 177 15.05 -3.10 -13.69
C GLY D 177 14.18 -1.91 -13.23
N PRO D 178 14.75 -0.73 -12.91
CA PRO D 178 13.86 0.38 -12.52
C PRO D 178 13.15 1.04 -13.69
N GLY D 179 13.63 0.83 -14.91
CA GLY D 179 13.14 1.57 -16.05
C GLY D 179 11.64 1.51 -16.26
N SER D 180 11.07 2.66 -16.63
CA SER D 180 9.62 2.74 -16.78
C SER D 180 9.08 1.77 -17.82
N ILE D 181 9.88 1.40 -18.83
CA ILE D 181 9.43 0.46 -19.87
C ILE D 181 10.04 -0.92 -19.68
N CYS D 182 10.59 -1.21 -18.52
CA CYS D 182 11.36 -2.41 -18.25
C CYS D 182 10.50 -3.49 -17.57
N THR D 183 10.70 -4.76 -17.98
CA THR D 183 10.04 -5.90 -17.37
C THR D 183 11.05 -6.94 -16.87
N THR D 184 12.32 -6.57 -16.82
CA THR D 184 13.35 -7.43 -16.25
C THR D 184 12.95 -8.00 -14.89
N ARG D 185 12.36 -7.18 -14.02
CA ARG D 185 11.94 -7.70 -12.73
C ARG D 185 10.74 -8.64 -12.85
N ILE D 186 9.82 -8.37 -13.78
CA ILE D 186 8.71 -9.30 -14.05
C ILE D 186 9.24 -10.60 -14.68
N VAL D 187 10.06 -10.50 -15.72
CA VAL D 187 10.39 -11.68 -16.52
C VAL D 187 11.45 -12.53 -15.85
N ALA D 188 12.44 -11.90 -15.22
CA ALA D 188 13.57 -12.63 -14.66
C ALA D 188 13.63 -12.59 -13.14
N GLY D 189 12.90 -11.68 -12.50
CA GLY D 189 12.84 -11.62 -11.05
C GLY D 189 14.03 -10.96 -10.41
N VAL D 190 14.86 -10.27 -11.20
CA VAL D 190 16.14 -9.74 -10.78
C VAL D 190 16.02 -8.22 -10.73
N GLY D 191 16.49 -7.63 -9.65
CA GLY D 191 16.61 -6.18 -9.59
C GLY D 191 17.04 -5.78 -8.20
N VAL D 192 17.31 -4.49 -8.04
CA VAL D 192 17.30 -3.97 -6.68
C VAL D 192 16.73 -2.56 -6.72
N PRO D 193 15.82 -2.22 -5.80
CA PRO D 193 15.20 -0.89 -5.81
C PRO D 193 16.23 0.21 -5.98
N GLN D 194 15.90 1.16 -6.87
CA GLN D 194 16.93 2.01 -7.45
C GLN D 194 17.62 2.93 -6.44
N LEU D 195 16.88 3.48 -5.47
CA LEU D 195 17.55 4.37 -4.53
C LEU D 195 18.57 3.60 -3.68
N THR D 196 18.18 2.42 -3.17
CA THR D 196 19.17 1.62 -2.44
C THR D 196 20.33 1.19 -3.36
N ALA D 197 20.05 0.97 -4.64
CA ALA D 197 21.10 0.61 -5.60
C ALA D 197 22.14 1.72 -5.70
N VAL D 198 21.69 2.94 -6.03
CA VAL D 198 22.61 4.06 -6.20
C VAL D 198 23.37 4.34 -4.91
N MET D 199 22.66 4.38 -3.77
CA MET D 199 23.32 4.60 -2.48
C MET D 199 24.44 3.59 -2.27
N ASP D 200 24.15 2.30 -2.45
CA ASP D 200 25.15 1.26 -2.20
C ASP D 200 26.33 1.38 -3.16
N CYS D 201 26.06 1.57 -4.45
CA CYS D 201 27.15 1.62 -5.42
C CYS D 201 27.92 2.94 -5.32
N ALA D 202 27.20 4.07 -5.13
CA ALA D 202 27.87 5.36 -4.97
C ALA D 202 28.88 5.34 -3.83
N GLU D 203 28.49 4.79 -2.66
CA GLU D 203 29.42 4.75 -1.54
C GLU D 203 30.67 3.95 -1.88
N GLU D 204 30.53 2.88 -2.65
CA GLU D 204 31.69 2.15 -3.11
C GLU D 204 32.45 2.94 -4.17
N GLY D 205 31.72 3.60 -5.06
CA GLY D 205 32.35 4.42 -6.08
C GLY D 205 33.26 5.48 -5.49
N LYS D 206 32.86 6.08 -4.37
CA LYS D 206 33.63 7.15 -3.78
C LYS D 206 34.86 6.62 -3.04
N LYS D 207 34.81 5.38 -2.54
CA LYS D 207 36.00 4.78 -1.95
C LYS D 207 37.03 4.43 -3.03
N LEU D 208 36.58 4.20 -4.28
CA LEU D 208 37.48 3.92 -5.39
C LEU D 208 37.78 5.14 -6.25
N GLY D 209 37.07 6.25 -6.06
CA GLY D 209 37.26 7.39 -6.92
C GLY D 209 36.66 7.22 -8.29
N ILE D 210 35.63 6.40 -8.43
CA ILE D 210 34.95 6.20 -9.71
C ILE D 210 33.51 6.66 -9.55
N PRO D 211 33.03 7.55 -10.42
CA PRO D 211 31.64 8.02 -10.30
C PRO D 211 30.62 7.00 -10.78
N VAL D 212 29.37 7.17 -10.33
CA VAL D 212 28.28 6.30 -10.72
C VAL D 212 27.13 7.13 -11.30
N ILE D 213 26.42 6.54 -12.25
CA ILE D 213 25.25 7.15 -12.88
C ILE D 213 23.99 6.42 -12.39
N ALA D 214 23.00 7.20 -11.94
CA ALA D 214 21.67 6.69 -11.57
C ALA D 214 20.80 6.62 -12.82
N ASP D 215 20.43 5.41 -13.24
CA ASP D 215 19.81 5.21 -14.54
C ASP D 215 18.51 4.42 -14.38
N GLY D 216 17.40 5.04 -14.76
CA GLY D 216 16.08 4.45 -14.81
C GLY D 216 15.27 4.73 -13.57
N GLY D 217 13.95 4.83 -13.75
CA GLY D 217 13.04 4.97 -12.62
C GLY D 217 12.78 6.39 -12.19
N LEU D 218 13.46 7.37 -12.78
CA LEU D 218 13.26 8.76 -12.41
C LEU D 218 12.01 9.29 -13.09
N LYS D 219 11.15 9.93 -12.33
CA LYS D 219 9.88 10.42 -12.86
C LYS D 219 9.74 11.91 -12.72
N TYR D 220 10.24 12.47 -11.62
CA TYR D 220 10.08 13.87 -11.28
C TYR D 220 11.45 14.45 -10.96
N SER D 221 11.56 15.76 -11.08
CA SER D 221 12.79 16.45 -10.70
C SER D 221 13.20 16.11 -9.28
N GLY D 222 12.23 15.88 -8.38
CA GLY D 222 12.57 15.50 -7.04
C GLY D 222 13.28 14.16 -6.99
N ASP D 223 12.92 13.24 -7.88
CA ASP D 223 13.62 11.97 -7.92
C ASP D 223 15.08 12.19 -8.31
N ILE D 224 15.37 13.16 -9.18
CA ILE D 224 16.78 13.44 -9.49
C ILE D 224 17.50 13.91 -8.24
N VAL D 225 16.86 14.78 -7.43
CA VAL D 225 17.54 15.32 -6.25
C VAL D 225 17.93 14.18 -5.31
N LYS D 226 17.04 13.19 -5.13
CA LYS D 226 17.35 12.06 -4.27
C LYS D 226 18.50 11.24 -4.81
N ALA D 227 18.51 10.99 -6.12
CA ALA D 227 19.61 10.24 -6.74
C ALA D 227 20.94 10.92 -6.49
N LEU D 228 21.01 12.23 -6.76
CA LEU D 228 22.25 12.97 -6.59
C LEU D 228 22.65 13.03 -5.12
N ALA D 229 21.68 13.19 -4.22
CA ALA D 229 22.00 13.22 -2.81
C ALA D 229 22.50 11.87 -2.33
N ALA D 230 22.15 10.80 -3.07
CA ALA D 230 22.62 9.45 -2.79
C ALA D 230 24.03 9.19 -3.29
N GLY D 231 24.64 10.12 -4.00
CA GLY D 231 26.04 10.00 -4.39
C GLY D 231 26.28 9.87 -5.88
N ALA D 232 25.24 9.78 -6.70
CA ALA D 232 25.40 9.63 -8.14
C ALA D 232 25.91 10.91 -8.78
N CYS D 233 26.91 10.76 -9.66
CA CYS D 233 27.46 11.90 -10.38
C CYS D 233 26.44 12.52 -11.32
N ALA D 234 25.44 11.75 -11.77
CA ALA D 234 24.58 12.13 -12.89
C ALA D 234 23.38 11.19 -12.96
N ALA D 235 22.34 11.65 -13.65
CA ALA D 235 21.09 10.90 -13.79
C ALA D 235 20.75 10.76 -15.26
N MET D 236 20.47 9.54 -15.69
N MET D 236 20.41 9.53 -15.67
CA MET D 236 20.02 9.30 -17.06
CA MET D 236 20.05 9.20 -17.04
C MET D 236 18.53 8.99 -17.06
C MET D 236 18.55 8.89 -17.11
N MET D 237 17.85 9.51 -18.06
CA MET D 237 16.41 9.31 -18.21
C MET D 237 16.05 8.95 -19.64
N GLY D 238 15.04 8.08 -19.76
CA GLY D 238 14.41 7.81 -21.03
C GLY D 238 13.05 8.45 -21.09
N SER D 239 12.20 8.15 -20.10
CA SER D 239 10.80 8.56 -20.14
C SER D 239 10.62 10.07 -19.96
N ILE D 240 11.44 10.71 -19.12
CA ILE D 240 11.35 12.17 -18.98
C ILE D 240 11.64 12.87 -20.31
N PHE D 241 12.54 12.31 -21.14
CA PHE D 241 12.97 12.92 -22.40
C PHE D 241 12.33 12.32 -23.65
N ALA D 242 11.74 11.13 -23.55
CA ALA D 242 11.17 10.48 -24.73
C ALA D 242 10.06 11.31 -25.36
N GLY D 243 9.34 12.08 -24.57
CA GLY D 243 8.23 12.81 -25.13
C GLY D 243 8.57 14.14 -25.75
N CYS D 244 9.84 14.51 -25.74
CA CYS D 244 10.26 15.80 -26.29
C CYS D 244 10.37 15.71 -27.81
N GLU D 245 10.23 16.87 -28.45
CA GLU D 245 10.22 16.91 -29.91
C GLU D 245 11.50 16.36 -30.51
N GLU D 246 12.63 16.58 -29.83
CA GLU D 246 13.95 16.18 -30.32
C GLU D 246 14.18 14.66 -30.28
N ALA D 247 13.35 13.92 -29.55
CA ALA D 247 13.43 12.47 -29.55
C ALA D 247 12.92 11.90 -30.88
N PRO D 248 13.50 10.79 -31.35
CA PRO D 248 13.11 10.25 -32.65
C PRO D 248 11.66 9.79 -32.61
N GLY D 249 11.02 9.85 -33.76
CA GLY D 249 9.65 9.37 -33.84
C GLY D 249 8.64 10.50 -33.85
N ALA D 250 7.63 10.38 -34.70
CA ALA D 250 6.63 11.42 -34.86
C ALA D 250 5.63 11.40 -33.70
N ILE D 251 4.86 12.47 -33.63
CA ILE D 251 3.81 12.65 -32.66
C ILE D 251 2.52 12.04 -33.20
N GLU D 252 1.81 11.30 -32.34
CA GLU D 252 0.47 10.81 -32.61
C GLU D 252 -0.53 11.57 -31.77
N ILE D 253 -1.71 11.81 -32.33
CA ILE D 253 -2.78 12.51 -31.64
C ILE D 253 -3.86 11.48 -31.29
N TYR D 254 -4.28 11.48 -30.02
CA TYR D 254 -5.24 10.50 -29.53
C TYR D 254 -6.18 11.15 -28.54
N GLN D 255 -7.47 11.19 -28.88
CA GLN D 255 -8.51 11.74 -28.02
C GLN D 255 -8.21 13.19 -27.63
N GLY D 256 -7.74 13.97 -28.60
CA GLY D 256 -7.46 15.38 -28.35
C GLY D 256 -6.15 15.67 -27.64
N ARG D 257 -5.32 14.66 -27.39
CA ARG D 257 -4.03 14.83 -26.77
C ARG D 257 -2.96 14.19 -27.65
N SER D 258 -1.73 14.66 -27.53
CA SER D 258 -0.64 14.25 -28.41
C SER D 258 0.36 13.39 -27.65
N TYR D 259 0.79 12.30 -28.28
CA TYR D 259 1.66 11.30 -27.65
C TYR D 259 2.83 10.98 -28.58
N LYS D 260 3.89 10.43 -27.99
CA LYS D 260 5.07 9.92 -28.70
C LYS D 260 5.29 8.46 -28.32
N VAL D 261 5.73 7.65 -29.30
CA VAL D 261 6.06 6.26 -29.00
C VAL D 261 7.30 6.21 -28.11
N TYR D 262 7.27 5.33 -27.10
CA TYR D 262 8.41 5.11 -26.20
C TYR D 262 8.49 3.63 -25.89
N ARG D 263 9.66 3.03 -26.05
CA ARG D 263 9.71 1.58 -25.92
C ARG D 263 11.07 1.15 -25.40
N GLY D 264 11.09 0.00 -24.72
CA GLY D 264 12.34 -0.50 -24.18
C GLY D 264 13.19 -1.10 -25.27
N MET D 265 14.52 -1.03 -25.09
CA MET D 265 15.39 -1.67 -26.08
C MET D 265 15.28 -3.19 -26.03
N GLY D 266 14.77 -3.75 -24.95
CA GLY D 266 14.43 -5.14 -24.94
C GLY D 266 13.00 -5.44 -25.38
N SER D 267 12.25 -4.45 -25.85
CA SER D 267 10.91 -4.70 -26.35
C SER D 267 10.96 -5.48 -27.67
N LEU D 268 9.80 -5.96 -28.11
CA LEU D 268 9.72 -6.70 -29.36
C LEU D 268 9.96 -5.80 -30.58
N GLY D 269 9.39 -4.59 -30.56
CA GLY D 269 9.62 -3.68 -31.67
C GLY D 269 11.09 -3.32 -31.80
N ALA D 270 11.73 -2.96 -30.68
CA ALA D 270 13.14 -2.57 -30.71
C ALA D 270 14.02 -3.71 -31.23
N MET D 271 13.85 -4.92 -30.67
CA MET D 271 14.75 -6.00 -31.00
C MET D 271 14.62 -6.43 -32.46
N ALA D 272 13.45 -6.23 -33.06
CA ALA D 272 13.18 -6.71 -34.40
C ALA D 272 13.76 -5.81 -35.50
N LYS D 273 14.50 -4.75 -35.18
CA LYS D 273 15.05 -3.92 -36.25
C LYS D 273 16.37 -4.45 -36.81
N LYS D 286 11.59 -17.68 -31.36
CA LYS D 286 11.67 -16.22 -31.36
C LYS D 286 12.41 -15.75 -30.11
N PHE D 287 12.28 -14.49 -29.72
CA PHE D 287 12.95 -13.99 -28.53
C PHE D 287 11.98 -13.73 -27.38
N VAL D 288 12.56 -13.44 -26.23
CA VAL D 288 11.87 -13.25 -24.96
C VAL D 288 12.16 -11.84 -24.44
N PRO D 289 11.24 -10.89 -24.64
CA PRO D 289 11.56 -9.49 -24.34
C PRO D 289 11.74 -9.24 -22.85
N GLU D 290 12.43 -8.13 -22.54
CA GLU D 290 12.51 -7.64 -21.16
C GLU D 290 12.05 -6.18 -21.09
N GLY D 291 11.11 -5.81 -21.96
CA GLY D 291 10.67 -4.43 -22.08
C GLY D 291 9.37 -4.37 -22.85
N VAL D 292 8.65 -3.26 -22.67
CA VAL D 292 7.35 -3.11 -23.27
C VAL D 292 7.35 -1.88 -24.17
N GLU D 293 6.34 -1.80 -25.03
CA GLU D 293 6.21 -0.76 -26.03
C GLU D 293 4.91 -0.02 -25.79
N GLY D 294 4.97 1.31 -25.73
CA GLY D 294 3.79 2.11 -25.46
C GLY D 294 3.96 3.54 -25.91
N ARG D 295 3.13 4.42 -25.35
CA ARG D 295 3.14 5.83 -25.72
C ARG D 295 3.08 6.74 -24.49
N ILE D 296 3.82 7.84 -24.52
CA ILE D 296 3.77 8.84 -23.46
C ILE D 296 3.34 10.17 -24.03
N ALA D 297 2.90 11.05 -23.13
CA ALA D 297 2.36 12.35 -23.53
C ALA D 297 3.47 13.26 -24.05
N TYR D 298 3.16 13.98 -25.12
CA TYR D 298 4.10 14.91 -25.75
C TYR D 298 4.34 16.13 -24.85
N LYS D 299 5.61 16.50 -24.67
CA LYS D 299 6.01 17.52 -23.70
C LYS D 299 6.65 18.76 -24.32
N GLY D 300 6.62 18.91 -25.64
CA GLY D 300 7.20 20.09 -26.27
C GLY D 300 8.69 19.93 -26.50
N HIS D 301 9.39 21.07 -26.54
CA HIS D 301 10.82 21.09 -26.79
C HIS D 301 11.61 20.64 -25.55
N LEU D 302 12.80 20.10 -25.80
CA LEU D 302 13.66 19.64 -24.72
C LEU D 302 14.02 20.77 -23.77
N ALA D 303 14.04 22.00 -24.26
CA ALA D 303 14.50 23.11 -23.42
C ALA D 303 13.54 23.37 -22.27
N ASP D 304 12.24 23.15 -22.48
CA ASP D 304 11.24 23.41 -21.43
C ASP D 304 11.25 22.30 -20.37
N THR D 305 11.49 21.06 -20.78
CA THR D 305 11.67 19.99 -19.82
C THR D 305 12.91 20.22 -18.97
N ILE D 306 14.06 20.42 -19.62
CA ILE D 306 15.31 20.62 -18.90
C ILE D 306 15.16 21.75 -17.87
N TYR D 307 14.51 22.83 -18.27
CA TYR D 307 14.34 23.97 -17.37
C TYR D 307 13.57 23.56 -16.10
N GLN D 308 12.46 22.84 -16.27
CA GLN D 308 11.70 22.37 -15.10
C GLN D 308 12.53 21.45 -14.21
N LEU D 309 13.28 20.53 -14.81
CA LEU D 309 14.14 19.63 -14.03
C LEU D 309 15.22 20.42 -13.30
N ILE D 310 15.89 21.32 -14.02
CA ILE D 310 16.95 22.11 -13.40
C ILE D 310 16.37 22.94 -12.26
N GLY D 311 15.26 23.62 -12.51
CA GLY D 311 14.65 24.40 -11.44
C GLY D 311 14.28 23.54 -10.24
N GLY D 312 13.76 22.34 -10.48
CA GLY D 312 13.42 21.46 -9.38
C GLY D 312 14.64 21.00 -8.61
N ILE D 313 15.76 20.79 -9.31
CA ILE D 313 17.01 20.40 -8.68
C ILE D 313 17.57 21.53 -7.83
N LYS D 314 17.65 22.73 -8.41
CA LYS D 314 18.11 23.89 -7.65
C LYS D 314 17.20 24.14 -6.44
N SER D 315 15.90 23.92 -6.59
CA SER D 315 15.00 24.09 -5.46
C SER D 315 15.30 23.09 -4.36
N GLY D 316 15.52 21.81 -4.72
CA GLY D 316 15.92 20.83 -3.72
C GLY D 316 17.21 21.19 -3.02
N MET D 317 18.22 21.61 -3.78
CA MET D 317 19.52 21.93 -3.17
C MET D 317 19.41 23.14 -2.25
N GLY D 318 18.54 24.10 -2.59
CA GLY D 318 18.25 25.19 -1.68
C GLY D 318 17.70 24.73 -0.34
N TYR D 319 16.66 23.87 -0.38
CA TYR D 319 16.06 23.36 0.88
C TYR D 319 17.10 22.69 1.76
N LEU D 320 18.15 22.15 1.16
CA LEU D 320 19.17 21.42 1.88
C LEU D 320 20.45 22.23 2.08
N GLY D 321 20.45 23.52 1.72
CA GLY D 321 21.60 24.36 1.96
C GLY D 321 22.86 24.01 1.18
N ALA D 322 22.72 23.41 0.00
CA ALA D 322 23.87 22.88 -0.73
C ALA D 322 24.22 23.76 -1.91
N PRO D 323 25.35 24.47 -1.91
CA PRO D 323 25.74 25.23 -3.11
C PRO D 323 26.34 24.37 -4.22
N THR D 324 26.84 23.17 -3.91
CA THR D 324 27.35 22.23 -4.90
C THR D 324 26.73 20.85 -4.69
N LEU D 325 26.87 20.02 -5.72
CA LEU D 325 26.39 18.65 -5.66
C LEU D 325 27.09 17.84 -4.59
N GLU D 326 28.38 18.08 -4.37
CA GLU D 326 29.10 17.30 -3.38
C GLU D 326 28.67 17.67 -1.97
N ASN D 327 28.39 18.96 -1.72
CA ASN D 327 27.87 19.35 -0.41
C ASN D 327 26.48 18.77 -0.19
N LEU D 328 25.70 18.61 -1.27
CA LEU D 328 24.39 18.01 -1.14
C LEU D 328 24.49 16.59 -0.62
N TYR D 329 25.44 15.83 -1.16
CA TYR D 329 25.63 14.42 -0.80
C TYR D 329 26.20 14.27 0.61
N GLU D 330 27.02 15.21 1.06
CA GLU D 330 27.64 15.04 2.37
C GLU D 330 26.75 15.49 3.52
N ASN D 331 25.62 16.15 3.24
CA ASN D 331 24.75 16.69 4.28
C ASN D 331 23.30 16.24 4.14
N ALA D 332 23.02 15.31 3.24
CA ALA D 332 21.65 14.90 2.98
C ALA D 332 21.25 13.78 3.93
N ASN D 333 20.15 14.01 4.64
CA ASN D 333 19.52 13.00 5.49
C ASN D 333 18.22 12.57 4.84
N PHE D 334 18.04 11.25 4.70
CA PHE D 334 16.77 10.71 4.22
C PHE D 334 15.89 10.27 5.39
N VAL D 335 14.57 10.35 5.20
CA VAL D 335 13.61 9.63 6.04
C VAL D 335 12.76 8.75 5.14
N VAL D 336 12.33 7.60 5.69
CA VAL D 336 11.44 6.67 5.02
C VAL D 336 9.99 7.04 5.34
N GLN D 337 9.16 7.14 4.30
CA GLN D 337 7.73 7.38 4.42
C GLN D 337 6.97 6.12 4.00
N THR D 338 5.84 5.86 4.67
CA THR D 338 4.97 4.73 4.37
C THR D 338 4.13 5.04 3.15
N SER D 339 3.17 4.14 2.86
CA SER D 339 2.21 4.40 1.80
C SER D 339 1.28 5.57 2.13
N ALA D 340 1.05 5.85 3.41
CA ALA D 340 0.24 7.01 3.78
C ALA D 340 1.03 8.31 3.61
N GLY D 341 2.32 8.30 3.94
CA GLY D 341 3.15 9.45 3.63
C GLY D 341 3.21 9.71 2.14
N PHE D 342 3.27 8.65 1.34
CA PHE D 342 3.20 8.77 -0.12
C PHE D 342 2.02 9.65 -0.56
N ARG D 343 0.81 9.33 -0.08
N ARG D 343 0.81 9.34 -0.11
CA ARG D 343 -0.38 10.07 -0.48
CA ARG D 343 -0.33 10.12 -0.60
C ARG D 343 -0.32 11.52 -0.07
C ARG D 343 -0.38 11.54 -0.04
N GLU D 344 0.25 11.79 1.11
CA GLU D 344 0.39 13.17 1.57
C GLU D 344 1.39 13.94 0.70
N SER D 345 2.41 13.24 0.17
CA SER D 345 3.52 13.82 -0.56
C SER D 345 3.21 14.15 -2.01
N HIS D 346 2.14 13.61 -2.55
CA HIS D 346 1.54 14.09 -3.78
C HIS D 346 0.33 14.94 -3.46
N PRO D 347 -0.07 15.85 -4.35
CA PRO D 347 -1.35 16.52 -4.19
C PRO D 347 -2.44 15.52 -3.81
N HIS D 348 -3.25 15.87 -2.81
CA HIS D 348 -4.24 14.96 -2.27
C HIS D 348 -5.52 15.72 -1.95
N ASP D 349 -6.64 15.03 -2.09
CA ASP D 349 -7.97 15.54 -1.71
C ASP D 349 -8.36 16.80 -2.46
N ILE D 350 -7.97 16.91 -3.74
CA ILE D 350 -8.34 18.06 -4.56
C ILE D 350 -8.57 17.61 -6.00
N ASN D 351 -9.52 18.25 -6.66
CA ASN D 351 -9.78 18.09 -8.09
C ASN D 351 -8.86 19.06 -8.83
N ILE D 352 -7.72 18.57 -9.32
CA ILE D 352 -6.87 19.40 -10.16
C ILE D 352 -7.59 19.73 -11.45
N THR D 353 -7.57 21.01 -11.84
CA THR D 353 -8.19 21.46 -13.08
C THR D 353 -7.19 21.82 -14.19
N LYS D 354 -5.96 22.14 -13.84
CA LYS D 354 -4.94 22.55 -14.81
C LYS D 354 -3.69 21.74 -14.55
N GLU D 355 -3.18 21.09 -15.60
CA GLU D 355 -1.93 20.34 -15.47
C GLU D 355 -0.76 21.28 -15.21
N ALA D 356 0.11 20.87 -14.30
CA ALA D 356 1.31 21.63 -14.01
C ALA D 356 2.42 21.26 -15.01
N PRO D 357 3.37 22.18 -15.26
CA PRO D 357 4.47 21.84 -16.20
C PRO D 357 5.47 20.85 -15.63
N ASN D 358 5.52 20.67 -14.31
CA ASN D 358 6.42 19.72 -13.67
C ASN D 358 5.69 18.65 -12.86
N TYR D 359 4.38 18.45 -13.08
CA TYR D 359 3.65 17.42 -12.34
C TYR D 359 2.52 16.83 -13.18
N SER D 360 2.61 15.52 -13.42
CA SER D 360 1.72 14.74 -14.28
C SER D 360 1.27 15.49 -15.51
P IMP E . -19.76 -3.99 10.78
O1P IMP E . -20.19 -5.39 11.14
O2P IMP E . -18.36 -3.80 10.26
O3P IMP E . -20.74 -3.39 9.77
O5' IMP E . -19.80 -3.09 12.09
C5' IMP E . -20.96 -3.00 12.89
C4' IMP E . -20.67 -2.37 14.23
O4' IMP E . -20.35 -0.98 14.05
C3' IMP E . -21.80 -2.35 15.22
O3' IMP E . -21.95 -3.60 15.88
C2' IMP E . -21.41 -1.20 16.17
O2' IMP E . -20.47 -1.65 17.15
C1' IMP E . -20.67 -0.26 15.22
N9 IMP E . -21.47 0.90 14.80
C8 IMP E . -22.78 0.97 14.43
N7 IMP E . -23.07 2.26 14.09
C5 IMP E . -21.94 2.99 14.19
C6 IMP E . -21.68 4.32 13.95
O6 IMP E . -22.49 5.05 13.37
N1 IMP E . -20.41 4.78 14.17
C2 IMP E . -19.43 3.93 14.62
N3 IMP E . -19.67 2.60 14.84
C4 IMP E . -20.93 2.15 14.64
C13 8KY F . -22.57 10.57 16.81
O1 8KY F . -19.43 9.67 25.29
C2 8KY F . -24.29 8.25 18.30
C1 8KY F . -22.96 8.64 18.19
C12 8KY F . -23.73 10.86 18.98
C5 8KY F . -22.25 6.36 17.93
C18 8KY F . -19.68 9.94 22.87
C4 8KY F . -23.58 5.96 18.05
O3 8KY F . -20.39 7.15 25.31
O4 8KY F . -21.85 9.83 21.02
C17 8KY F . -19.06 10.17 21.64
C3 8KY F . -24.59 6.90 18.23
C6 8KY F . -21.95 7.71 18.00
C7 8KY F . -21.15 5.33 17.73
C8 8KY F . -19.89 5.73 17.71
C9 8KY F . -21.44 4.04 17.62
C10 8KY F . -21.01 10.08 20.18
C11 8KY F . -22.63 10.09 18.25
C19 8KY F . -18.90 9.90 24.04
C20 8KY F . -17.53 10.12 23.99
C21 8KY F . -16.91 10.36 22.77
C22 8KY F . -17.68 10.39 21.61
C24 8KY F . -21.17 8.09 25.06
C28 8KY F . -20.83 9.48 25.50
N3 8KY F . -21.32 10.22 18.88
N4 8KY F . -19.70 10.25 20.44
O25 8KY F . -22.26 7.96 24.46
CL 8KY F . -16.60 10.06 25.53
C13 8KY G . -14.30 -26.60 -0.94
O1 8KY G . -10.02 -31.52 5.05
C2 8KY G . -12.68 -28.97 -2.59
C1 8KY G . -12.46 -28.08 -1.54
C12 8KY G . -14.45 -29.02 -0.43
C5 8KY G . -10.29 -27.54 -2.42
C18 8KY G . -10.94 -29.61 3.89
C4 8KY G . -10.48 -28.43 -3.46
O3 8KY G . -9.30 -32.46 2.67
O4 8KY G . -12.19 -29.46 1.43
C17 8KY G . -11.22 -28.25 3.82
C3 8KY G . -11.68 -29.15 -3.55
C6 8KY G . -11.28 -27.37 -1.46
C7 8KY G . -9.02 -26.76 -2.27
C8 8KY G . -8.89 -25.91 -1.25
C9 8KY G . -8.04 -26.92 -3.15
C10 8KY G . -12.32 -28.27 1.66
C11 8KY G . -13.51 -27.83 -0.50
C19 8KY G . -10.30 -30.17 4.99
C20 8KY G . -9.92 -29.36 6.04
C21 8KY G . -10.19 -27.98 5.99
C22 8KY G . -10.85 -27.44 4.89
C24 8KY G . -10.51 -32.61 3.01
C28 8KY G . -10.89 -32.49 4.46
N3 8KY G . -12.92 -27.48 0.78
N4 8KY G . -11.86 -27.69 2.76
O25 8KY G . -11.44 -32.83 2.20
CL 8KY G . -9.08 -30.12 7.44
P IMP H . -2.43 -20.73 -9.91
O1P IMP H . -2.15 -19.44 -9.16
O2P IMP H . -1.23 -21.29 -10.66
O3P IMP H . -3.59 -20.53 -10.85
O5' IMP H . -2.86 -21.78 -8.78
C5' IMP H . -3.20 -23.15 -9.07
C4' IMP H . -3.14 -23.99 -7.83
O4' IMP H . -4.20 -23.59 -6.92
C3' IMP H . -3.36 -25.50 -8.00
O3' IMP H . -2.19 -26.17 -8.43
C2' IMP H . -3.88 -25.93 -6.63
O2' IMP H . -2.81 -26.13 -5.70
C1' IMP H . -4.66 -24.69 -6.17
N9 IMP H . -6.12 -24.80 -6.37
C8 IMP H . -6.83 -25.23 -7.47
N7 IMP H . -8.16 -25.10 -7.21
C5 IMP H . -8.32 -24.58 -5.96
C6 IMP H . -9.44 -24.24 -5.20
O6 IMP H . -10.53 -24.01 -5.75
N1 IMP H . -9.25 -23.72 -3.94
C2 IMP H . -7.97 -23.55 -3.45
N3 IMP H . -6.87 -23.88 -4.21
C4 IMP H . -7.04 -24.38 -5.44
C13 8KY I . 15.67 -9.09 -24.07
O1 8KY I . 23.64 -11.47 -20.74
C2 8KY I . 17.80 -6.85 -25.07
C1 8KY I . 17.52 -7.54 -23.90
C12 8KY I . 17.79 -9.64 -25.20
C5 8KY I . 17.86 -5.57 -22.56
C18 8KY I . 21.30 -10.94 -21.00
C4 8KY I . 18.15 -4.88 -23.74
O3 8KY I . 24.18 -8.90 -21.02
O4 8KY I . 19.78 -9.78 -23.06
C17 8KY I . 20.01 -10.91 -20.45
C3 8KY I . 18.12 -5.51 -24.99
C6 8KY I . 17.53 -6.92 -22.65
C7 8KY I . 17.87 -4.90 -21.22
C8 8KY I . 17.68 -5.63 -20.13
C9 8KY I . 18.04 -3.59 -21.10
C10 8KY I . 18.81 -9.93 -22.33
C11 8KY I . 17.18 -8.98 -23.95
C19 8KY I . 22.36 -11.43 -20.25
C20 8KY I . 22.15 -11.90 -18.99
C21 8KY I . 20.87 -11.90 -18.44
C22 8KY I . 19.80 -11.40 -19.16
C24 8KY I . 24.08 -9.54 -22.10
C28 8KY I . 23.95 -11.04 -22.08
N3 8KY I . 17.59 -9.58 -22.69
N4 8KY I . 18.90 -10.45 -21.10
O25 8KY I . 24.07 -9.01 -23.23
CL 8KY I . 23.54 -12.56 -18.06
P IMP J . -3.85 22.09 3.32
O1P IMP J . -4.55 22.63 4.54
O2P IMP J . -3.52 20.61 3.21
O3P IMP J . -4.68 22.49 2.10
O5' IMP J . -2.44 22.84 3.25
C5' IMP J . -2.35 24.26 3.45
C4' IMP J . -0.92 24.71 3.66
O4' IMP J . -0.11 24.44 2.48
C3' IMP J . -0.72 26.19 3.90
O3' IMP J . -1.07 26.59 5.22
C2' IMP J . 0.77 26.40 3.54
O2' IMP J . 1.62 26.03 4.62
C1' IMP J . 0.96 25.38 2.42
N9 IMP J . 0.99 25.96 1.06
C8 IMP J . 0.24 26.97 0.49
N7 IMP J . 0.60 27.11 -0.82
C5 IMP J . 1.56 26.20 -1.11
C6 IMP J . 2.30 25.90 -2.28
O6 IMP J . 1.88 26.20 -3.42
N1 IMP J . 3.24 24.90 -2.23
C2 IMP J . 3.43 24.24 -1.06
N3 IMP J . 2.73 24.52 0.09
C4 IMP J . 1.80 25.49 0.07
C13 8KY K . 7.46 28.00 -6.36
O1 8KY K . 14.03 30.27 -0.87
C2 8KY K . 6.33 30.15 -4.00
C1 8KY K . 7.09 29.00 -4.11
C12 8KY K . 8.48 30.17 -5.85
C5 8KY K . 6.01 28.11 -2.14
C18 8KY K . 12.49 28.92 -2.21
C4 8KY K . 5.25 29.27 -2.03
O3 8KY K . 11.84 30.33 0.69
O4 8KY K . 10.18 29.61 -3.59
C17 8KY K . 12.11 27.68 -2.76
C3 8KY K . 5.41 30.30 -2.96
C6 8KY K . 6.93 27.98 -3.17
C7 8KY K . 5.84 27.03 -1.12
C8 8KY K . 6.29 25.80 -1.33
C9 8KY K . 5.25 27.34 0.02
C10 8KY K . 10.14 28.44 -3.94
C11 8KY K . 8.09 28.82 -5.25
C19 8KY K . 13.63 29.05 -1.42
C20 8KY K . 14.38 27.91 -1.18
C21 8KY K . 14.01 26.67 -1.72
C22 8KY K . 12.88 26.55 -2.51
C24 8KY K . 12.00 31.34 -0.03
C28 8KY K . 13.20 31.44 -0.97
N3 8KY K . 9.17 28.02 -4.74
N4 8KY K . 11.03 27.51 -3.57
O25 8KY K . 11.20 32.29 0.00
CL 8KY K . 15.84 28.02 -0.15
P IMP L . 13.30 5.39 -17.60
O1P IMP L . 12.68 5.02 -16.25
O2P IMP L . 14.02 6.72 -17.44
O3P IMP L . 12.22 5.33 -18.66
O5' IMP L . 14.35 4.22 -17.85
C5' IMP L . 15.25 4.25 -18.94
C4' IMP L . 16.35 3.24 -18.76
O4' IMP L . 15.79 1.90 -18.82
C3' IMP L . 17.45 3.23 -19.81
O3' IMP L . 18.41 4.23 -19.59
C2' IMP L . 18.01 1.81 -19.71
O2' IMP L . 18.93 1.74 -18.62
C1' IMP L . 16.76 1.00 -19.32
N9 IMP L . 16.15 0.25 -20.44
C8 IMP L . 15.87 0.66 -21.72
N7 IMP L . 15.22 -0.34 -22.37
C5 IMP L . 15.06 -1.38 -21.50
C6 IMP L . 14.47 -2.65 -21.63
O6 IMP L . 13.66 -2.90 -22.53
N1 IMP L . 14.48 -3.49 -20.53
C2 IMP L . 15.05 -3.09 -19.34
N3 IMP L . 15.62 -1.84 -19.22
C4 IMP L . 15.64 -1.01 -20.29
#